data_1OFH
#
_entry.id   1OFH
#
_cell.length_a   192.220
_cell.length_b   192.220
_cell.length_c   115.890
_cell.angle_alpha   90.00
_cell.angle_beta   90.00
_cell.angle_gamma   120.00
#
_symmetry.space_group_name_H-M   'P 6'
#
loop_
_entity.id
_entity.type
_entity.pdbx_description
1 polymer 'ATP-DEPENDENT HSL PROTEASE ATP-BINDING SUBUNIT HSLU'
2 polymer 'ATP-DEPENDENT PROTEASE HSLV'
3 non-polymer "ADENOSINE-5'-DIPHOSPHATE"
4 non-polymer 'MAGNESIUM ION'
5 non-polymer 'PHOSPHATE ION'
6 water water
#
loop_
_entity_poly.entity_id
_entity_poly.type
_entity_poly.pdbx_seq_one_letter_code
_entity_poly.pdbx_strand_id
1 'polypeptide(L)'
;MSEMTPREIVSELDQHIIGQADAKRAVAIALRNRWRRMQLQEPLRHEVTPKNILMIGPTGVGKTEIARRLAKLANAPFIK
VEATKFTEVGYVGKEVDSIIRDLTDSAGGAIDAVEQNGIVFIDEIDKICKKGEYSGADVSREGVQRDLLPLVEGSTVSTK
HGMVKTDHILFIASGAFQVARPSDLIPELQGRLPIRVELTALSAADFERILTEPHASLTEQYKALMATEGVNIAFTTDAV
KKIAEAAFRVNEKTENIGARRLHTVMERLMDKISFSASDMNGQTVNIDAAYVADALGEVVENEDLSRFIL
;
A,B,C
2 'polypeptide(L)'
;TTIVSVRRNGQVVVGGDGQVSLGNTVMKGNARKVRRLYNGKVLAGFAGGTADAFTLFELFERKLEMHQGHLLKSAVELAK
DWRTDRALRKLEAMLIVADEKESLIITGIGDVVQPEEDQILAIGSGGNYALSAARALVENTELSAHEIVEKSLRIAGDIC
VFTNTNFTIEELPN
;
G,H,I,L,M,N
#
# COMPACT_ATOMS: atom_id res chain seq x y z
N SER A 2 35.34 -32.32 92.91
CA SER A 2 36.50 -31.57 93.48
C SER A 2 36.24 -30.07 93.42
N GLU A 3 35.58 -29.63 92.36
CA GLU A 3 35.27 -28.22 92.18
C GLU A 3 34.43 -28.03 90.93
N MET A 4 33.74 -26.89 90.86
CA MET A 4 32.88 -26.60 89.73
C MET A 4 33.63 -26.43 88.41
N THR A 5 32.92 -26.66 87.31
CA THR A 5 33.49 -26.54 85.97
C THR A 5 33.15 -25.16 85.44
N PRO A 6 33.79 -24.74 84.36
CA PRO A 6 33.47 -23.41 83.83
C PRO A 6 31.99 -23.19 83.52
N ARG A 7 31.31 -24.24 83.09
CA ARG A 7 29.89 -24.15 82.76
C ARG A 7 29.07 -24.02 84.06
N GLU A 8 29.50 -24.72 85.09
CA GLU A 8 28.81 -24.66 86.37
C GLU A 8 29.00 -23.27 87.01
N ILE A 9 30.23 -22.77 87.00
CA ILE A 9 30.51 -21.45 87.59
C ILE A 9 29.66 -20.38 86.91
N VAL A 10 29.55 -20.40 85.58
CA VAL A 10 28.76 -19.40 84.91
C VAL A 10 27.32 -19.44 85.42
N SER A 11 26.76 -20.64 85.59
CA SER A 11 25.39 -20.80 86.10
C SER A 11 25.25 -20.28 87.51
N GLU A 12 26.30 -20.38 88.30
CA GLU A 12 26.25 -19.88 89.66
C GLU A 12 26.23 -18.35 89.59
N LEU A 13 26.98 -17.79 88.65
CA LEU A 13 27.01 -16.35 88.50
C LEU A 13 25.73 -15.82 87.89
N ASP A 14 25.10 -16.64 87.05
CA ASP A 14 23.88 -16.24 86.37
C ASP A 14 22.75 -15.98 87.37
N GLN A 15 22.88 -16.53 88.57
CA GLN A 15 21.87 -16.33 89.57
C GLN A 15 21.97 -14.97 90.23
N HIS A 16 23.08 -14.27 90.01
CA HIS A 16 23.23 -12.95 90.62
C HIS A 16 23.49 -11.88 89.62
N ILE A 17 23.96 -12.26 88.43
CA ILE A 17 24.28 -11.27 87.41
C ILE A 17 23.55 -11.51 86.11
N ILE A 18 23.07 -10.41 85.52
CA ILE A 18 22.34 -10.44 84.27
C ILE A 18 23.28 -9.98 83.16
N GLY A 19 23.27 -10.72 82.04
CA GLY A 19 24.13 -10.38 80.91
C GLY A 19 25.60 -10.61 81.22
N GLN A 20 26.47 -9.92 80.50
CA GLN A 20 27.93 -10.01 80.71
C GLN A 20 28.47 -11.42 80.62
N ALA A 21 28.02 -12.14 79.58
CA ALA A 21 28.43 -13.49 79.32
C ALA A 21 29.94 -13.58 79.19
N ASP A 22 30.52 -12.72 78.36
CA ASP A 22 31.96 -12.74 78.17
C ASP A 22 32.74 -12.61 79.48
N ALA A 23 32.40 -11.64 80.32
CA ALA A 23 33.13 -11.49 81.58
C ALA A 23 32.94 -12.71 82.48
N LYS A 24 31.73 -13.25 82.49
CA LYS A 24 31.44 -14.42 83.33
C LYS A 24 32.31 -15.59 82.87
N ARG A 25 32.30 -15.81 81.57
CA ARG A 25 33.05 -16.89 80.96
C ARG A 25 34.54 -16.76 81.31
N ALA A 26 35.09 -15.57 81.15
CA ALA A 26 36.51 -15.35 81.41
C ALA A 26 36.94 -15.64 82.85
N VAL A 27 36.14 -15.26 83.84
CA VAL A 27 36.51 -15.54 85.21
C VAL A 27 36.27 -16.99 85.60
N ALA A 28 35.37 -17.67 84.90
CA ALA A 28 35.14 -19.08 85.19
C ALA A 28 36.39 -19.83 84.76
N ILE A 29 36.92 -19.47 83.59
CA ILE A 29 38.13 -20.13 83.12
C ILE A 29 39.25 -19.88 84.13
N ALA A 30 39.35 -18.66 84.63
CA ALA A 30 40.42 -18.37 85.58
C ALA A 30 40.27 -19.17 86.86
N LEU A 31 39.07 -19.25 87.40
CA LEU A 31 38.88 -20.00 88.63
C LEU A 31 39.15 -21.49 88.40
N ARG A 32 38.72 -22.00 87.25
CA ARG A 32 38.94 -23.41 86.98
C ARG A 32 40.44 -23.74 86.88
N ASN A 33 41.25 -22.79 86.43
CA ASN A 33 42.68 -23.05 86.32
C ASN A 33 43.34 -23.18 87.68
N ARG A 34 42.70 -22.67 88.73
CA ARG A 34 43.28 -22.82 90.07
C ARG A 34 43.30 -24.32 90.24
N TRP A 35 42.14 -24.94 90.04
CA TRP A 35 41.98 -26.39 90.17
C TRP A 35 42.83 -27.21 89.19
N ARG A 36 42.93 -26.76 87.94
CA ARG A 36 43.72 -27.49 86.96
C ARG A 36 45.15 -27.65 87.45
N ARG A 37 45.86 -26.55 87.68
CA ARG A 37 47.19 -26.70 88.23
C ARG A 37 46.81 -27.18 89.61
N MET A 38 47.72 -27.72 90.39
CA MET A 38 47.37 -28.24 91.72
C MET A 38 46.99 -29.70 91.56
N GLN A 39 46.84 -30.10 90.31
CA GLN A 39 46.55 -31.47 89.91
C GLN A 39 47.84 -31.85 89.19
N LEU A 40 48.72 -30.86 89.03
CA LEU A 40 50.00 -31.02 88.38
C LEU A 40 51.08 -31.45 89.39
N GLN A 41 52.25 -31.83 88.87
CA GLN A 41 53.36 -32.27 89.71
C GLN A 41 54.38 -31.17 89.96
N GLU A 42 55.03 -31.26 91.12
CA GLU A 42 56.04 -30.30 91.58
C GLU A 42 56.64 -29.31 90.58
N PRO A 43 57.27 -29.81 89.50
CA PRO A 43 57.86 -28.89 88.51
C PRO A 43 56.90 -27.84 87.96
N LEU A 44 55.94 -28.28 87.15
CA LEU A 44 54.96 -27.40 86.55
C LEU A 44 54.05 -26.66 87.52
N ARG A 45 53.57 -27.34 88.56
CA ARG A 45 52.67 -26.73 89.54
C ARG A 45 53.05 -25.30 89.99
N HIS A 46 54.35 -24.99 89.97
CA HIS A 46 54.84 -23.69 90.39
C HIS A 46 55.09 -22.79 89.17
N GLU A 47 55.50 -23.39 88.06
CA GLU A 47 55.77 -22.64 86.85
C GLU A 47 54.52 -22.06 86.18
N VAL A 48 53.39 -22.76 86.31
CA VAL A 48 52.15 -22.29 85.72
C VAL A 48 51.52 -21.22 86.62
N THR A 49 51.29 -20.05 86.03
CA THR A 49 50.73 -18.90 86.73
C THR A 49 49.40 -18.41 86.17
N PRO A 50 48.65 -17.63 86.97
CA PRO A 50 47.35 -17.09 86.58
C PRO A 50 47.39 -16.19 85.33
N LYS A 51 46.29 -16.16 84.59
CA LYS A 51 46.17 -15.30 83.41
C LYS A 51 45.20 -14.21 83.87
N ASN A 52 45.76 -13.09 84.32
CA ASN A 52 44.99 -12.00 84.87
C ASN A 52 44.05 -11.32 83.89
N ILE A 53 43.03 -10.64 84.42
CA ILE A 53 42.02 -10.04 83.58
C ILE A 53 41.84 -8.54 83.60
N LEU A 54 41.41 -8.02 82.45
CA LEU A 54 41.11 -6.63 82.30
C LEU A 54 39.67 -6.56 81.84
N MET A 55 38.80 -6.01 82.67
CA MET A 55 37.39 -5.86 82.32
C MET A 55 37.15 -4.41 81.89
N ILE A 56 36.87 -4.17 80.62
CA ILE A 56 36.57 -2.82 80.17
C ILE A 56 35.06 -2.71 80.12
N GLY A 57 34.50 -1.63 80.67
CA GLY A 57 33.07 -1.47 80.68
C GLY A 57 32.65 -0.26 81.49
N PRO A 58 31.48 0.32 81.20
CA PRO A 58 30.86 1.48 81.85
C PRO A 58 30.61 1.33 83.35
N THR A 59 30.11 2.41 83.96
CA THR A 59 29.79 2.44 85.38
C THR A 59 28.62 1.53 85.76
N GLY A 60 28.72 0.95 86.95
CA GLY A 60 27.67 0.09 87.46
C GLY A 60 27.04 -0.93 86.53
N VAL A 61 27.84 -1.63 85.73
CA VAL A 61 27.24 -2.62 84.85
C VAL A 61 27.60 -4.02 85.25
N GLY A 62 28.24 -4.17 86.40
CA GLY A 62 28.58 -5.50 86.88
C GLY A 62 30.03 -5.93 87.11
N LYS A 63 31.00 -5.17 86.60
CA LYS A 63 32.42 -5.54 86.75
C LYS A 63 32.86 -5.95 88.15
N THR A 64 32.33 -5.33 89.19
CA THR A 64 32.73 -5.69 90.55
C THR A 64 31.92 -6.84 91.11
N GLU A 65 30.63 -6.86 90.79
CA GLU A 65 29.75 -7.93 91.28
C GLU A 65 30.25 -9.26 90.79
N ILE A 66 30.70 -9.30 89.55
CA ILE A 66 31.21 -10.54 89.01
C ILE A 66 32.42 -10.98 89.81
N ALA A 67 33.38 -10.07 89.99
CA ALA A 67 34.59 -10.41 90.74
C ALA A 67 34.24 -10.85 92.16
N ARG A 68 33.36 -10.08 92.79
CA ARG A 68 32.93 -10.33 94.16
C ARG A 68 32.18 -11.65 94.33
N ARG A 69 31.28 -11.94 93.41
CA ARG A 69 30.51 -13.17 93.48
C ARG A 69 31.41 -14.37 93.28
N LEU A 70 32.30 -14.25 92.32
CA LEU A 70 33.22 -15.32 92.02
C LEU A 70 34.03 -15.74 93.24
N ALA A 71 34.63 -14.77 93.93
CA ALA A 71 35.44 -15.05 95.12
C ALA A 71 34.55 -15.72 96.16
N LYS A 72 33.31 -15.24 96.25
CA LYS A 72 32.34 -15.80 97.18
C LYS A 72 32.08 -17.27 96.90
N LEU A 73 31.80 -17.63 95.66
CA LEU A 73 31.55 -19.03 95.34
C LEU A 73 32.80 -19.90 95.45
N ALA A 74 33.98 -19.29 95.47
CA ALA A 74 35.23 -20.04 95.60
C ALA A 74 35.83 -19.89 97.00
N ASN A 75 35.13 -19.18 97.88
CA ASN A 75 35.62 -18.94 99.23
C ASN A 75 37.09 -18.58 99.17
N ALA A 76 37.38 -17.53 98.42
CA ALA A 76 38.74 -17.07 98.24
C ALA A 76 38.90 -15.71 98.90
N PRO A 77 40.03 -15.49 99.58
CA PRO A 77 40.29 -14.21 100.23
C PRO A 77 40.14 -13.18 99.13
N PHE A 78 39.34 -12.14 99.37
CA PHE A 78 39.08 -11.15 98.33
C PHE A 78 39.37 -9.72 98.78
N ILE A 79 39.67 -8.84 97.82
CA ILE A 79 39.94 -7.44 98.15
C ILE A 79 39.79 -6.50 96.94
N LYS A 80 39.14 -5.37 97.16
CA LYS A 80 38.95 -4.40 96.09
C LYS A 80 39.67 -3.11 96.46
N VAL A 81 40.38 -2.49 95.52
CA VAL A 81 41.04 -1.22 95.80
C VAL A 81 40.98 -0.32 94.59
N GLU A 82 41.02 0.98 94.84
CA GLU A 82 40.95 1.95 93.76
C GLU A 82 42.35 2.35 93.32
N ALA A 83 42.68 2.04 92.07
CA ALA A 83 43.96 2.34 91.48
C ALA A 83 44.55 3.69 91.96
N THR A 84 43.73 4.73 91.87
CA THR A 84 44.13 6.08 92.24
C THR A 84 44.54 6.30 93.70
N LYS A 85 44.05 5.48 94.60
CA LYS A 85 44.37 5.62 96.01
C LYS A 85 45.87 5.68 96.29
N PHE A 86 46.68 5.27 95.33
CA PHE A 86 48.13 5.28 95.52
C PHE A 86 48.84 6.41 94.78
N THR A 87 48.09 7.37 94.26
CA THR A 87 48.67 8.50 93.54
C THR A 87 49.97 8.96 94.20
N GLU A 88 49.85 9.51 95.41
CA GLU A 88 51.02 9.97 96.16
C GLU A 88 51.09 9.23 97.49
N VAL A 89 52.31 9.04 97.99
CA VAL A 89 52.50 8.33 99.26
C VAL A 89 53.32 9.13 100.26
N GLY A 90 53.17 8.81 101.55
CA GLY A 90 53.90 9.49 102.59
C GLY A 90 54.13 8.61 103.81
N TYR A 91 53.37 7.52 103.90
CA TYR A 91 53.49 6.58 105.01
C TYR A 91 53.21 5.14 104.58
N VAL A 92 53.66 4.17 105.38
CA VAL A 92 53.48 2.74 105.12
C VAL A 92 52.17 2.34 104.43
N GLY A 93 51.04 2.62 105.09
CA GLY A 93 49.74 2.26 104.54
C GLY A 93 49.32 2.82 103.18
N LYS A 94 50.07 3.78 102.64
CA LYS A 94 49.74 4.35 101.34
C LYS A 94 50.61 3.77 100.23
N GLU A 95 51.13 2.58 100.45
CA GLU A 95 51.96 1.92 99.45
C GLU A 95 51.23 0.70 98.90
N VAL A 96 51.46 0.40 97.64
CA VAL A 96 50.84 -0.73 97.00
C VAL A 96 50.98 -2.02 97.82
N ASP A 97 52.15 -2.25 98.41
CA ASP A 97 52.36 -3.43 99.24
C ASP A 97 51.21 -3.62 100.22
N SER A 98 50.57 -2.52 100.62
CA SER A 98 49.47 -2.58 101.57
C SER A 98 48.29 -3.40 101.06
N ILE A 99 48.20 -3.60 99.75
CA ILE A 99 47.10 -4.38 99.18
C ILE A 99 47.15 -5.80 99.68
N ILE A 100 48.36 -6.33 99.79
CA ILE A 100 48.57 -7.70 100.25
C ILE A 100 48.38 -7.86 101.76
N ARG A 101 48.77 -6.84 102.52
CA ARG A 101 48.59 -6.90 103.97
C ARG A 101 47.10 -6.85 104.27
N ASP A 102 46.39 -5.96 103.58
CA ASP A 102 44.95 -5.80 103.75
C ASP A 102 44.22 -7.10 103.44
N LEU A 103 44.68 -7.78 102.40
CA LEU A 103 44.09 -9.05 101.96
C LEU A 103 44.37 -10.14 102.98
N THR A 104 45.58 -10.17 103.50
CA THR A 104 45.97 -11.16 104.49
C THR A 104 45.21 -10.93 105.80
N ASP A 105 44.96 -9.66 106.09
CA ASP A 105 44.25 -9.28 107.31
C ASP A 105 42.76 -9.64 107.23
N SER A 106 42.21 -9.66 106.02
CA SER A 106 40.80 -9.99 105.85
C SER A 106 40.55 -11.50 105.90
N ALA A 107 41.62 -12.29 105.90
CA ALA A 107 41.48 -13.74 105.94
C ALA A 107 42.04 -14.28 107.25
N GLY A 108 42.27 -13.39 108.21
CA GLY A 108 42.79 -13.79 109.50
C GLY A 108 44.20 -14.38 109.44
N GLY A 109 45.01 -13.92 108.50
CA GLY A 109 46.37 -14.41 108.39
C GLY A 109 46.59 -15.74 107.69
N ALA A 110 45.53 -16.38 107.22
CA ALA A 110 45.65 -17.66 106.53
C ALA A 110 46.55 -17.49 105.29
N ILE A 111 47.85 -17.67 105.48
CA ILE A 111 48.79 -17.51 104.39
C ILE A 111 48.62 -18.48 103.24
N ASP A 112 48.40 -19.75 103.52
CA ASP A 112 48.21 -20.71 102.42
C ASP A 112 47.01 -20.29 101.56
N ALA A 113 45.96 -19.83 102.22
CA ALA A 113 44.73 -19.39 101.55
C ALA A 113 44.97 -18.23 100.56
N VAL A 114 45.61 -17.19 101.07
CA VAL A 114 45.90 -16.00 100.28
C VAL A 114 46.75 -16.33 99.06
N GLU A 115 47.83 -17.07 99.27
CA GLU A 115 48.73 -17.43 98.17
C GLU A 115 48.09 -18.31 97.13
N GLN A 116 47.39 -19.34 97.60
CA GLN A 116 46.74 -20.29 96.71
C GLN A 116 45.64 -19.68 95.84
N ASN A 117 44.73 -18.93 96.46
CA ASN A 117 43.64 -18.37 95.68
C ASN A 117 43.10 -17.01 96.08
N GLY A 118 43.98 -16.10 96.46
CA GLY A 118 43.52 -14.78 96.80
C GLY A 118 43.18 -14.08 95.49
N ILE A 119 42.27 -13.12 95.56
CA ILE A 119 41.87 -12.39 94.39
C ILE A 119 41.96 -10.90 94.71
N VAL A 120 42.51 -10.13 93.78
CA VAL A 120 42.65 -8.70 93.98
C VAL A 120 42.02 -8.00 92.81
N PHE A 121 41.07 -7.13 93.11
CA PHE A 121 40.37 -6.36 92.09
C PHE A 121 40.88 -4.93 92.15
N ILE A 122 41.61 -4.53 91.12
CA ILE A 122 42.16 -3.19 91.01
C ILE A 122 41.19 -2.35 90.17
N ASP A 123 40.27 -1.64 90.84
CA ASP A 123 39.29 -0.81 90.17
C ASP A 123 39.91 0.44 89.57
N GLU A 124 39.25 0.97 88.53
CA GLU A 124 39.67 2.18 87.84
C GLU A 124 41.15 2.35 87.53
N ILE A 125 41.72 1.35 86.85
CA ILE A 125 43.13 1.37 86.49
C ILE A 125 43.34 2.31 85.30
N ASP A 126 42.26 2.62 84.59
CA ASP A 126 42.32 3.54 83.46
C ASP A 126 42.58 4.99 83.97
N LYS A 127 42.43 5.20 85.27
CA LYS A 127 42.65 6.50 85.87
C LYS A 127 44.13 6.81 86.07
N ILE A 128 44.96 5.77 86.20
CA ILE A 128 46.41 5.98 86.36
C ILE A 128 47.17 5.91 85.03
N CYS A 129 46.56 6.42 83.96
CA CYS A 129 47.22 6.44 82.66
C CYS A 129 47.66 7.85 82.33
N LYS A 130 47.58 8.20 81.04
CA LYS A 130 47.96 9.53 80.58
C LYS A 130 46.81 10.07 79.73
N LYS A 131 45.78 10.57 80.40
CA LYS A 131 44.59 11.10 79.75
C LYS A 131 44.42 12.60 79.94
N GLY A 132 43.82 13.25 78.94
CA GLY A 132 43.60 14.68 79.02
C GLY A 132 44.87 15.49 79.18
N GLU A 133 44.77 16.80 78.96
CA GLU A 133 45.92 17.68 79.09
C GLU A 133 46.10 18.17 80.52
N TYR A 134 45.03 18.11 81.30
CA TYR A 134 45.04 18.53 82.69
C TYR A 134 45.88 17.58 83.56
N SER A 135 46.84 16.91 82.93
CA SER A 135 47.71 15.97 83.62
C SER A 135 48.79 16.69 84.42
N GLY A 136 48.46 17.03 85.67
CA GLY A 136 49.43 17.70 86.52
C GLY A 136 50.56 16.77 86.90
N ALA A 137 50.28 15.85 87.81
CA ALA A 137 51.28 14.88 88.27
C ALA A 137 51.11 13.56 87.52
N ASP A 138 51.66 13.50 86.31
CA ASP A 138 51.56 12.30 85.49
C ASP A 138 52.58 11.26 85.92
N VAL A 139 53.74 11.72 86.37
CA VAL A 139 54.79 10.81 86.84
C VAL A 139 54.20 9.97 87.96
N SER A 140 53.27 10.57 88.70
CA SER A 140 52.60 9.92 89.81
C SER A 140 51.79 8.69 89.36
N ARG A 141 50.97 8.87 88.33
CA ARG A 141 50.14 7.80 87.79
C ARG A 141 50.99 6.71 87.13
N GLU A 142 51.99 7.12 86.37
CA GLU A 142 52.88 6.16 85.73
C GLU A 142 53.50 5.40 86.88
N GLY A 143 53.77 6.13 87.95
CA GLY A 143 54.39 5.56 89.13
C GLY A 143 53.65 4.41 89.79
N VAL A 144 52.34 4.54 89.99
CA VAL A 144 51.60 3.46 90.62
C VAL A 144 51.59 2.25 89.68
N GLN A 145 51.64 2.48 88.37
CA GLN A 145 51.68 1.35 87.44
C GLN A 145 52.95 0.60 87.75
N ARG A 146 54.01 1.36 88.00
CA ARG A 146 55.31 0.80 88.33
C ARG A 146 55.22 0.05 89.65
N ASP A 147 54.45 0.58 90.57
CA ASP A 147 54.31 -0.05 91.89
C ASP A 147 53.52 -1.36 91.86
N LEU A 148 52.63 -1.50 90.89
CA LEU A 148 51.83 -2.72 90.80
C LEU A 148 52.63 -3.86 90.18
N LEU A 149 53.51 -3.50 89.25
CA LEU A 149 54.32 -4.50 88.58
C LEU A 149 54.85 -5.58 89.51
N PRO A 150 55.58 -5.18 90.56
CA PRO A 150 56.14 -6.16 91.51
C PRO A 150 55.12 -7.21 91.92
N LEU A 151 53.92 -6.74 92.27
CA LEU A 151 52.83 -7.60 92.71
C LEU A 151 52.34 -8.55 91.63
N VAL A 152 52.06 -8.01 90.45
CA VAL A 152 51.53 -8.81 89.34
C VAL A 152 52.57 -9.72 88.70
N GLU A 153 53.84 -9.34 88.79
CA GLU A 153 54.93 -10.11 88.21
C GLU A 153 55.36 -11.23 89.15
N GLY A 154 55.05 -11.09 90.44
CA GLY A 154 55.43 -12.11 91.40
C GLY A 154 56.53 -11.69 92.36
N SER A 155 56.16 -11.48 93.62
CA SER A 155 57.11 -11.08 94.65
C SER A 155 56.62 -11.48 96.05
N THR A 156 57.37 -11.07 97.07
CA THR A 156 57.02 -11.39 98.44
C THR A 156 56.81 -10.13 99.27
N VAL A 157 55.73 -10.07 100.04
CA VAL A 157 55.53 -8.92 100.88
C VAL A 157 55.42 -9.39 102.32
N SER A 158 55.94 -8.57 103.22
CA SER A 158 55.94 -8.85 104.65
C SER A 158 54.68 -8.36 105.33
N THR A 159 54.01 -9.24 106.07
CA THR A 159 52.82 -8.84 106.81
C THR A 159 53.08 -9.27 108.25
N LYS A 160 52.35 -8.69 109.19
CA LYS A 160 52.51 -9.03 110.59
C LYS A 160 52.18 -10.50 110.85
N HIS A 161 51.69 -11.19 109.82
CA HIS A 161 51.32 -12.60 109.91
C HIS A 161 52.43 -13.47 109.33
N GLY A 162 53.35 -12.83 108.62
CA GLY A 162 54.44 -13.55 108.00
C GLY A 162 54.61 -13.16 106.53
N MET A 163 55.56 -13.79 105.85
CA MET A 163 55.83 -13.50 104.45
C MET A 163 54.79 -14.14 103.55
N VAL A 164 54.40 -13.44 102.48
CA VAL A 164 53.42 -13.97 101.54
C VAL A 164 53.80 -13.69 100.07
N LYS A 165 53.81 -14.75 99.26
CA LYS A 165 54.15 -14.64 97.83
C LYS A 165 52.92 -14.24 97.02
N THR A 166 53.13 -13.49 95.95
CA THR A 166 52.00 -13.04 95.13
C THR A 166 52.01 -13.74 93.78
N ASP A 167 52.83 -14.77 93.66
CA ASP A 167 52.95 -15.50 92.40
C ASP A 167 51.67 -16.15 91.87
N HIS A 168 50.76 -16.52 92.76
CA HIS A 168 49.56 -17.19 92.28
C HIS A 168 48.26 -16.52 92.60
N ILE A 169 48.33 -15.29 93.08
CA ILE A 169 47.13 -14.55 93.39
C ILE A 169 46.59 -14.11 92.04
N LEU A 170 45.28 -14.21 91.86
CA LEU A 170 44.65 -13.80 90.61
C LEU A 170 44.35 -12.29 90.66
N PHE A 171 44.70 -11.58 89.59
CA PHE A 171 44.45 -10.14 89.54
C PHE A 171 43.46 -9.78 88.45
N ILE A 172 42.46 -9.00 88.84
CA ILE A 172 41.43 -8.52 87.92
C ILE A 172 41.42 -6.98 87.98
N ALA A 173 41.67 -6.33 86.86
CA ALA A 173 41.67 -4.87 86.80
C ALA A 173 40.45 -4.40 85.99
N SER A 174 40.06 -3.13 86.14
CA SER A 174 38.90 -2.63 85.40
C SER A 174 38.99 -1.19 84.94
N GLY A 175 38.09 -0.82 84.03
CA GLY A 175 38.07 0.54 83.54
C GLY A 175 37.01 0.74 82.47
N ALA A 176 36.69 2.00 82.20
CA ALA A 176 35.72 2.34 81.18
C ALA A 176 36.56 2.68 79.97
N PHE A 177 37.76 3.18 80.24
CA PHE A 177 38.69 3.55 79.18
C PHE A 177 38.00 4.36 78.10
N GLN A 178 37.29 5.41 78.49
CA GLN A 178 36.58 6.24 77.51
C GLN A 178 37.52 7.19 76.77
N VAL A 179 38.60 7.59 77.42
CA VAL A 179 39.57 8.47 76.80
C VAL A 179 40.88 7.72 76.58
N ALA A 180 41.28 6.91 77.57
CA ALA A 180 42.49 6.13 77.46
C ALA A 180 42.18 4.76 76.88
N ARG A 181 43.20 4.08 76.39
CA ARG A 181 43.05 2.74 75.84
C ARG A 181 43.88 1.79 76.69
N PRO A 182 43.64 0.48 76.59
CA PRO A 182 44.47 -0.38 77.43
C PRO A 182 45.92 -0.34 76.96
N SER A 183 46.13 -0.08 75.68
CA SER A 183 47.48 -0.02 75.14
C SER A 183 48.30 1.11 75.77
N ASP A 184 47.64 1.99 76.51
CA ASP A 184 48.30 3.11 77.18
C ASP A 184 49.02 2.67 78.44
N LEU A 185 48.64 1.52 79.00
CA LEU A 185 49.31 1.04 80.19
C LEU A 185 50.77 0.78 79.81
N ILE A 186 51.63 0.52 80.79
CA ILE A 186 53.02 0.26 80.48
C ILE A 186 53.18 -1.18 80.03
N PRO A 187 54.03 -1.42 79.01
CA PRO A 187 54.30 -2.73 78.44
C PRO A 187 54.29 -3.89 79.43
N GLU A 188 55.03 -3.75 80.52
CA GLU A 188 55.10 -4.80 81.54
C GLU A 188 53.72 -5.18 82.11
N LEU A 189 52.89 -4.17 82.34
CA LEU A 189 51.57 -4.39 82.90
C LEU A 189 50.66 -4.95 81.82
N GLN A 190 50.77 -4.38 80.64
CA GLN A 190 50.00 -4.80 79.49
C GLN A 190 50.18 -6.30 79.26
N GLY A 191 51.43 -6.77 79.33
CA GLY A 191 51.68 -8.19 79.11
C GLY A 191 51.22 -9.09 80.24
N ARG A 192 50.95 -8.53 81.41
CA ARG A 192 50.52 -9.31 82.56
C ARG A 192 49.00 -9.35 82.71
N LEU A 193 48.30 -8.68 81.80
CA LEU A 193 46.84 -8.66 81.79
C LEU A 193 46.48 -9.20 80.42
N PRO A 194 46.79 -10.49 80.18
CA PRO A 194 46.57 -11.28 78.96
C PRO A 194 45.16 -11.17 78.40
N ILE A 195 44.21 -11.43 79.28
CA ILE A 195 42.81 -11.44 78.92
C ILE A 195 42.07 -10.10 79.09
N ARG A 196 41.41 -9.67 78.02
CA ARG A 196 40.63 -8.44 78.04
C ARG A 196 39.19 -8.78 77.70
N VAL A 197 38.28 -8.54 78.63
CA VAL A 197 36.88 -8.84 78.37
C VAL A 197 36.14 -7.52 78.36
N GLU A 198 35.12 -7.43 77.52
CA GLU A 198 34.31 -6.23 77.42
C GLU A 198 32.96 -6.46 78.10
N LEU A 199 32.49 -5.47 78.86
CA LEU A 199 31.18 -5.57 79.50
C LEU A 199 30.32 -4.47 78.92
N THR A 200 29.11 -4.79 78.51
CA THR A 200 28.28 -3.77 77.90
C THR A 200 27.34 -2.99 78.82
N ALA A 201 26.87 -1.87 78.30
CA ALA A 201 25.94 -1.01 79.02
C ALA A 201 24.66 -1.81 79.23
N LEU A 202 23.82 -1.38 80.15
CA LEU A 202 22.56 -2.07 80.41
C LEU A 202 21.37 -1.34 79.82
N SER A 203 20.51 -2.09 79.13
CA SER A 203 19.30 -1.52 78.53
C SER A 203 18.13 -1.62 79.52
N ALA A 204 16.99 -1.07 79.15
CA ALA A 204 15.81 -1.11 80.02
C ALA A 204 15.36 -2.57 80.18
N ALA A 205 15.42 -3.33 79.10
CA ALA A 205 15.06 -4.75 79.13
C ALA A 205 15.87 -5.51 80.19
N ASP A 206 17.15 -5.17 80.32
CA ASP A 206 18.02 -5.79 81.31
C ASP A 206 17.64 -5.28 82.70
N PHE A 207 17.32 -3.99 82.78
CA PHE A 207 16.93 -3.39 84.04
C PHE A 207 15.77 -4.17 84.62
N GLU A 208 14.74 -4.39 83.79
CA GLU A 208 13.57 -5.15 84.18
C GLU A 208 13.92 -6.50 84.77
N ARG A 209 14.94 -7.15 84.23
CA ARG A 209 15.32 -8.47 84.72
C ARG A 209 16.15 -8.36 85.99
N ILE A 210 16.92 -7.30 86.13
CA ILE A 210 17.73 -7.17 87.35
C ILE A 210 16.80 -6.97 88.53
N LEU A 211 15.67 -6.32 88.27
CA LEU A 211 14.66 -6.03 89.29
C LEU A 211 14.07 -7.28 89.97
N THR A 212 13.88 -8.37 89.23
CA THR A 212 13.26 -9.58 89.79
C THR A 212 14.01 -10.92 89.75
N GLU A 213 14.68 -11.20 88.63
CA GLU A 213 15.36 -12.48 88.45
C GLU A 213 16.45 -12.87 89.44
N PRO A 214 17.45 -12.00 89.64
CA PRO A 214 18.54 -12.30 90.57
C PRO A 214 18.10 -12.70 91.97
N HIS A 215 18.88 -13.56 92.62
CA HIS A 215 18.57 -13.95 93.98
C HIS A 215 18.67 -12.69 94.82
N ALA A 216 17.67 -12.46 95.65
CA ALA A 216 17.64 -11.27 96.52
C ALA A 216 17.67 -9.98 95.71
N SER A 217 16.75 -9.88 94.75
CA SER A 217 16.65 -8.69 93.91
C SER A 217 15.97 -7.59 94.73
N LEU A 218 15.96 -6.37 94.21
CA LEU A 218 15.35 -5.27 94.93
C LEU A 218 13.87 -5.55 95.22
N THR A 219 13.15 -6.12 94.26
CA THR A 219 11.74 -6.42 94.45
C THR A 219 11.57 -7.48 95.55
N GLU A 220 12.46 -8.46 95.59
CA GLU A 220 12.38 -9.49 96.61
C GLU A 220 12.74 -8.90 97.99
N GLN A 221 13.68 -7.96 98.01
CA GLN A 221 14.09 -7.33 99.28
C GLN A 221 12.98 -6.52 99.91
N TYR A 222 12.34 -5.67 99.11
CA TYR A 222 11.25 -4.86 99.62
C TYR A 222 10.04 -5.69 100.01
N LYS A 223 9.81 -6.80 99.32
CA LYS A 223 8.72 -7.68 99.68
C LYS A 223 8.97 -8.22 101.08
N ALA A 224 10.20 -8.68 101.33
CA ALA A 224 10.54 -9.22 102.63
C ALA A 224 10.60 -8.13 103.71
N LEU A 225 11.04 -6.94 103.35
CA LEU A 225 11.11 -5.87 104.34
C LEU A 225 9.71 -5.51 104.83
N MET A 226 8.79 -5.29 103.88
CA MET A 226 7.44 -4.95 104.27
C MET A 226 6.74 -6.09 105.01
N ALA A 227 7.02 -7.33 104.60
CA ALA A 227 6.40 -8.51 105.23
C ALA A 227 6.71 -8.48 106.73
N THR A 228 7.84 -7.89 107.08
CA THR A 228 8.27 -7.74 108.47
C THR A 228 7.25 -6.90 109.27
N GLU A 229 6.69 -5.89 108.63
CA GLU A 229 5.72 -5.00 109.25
C GLU A 229 4.31 -5.54 109.08
N GLY A 230 4.20 -6.77 108.60
CA GLY A 230 2.89 -7.40 108.40
C GLY A 230 2.15 -6.92 107.16
N VAL A 231 2.89 -6.34 106.22
CA VAL A 231 2.30 -5.87 104.99
C VAL A 231 2.70 -6.82 103.86
N ASN A 232 1.77 -7.05 102.94
CA ASN A 232 2.04 -7.95 101.81
C ASN A 232 1.99 -7.15 100.52
N ILE A 233 3.15 -7.04 99.87
CA ILE A 233 3.27 -6.27 98.63
C ILE A 233 3.53 -7.16 97.42
N ALA A 234 3.14 -6.67 96.25
CA ALA A 234 3.32 -7.41 95.02
C ALA A 234 3.51 -6.48 93.84
N PHE A 235 4.57 -6.70 93.07
CA PHE A 235 4.82 -5.87 91.91
C PHE A 235 4.25 -6.54 90.68
N THR A 236 3.52 -5.79 89.87
CA THR A 236 2.97 -6.32 88.66
C THR A 236 4.06 -6.18 87.58
N THR A 237 3.90 -6.92 86.49
CA THR A 237 4.85 -6.89 85.39
C THR A 237 4.95 -5.47 84.85
N ASP A 238 3.81 -4.82 84.70
CA ASP A 238 3.76 -3.44 84.19
C ASP A 238 4.52 -2.49 85.12
N ALA A 239 4.34 -2.66 86.43
CA ALA A 239 5.01 -1.81 87.41
C ALA A 239 6.53 -1.91 87.25
N VAL A 240 7.04 -3.14 87.23
CA VAL A 240 8.47 -3.37 87.07
C VAL A 240 8.98 -2.67 85.82
N LYS A 241 8.23 -2.80 84.73
CA LYS A 241 8.61 -2.20 83.46
C LYS A 241 8.73 -0.69 83.52
N LYS A 242 7.87 -0.03 84.29
CA LYS A 242 7.96 1.44 84.39
C LYS A 242 9.14 1.87 85.28
N ILE A 243 9.38 1.12 86.34
CA ILE A 243 10.50 1.41 87.20
C ILE A 243 11.78 1.33 86.37
N ALA A 244 11.88 0.30 85.51
CA ALA A 244 13.08 0.16 84.68
C ALA A 244 13.20 1.26 83.62
N GLU A 245 12.08 1.66 83.03
CA GLU A 245 12.11 2.72 82.03
C GLU A 245 12.57 4.04 82.66
N ALA A 246 12.00 4.35 83.82
CA ALA A 246 12.36 5.59 84.50
C ALA A 246 13.87 5.59 84.79
N ALA A 247 14.38 4.51 85.38
CA ALA A 247 15.81 4.38 85.70
C ALA A 247 16.71 4.58 84.47
N PHE A 248 16.39 3.88 83.39
CA PHE A 248 17.15 3.96 82.15
C PHE A 248 16.98 5.35 81.57
N ARG A 249 15.84 5.97 81.86
CA ARG A 249 15.55 7.29 81.33
C ARG A 249 16.42 8.39 81.90
N VAL A 250 16.55 8.44 83.23
CA VAL A 250 17.35 9.48 83.88
C VAL A 250 18.86 9.21 83.75
N ASN A 251 19.25 7.95 83.60
CA ASN A 251 20.68 7.66 83.43
C ASN A 251 21.06 8.24 82.07
N GLU A 252 20.10 8.26 81.15
CA GLU A 252 20.32 8.75 79.81
C GLU A 252 20.27 10.26 79.64
N LYS A 253 19.36 10.93 80.35
CA LYS A 253 19.25 12.39 80.21
C LYS A 253 20.18 13.16 81.13
N THR A 254 20.58 12.57 82.26
CA THR A 254 21.49 13.23 83.18
C THR A 254 22.81 12.46 83.35
N GLU A 255 23.11 12.03 84.57
CA GLU A 255 24.33 11.28 84.84
C GLU A 255 24.02 9.79 84.81
N ASN A 256 24.82 9.04 84.07
CA ASN A 256 24.59 7.61 83.97
C ASN A 256 25.31 6.79 85.03
N ILE A 257 24.61 6.28 86.03
CA ILE A 257 25.29 5.48 87.04
C ILE A 257 25.03 3.95 86.94
N GLY A 258 24.51 3.50 85.81
CA GLY A 258 24.24 2.09 85.64
C GLY A 258 23.10 1.56 86.52
N ALA A 259 23.16 0.28 86.86
CA ALA A 259 22.14 -0.38 87.66
C ALA A 259 21.91 0.21 89.05
N ARG A 260 22.77 1.13 89.46
CA ARG A 260 22.63 1.77 90.77
C ARG A 260 21.40 2.66 90.74
N ARG A 261 21.12 3.20 89.56
CA ARG A 261 19.97 4.04 89.37
C ARG A 261 18.69 3.33 89.84
N LEU A 262 18.64 2.00 89.72
CA LEU A 262 17.45 1.26 90.14
C LEU A 262 17.22 1.49 91.63
N HIS A 263 18.30 1.51 92.40
CA HIS A 263 18.19 1.72 93.84
C HIS A 263 17.62 3.12 94.11
N THR A 264 18.10 4.10 93.36
CA THR A 264 17.63 5.48 93.55
C THR A 264 16.14 5.60 93.28
N VAL A 265 15.70 5.01 92.17
CA VAL A 265 14.30 5.03 91.80
C VAL A 265 13.40 4.24 92.76
N MET A 266 13.80 3.03 93.15
CA MET A 266 12.97 2.25 94.06
C MET A 266 12.71 3.00 95.35
N GLU A 267 13.76 3.64 95.86
CA GLU A 267 13.66 4.37 97.10
C GLU A 267 12.67 5.53 96.99
N ARG A 268 12.71 6.18 95.85
CA ARG A 268 11.83 7.30 95.55
C ARG A 268 10.41 6.75 95.41
N LEU A 269 10.30 5.47 95.05
CA LEU A 269 9.01 4.81 94.87
C LEU A 269 8.42 4.23 96.15
N MET A 270 9.27 3.57 96.94
CA MET A 270 8.83 2.94 98.19
C MET A 270 8.85 3.91 99.36
N ASP A 271 8.98 5.18 99.05
CA ASP A 271 9.02 6.26 100.04
C ASP A 271 7.85 6.19 101.03
N LYS A 272 6.63 6.28 100.52
CA LYS A 272 5.42 6.28 101.32
C LYS A 272 5.15 5.01 102.12
N ILE A 273 5.15 3.87 101.44
CA ILE A 273 4.86 2.62 102.15
C ILE A 273 5.87 2.33 103.24
N SER A 274 7.14 2.64 102.96
CA SER A 274 8.19 2.41 103.95
C SER A 274 7.90 3.19 105.23
N PHE A 275 7.27 4.35 105.11
CA PHE A 275 6.95 5.11 106.30
C PHE A 275 5.68 4.60 107.00
N SER A 276 4.62 4.33 106.23
CA SER A 276 3.36 3.90 106.84
C SER A 276 3.14 2.42 107.05
N ALA A 277 4.13 1.59 106.73
CA ALA A 277 4.02 0.14 106.86
C ALA A 277 3.53 -0.35 108.23
N SER A 278 3.99 0.31 109.30
CA SER A 278 3.61 -0.07 110.66
C SER A 278 2.13 0.17 110.95
N ASP A 279 1.54 1.10 110.22
CA ASP A 279 0.14 1.44 110.41
C ASP A 279 -0.78 0.69 109.45
N MET A 280 -0.19 -0.18 108.62
CA MET A 280 -0.96 -0.93 107.62
C MET A 280 -0.93 -2.45 107.80
N ASN A 281 -0.59 -2.92 108.99
CA ASN A 281 -0.51 -4.37 109.21
C ASN A 281 -1.77 -5.13 108.77
N GLY A 282 -1.55 -6.32 108.21
CA GLY A 282 -2.65 -7.16 107.77
C GLY A 282 -3.06 -6.88 106.33
N GLN A 283 -2.78 -5.68 105.87
CA GLN A 283 -3.14 -5.27 104.52
C GLN A 283 -2.19 -5.83 103.47
N THR A 284 -2.56 -5.65 102.21
CA THR A 284 -1.74 -6.10 101.10
C THR A 284 -1.73 -4.94 100.12
N VAL A 285 -0.55 -4.59 99.63
CA VAL A 285 -0.44 -3.49 98.72
C VAL A 285 -0.07 -3.97 97.32
N ASN A 286 -0.75 -3.44 96.32
CA ASN A 286 -0.48 -3.80 94.95
C ASN A 286 0.18 -2.67 94.18
N ILE A 287 1.46 -2.85 93.89
CA ILE A 287 2.19 -1.86 93.15
C ILE A 287 2.08 -2.16 91.67
N ASP A 288 1.20 -1.41 91.04
CA ASP A 288 0.92 -1.52 89.63
C ASP A 288 1.35 -0.27 88.88
N ALA A 289 1.08 -0.24 87.58
CA ALA A 289 1.44 0.87 86.73
C ALA A 289 1.07 2.22 87.33
N ALA A 290 -0.21 2.39 87.67
CA ALA A 290 -0.68 3.66 88.24
C ALA A 290 0.08 4.06 89.52
N TYR A 291 0.23 3.13 90.44
CA TYR A 291 0.95 3.41 91.67
C TYR A 291 2.36 3.97 91.33
N VAL A 292 3.03 3.36 90.37
CA VAL A 292 4.36 3.82 89.94
C VAL A 292 4.36 5.19 89.25
N ALA A 293 3.39 5.45 88.39
CA ALA A 293 3.37 6.74 87.70
C ALA A 293 3.10 7.89 88.67
N ASP A 294 2.44 7.61 89.78
CA ASP A 294 2.14 8.63 90.76
C ASP A 294 3.35 8.87 91.63
N ALA A 295 3.89 7.78 92.17
CA ALA A 295 5.06 7.82 93.05
C ALA A 295 6.27 8.47 92.36
N LEU A 296 6.55 8.05 91.12
CA LEU A 296 7.69 8.59 90.39
C LEU A 296 7.39 9.88 89.65
N GLY A 297 6.61 10.75 90.28
CA GLY A 297 6.27 12.05 89.68
C GLY A 297 6.44 12.18 88.18
N GLU A 298 6.99 13.32 87.75
CA GLU A 298 7.18 13.57 86.32
C GLU A 298 8.55 14.17 85.99
N VAL A 299 9.21 13.60 84.98
CA VAL A 299 10.52 14.04 84.51
C VAL A 299 11.42 14.67 85.58
N VAL A 300 12.44 13.91 86.00
CA VAL A 300 13.40 14.33 87.03
C VAL A 300 13.34 15.80 87.44
N GLU A 301 14.12 16.64 86.77
CA GLU A 301 14.15 18.06 87.12
C GLU A 301 14.83 18.94 86.06
N ASN A 302 14.02 19.59 85.25
CA ASN A 302 14.50 20.47 84.18
C ASN A 302 15.44 19.82 83.19
N GLU A 303 16.33 20.65 82.64
CA GLU A 303 17.32 20.24 81.65
C GLU A 303 18.09 21.50 81.31
N ASP A 304 17.88 22.54 82.13
CA ASP A 304 18.52 23.84 81.96
C ASP A 304 19.99 23.71 81.63
N LEU A 305 20.54 24.71 80.95
CA LEU A 305 21.94 24.69 80.57
C LEU A 305 22.25 25.84 79.62
N SER A 306 21.19 26.43 79.07
CA SER A 306 21.31 27.54 78.15
C SER A 306 21.67 28.83 78.92
N ARG A 307 21.76 28.70 80.24
CA ARG A 307 22.09 29.84 81.06
C ARG A 307 23.51 30.31 80.77
N PHE A 308 24.34 29.40 80.25
CA PHE A 308 25.73 29.70 79.95
C PHE A 308 25.99 29.98 78.47
N ILE A 309 24.97 29.75 77.65
CA ILE A 309 25.07 29.94 76.21
C ILE A 309 24.72 31.35 75.78
N LEU A 310 25.37 31.79 74.70
CA LEU A 310 25.11 33.11 74.17
C LEU A 310 24.12 32.98 73.02
N SER B 2 -41.04 42.31 -57.49
CA SER B 2 -40.20 42.10 -56.28
C SER B 2 -39.85 40.63 -56.09
N GLU B 3 -39.69 40.21 -54.84
CA GLU B 3 -39.34 38.83 -54.53
C GLU B 3 -40.56 38.08 -53.97
N MET B 4 -40.42 36.77 -53.82
CA MET B 4 -41.49 35.94 -53.33
C MET B 4 -41.72 36.03 -51.81
N THR B 5 -42.94 35.75 -51.40
CA THR B 5 -43.30 35.76 -49.98
C THR B 5 -42.97 34.37 -49.45
N PRO B 6 -42.86 34.21 -48.13
CA PRO B 6 -42.54 32.87 -47.61
C PRO B 6 -43.36 31.74 -48.22
N ARG B 7 -44.66 31.93 -48.34
CA ARG B 7 -45.57 30.93 -48.89
C ARG B 7 -45.32 30.65 -50.37
N GLU B 8 -44.92 31.67 -51.12
CA GLU B 8 -44.63 31.46 -52.54
C GLU B 8 -43.34 30.65 -52.69
N ILE B 9 -42.35 30.98 -51.85
CA ILE B 9 -41.08 30.28 -51.86
C ILE B 9 -41.35 28.82 -51.50
N VAL B 10 -42.20 28.60 -50.49
CA VAL B 10 -42.51 27.23 -50.11
C VAL B 10 -43.27 26.45 -51.21
N SER B 11 -44.02 27.15 -52.05
CA SER B 11 -44.74 26.49 -53.12
C SER B 11 -43.80 26.15 -54.26
N GLU B 12 -42.76 26.94 -54.40
CA GLU B 12 -41.77 26.71 -55.44
C GLU B 12 -41.05 25.41 -55.09
N LEU B 13 -40.66 25.30 -53.81
CA LEU B 13 -39.95 24.12 -53.33
C LEU B 13 -40.81 22.85 -53.35
N ASP B 14 -42.11 23.00 -53.11
CA ASP B 14 -43.04 21.85 -53.12
C ASP B 14 -43.09 21.17 -54.50
N GLN B 15 -42.72 21.91 -55.53
CA GLN B 15 -42.71 21.37 -56.86
C GLN B 15 -41.51 20.45 -57.03
N HIS B 16 -40.59 20.44 -56.06
CA HIS B 16 -39.41 19.60 -56.22
C HIS B 16 -39.10 18.70 -55.08
N ILE B 17 -39.50 19.09 -53.88
CA ILE B 17 -39.24 18.30 -52.69
C ILE B 17 -40.54 17.86 -52.08
N ILE B 18 -40.55 16.64 -51.58
CA ILE B 18 -41.72 16.07 -50.95
C ILE B 18 -41.41 16.09 -49.47
N GLY B 19 -42.40 16.45 -48.65
CA GLY B 19 -42.19 16.51 -47.20
C GLY B 19 -41.23 17.62 -46.78
N GLN B 20 -40.59 17.42 -45.63
CA GLN B 20 -39.60 18.36 -45.07
C GLN B 20 -40.12 19.81 -44.97
N ALA B 21 -41.33 19.91 -44.44
CA ALA B 21 -42.03 21.18 -44.22
C ALA B 21 -41.28 22.16 -43.32
N ASP B 22 -40.75 21.70 -42.21
CA ASP B 22 -39.99 22.60 -41.33
C ASP B 22 -38.80 23.23 -42.04
N ALA B 23 -38.01 22.41 -42.76
CA ALA B 23 -36.87 22.90 -43.49
C ALA B 23 -37.27 23.96 -44.52
N LYS B 24 -38.28 23.65 -45.34
CA LYS B 24 -38.77 24.59 -46.35
C LYS B 24 -39.15 25.95 -45.75
N ARG B 25 -39.72 25.89 -44.55
CA ARG B 25 -40.15 27.10 -43.81
C ARG B 25 -38.93 27.93 -43.36
N ALA B 26 -37.94 27.24 -42.81
CA ALA B 26 -36.74 27.89 -42.33
C ALA B 26 -35.99 28.62 -43.44
N VAL B 27 -35.84 28.01 -44.61
CA VAL B 27 -35.09 28.64 -45.68
C VAL B 27 -35.88 29.75 -46.37
N ALA B 28 -37.19 29.64 -46.31
CA ALA B 28 -38.07 30.62 -46.93
C ALA B 28 -37.93 31.93 -46.15
N ILE B 29 -37.96 31.82 -44.83
CA ILE B 29 -37.80 32.98 -43.97
C ILE B 29 -36.41 33.60 -44.24
N ALA B 30 -35.38 32.77 -44.33
CA ALA B 30 -34.04 33.30 -44.58
C ALA B 30 -33.98 34.06 -45.89
N LEU B 31 -34.63 33.55 -46.91
CA LEU B 31 -34.60 34.22 -48.20
C LEU B 31 -35.46 35.48 -48.19
N ARG B 32 -36.60 35.41 -47.52
CA ARG B 32 -37.46 36.59 -47.43
C ARG B 32 -36.73 37.71 -46.68
N ASN B 33 -35.91 37.35 -45.69
CA ASN B 33 -35.15 38.36 -44.93
C ASN B 33 -34.16 39.16 -45.78
N ARG B 34 -33.70 38.61 -46.90
CA ARG B 34 -32.80 39.36 -47.78
C ARG B 34 -33.63 40.52 -48.29
N TRP B 35 -34.83 40.21 -48.74
CA TRP B 35 -35.76 41.21 -49.27
C TRP B 35 -36.12 42.28 -48.24
N ARG B 36 -36.43 41.85 -47.01
CA ARG B 36 -36.79 42.78 -45.96
C ARG B 36 -35.69 43.82 -45.66
N ARG B 37 -34.47 43.37 -45.36
CA ARG B 37 -33.42 44.33 -45.05
C ARG B 37 -33.03 45.25 -46.19
N MET B 38 -33.30 44.85 -47.42
CA MET B 38 -33.00 45.71 -48.57
C MET B 38 -34.01 46.87 -48.58
N GLN B 39 -35.00 46.77 -47.70
CA GLN B 39 -36.04 47.79 -47.57
C GLN B 39 -35.71 48.72 -46.42
N LEU B 40 -34.65 48.41 -45.68
CA LEU B 40 -34.27 49.21 -44.53
C LEU B 40 -33.35 50.40 -44.85
N GLN B 41 -33.21 51.29 -43.87
CA GLN B 41 -32.36 52.48 -44.00
C GLN B 41 -30.94 52.08 -43.64
N GLU B 42 -30.00 52.51 -44.47
CA GLU B 42 -28.58 52.18 -44.30
C GLU B 42 -28.12 51.75 -42.91
N PRO B 43 -28.31 52.61 -41.88
CA PRO B 43 -27.87 52.23 -40.53
C PRO B 43 -28.28 50.79 -40.23
N LEU B 44 -29.57 50.62 -39.95
CA LEU B 44 -30.15 49.33 -39.67
C LEU B 44 -29.87 48.34 -40.80
N ARG B 45 -29.91 48.79 -42.04
CA ARG B 45 -29.65 47.88 -43.14
C ARG B 45 -28.33 47.13 -43.02
N HIS B 46 -27.36 47.75 -42.36
CA HIS B 46 -26.03 47.16 -42.17
C HIS B 46 -26.06 46.22 -40.97
N GLU B 47 -26.55 46.74 -39.85
CA GLU B 47 -26.62 46.01 -38.60
C GLU B 47 -27.28 44.62 -38.64
N VAL B 48 -28.30 44.45 -39.50
CA VAL B 48 -28.97 43.16 -39.53
C VAL B 48 -28.27 42.11 -40.39
N THR B 49 -28.09 40.94 -39.82
CA THR B 49 -27.42 39.87 -40.52
C THR B 49 -28.26 38.58 -40.65
N PRO B 50 -27.87 37.71 -41.59
CA PRO B 50 -28.51 36.43 -41.89
C PRO B 50 -28.73 35.56 -40.65
N LYS B 51 -29.78 34.77 -40.66
CA LYS B 51 -29.99 33.87 -39.55
C LYS B 51 -29.57 32.56 -40.21
N ASN B 52 -28.32 32.17 -40.00
CA ASN B 52 -27.80 30.95 -40.59
C ASN B 52 -28.52 29.72 -40.09
N ILE B 53 -28.65 28.74 -40.97
CA ILE B 53 -29.38 27.52 -40.68
C ILE B 53 -28.57 26.24 -40.52
N LEU B 54 -29.00 25.44 -39.56
CA LEU B 54 -28.38 24.15 -39.33
C LEU B 54 -29.45 23.08 -39.55
N MET B 55 -29.32 22.34 -40.65
CA MET B 55 -30.25 21.27 -40.94
C MET B 55 -29.68 19.95 -40.42
N ILE B 56 -30.46 19.27 -39.61
CA ILE B 56 -30.08 17.98 -39.04
C ILE B 56 -31.00 16.95 -39.69
N GLY B 57 -30.43 15.97 -40.37
CA GLY B 57 -31.24 14.96 -41.02
C GLY B 57 -30.42 13.80 -41.58
N PRO B 58 -31.08 12.65 -41.83
CA PRO B 58 -30.51 11.41 -42.36
C PRO B 58 -30.02 11.53 -43.81
N THR B 59 -29.20 10.59 -44.26
CA THR B 59 -28.67 10.60 -45.62
C THR B 59 -29.73 10.64 -46.71
N GLY B 60 -29.51 11.47 -47.73
CA GLY B 60 -30.43 11.53 -48.84
C GLY B 60 -31.89 11.76 -48.57
N VAL B 61 -32.23 12.76 -47.75
CA VAL B 61 -33.64 13.04 -47.49
C VAL B 61 -34.03 14.44 -47.92
N GLY B 62 -33.12 15.13 -48.61
CA GLY B 62 -33.47 16.45 -49.10
C GLY B 62 -32.70 17.72 -48.72
N LYS B 63 -31.85 17.66 -47.69
CA LYS B 63 -31.09 18.84 -47.26
C LYS B 63 -30.43 19.62 -48.41
N THR B 64 -29.65 18.91 -49.23
CA THR B 64 -28.95 19.57 -50.32
C THR B 64 -29.92 20.07 -51.38
N GLU B 65 -30.90 19.25 -51.75
CA GLU B 65 -31.87 19.65 -52.75
C GLU B 65 -32.63 20.88 -52.30
N ILE B 66 -33.04 20.93 -51.03
CA ILE B 66 -33.76 22.12 -50.58
C ILE B 66 -32.91 23.38 -50.78
N ALA B 67 -31.66 23.34 -50.32
CA ALA B 67 -30.76 24.48 -50.48
C ALA B 67 -30.52 24.83 -51.96
N ARG B 68 -30.29 23.81 -52.79
CA ARG B 68 -30.05 24.02 -54.22
C ARG B 68 -31.22 24.67 -54.91
N ARG B 69 -32.43 24.14 -54.71
CA ARG B 69 -33.62 24.72 -55.34
C ARG B 69 -33.84 26.13 -54.83
N LEU B 70 -33.57 26.33 -53.54
CA LEU B 70 -33.71 27.64 -52.94
C LEU B 70 -32.86 28.66 -53.69
N ALA B 71 -31.60 28.31 -53.93
CA ALA B 71 -30.68 29.20 -54.63
C ALA B 71 -31.13 29.45 -56.06
N LYS B 72 -31.72 28.43 -56.66
CA LYS B 72 -32.18 28.53 -58.03
C LYS B 72 -33.37 29.49 -58.16
N LEU B 73 -34.38 29.33 -57.31
CA LEU B 73 -35.54 30.22 -57.40
C LEU B 73 -35.18 31.63 -56.95
N ALA B 74 -34.04 31.78 -56.28
CA ALA B 74 -33.59 33.09 -55.83
C ALA B 74 -32.61 33.65 -56.84
N ASN B 75 -32.14 32.79 -57.75
CA ASN B 75 -31.17 33.21 -58.77
C ASN B 75 -29.94 33.74 -58.02
N ALA B 76 -29.45 32.95 -57.07
CA ALA B 76 -28.33 33.31 -56.23
C ALA B 76 -27.09 32.45 -56.40
N PRO B 77 -25.89 33.04 -56.25
CA PRO B 77 -24.65 32.28 -56.38
C PRO B 77 -24.69 31.22 -55.29
N PHE B 78 -24.39 29.98 -55.65
CA PHE B 78 -24.45 28.85 -54.73
C PHE B 78 -23.17 28.03 -54.77
N ILE B 79 -22.83 27.42 -53.64
CA ILE B 79 -21.65 26.60 -53.55
C ILE B 79 -21.90 25.59 -52.43
N LYS B 80 -21.57 24.33 -52.70
CA LYS B 80 -21.70 23.31 -51.69
C LYS B 80 -20.31 22.76 -51.42
N VAL B 81 -19.96 22.61 -50.15
CA VAL B 81 -18.66 22.08 -49.80
C VAL B 81 -18.74 21.04 -48.70
N GLU B 82 -17.78 20.14 -48.66
CA GLU B 82 -17.74 19.10 -47.63
C GLU B 82 -16.83 19.66 -46.55
N ALA B 83 -17.36 19.79 -45.34
CA ALA B 83 -16.60 20.35 -44.22
C ALA B 83 -15.26 19.66 -43.97
N THR B 84 -15.20 18.36 -44.29
CA THR B 84 -13.99 17.56 -44.05
C THR B 84 -12.78 17.79 -44.95
N LYS B 85 -12.99 18.32 -46.15
CA LYS B 85 -11.84 18.52 -47.02
C LYS B 85 -10.88 19.63 -46.58
N PHE B 86 -10.98 20.14 -45.36
CA PHE B 86 -10.07 21.19 -44.93
C PHE B 86 -9.26 20.82 -43.70
N THR B 87 -9.33 19.56 -43.30
CA THR B 87 -8.61 19.08 -42.13
C THR B 87 -7.10 19.31 -42.20
N GLU B 88 -6.56 19.28 -43.43
CA GLU B 88 -5.13 19.44 -43.64
C GLU B 88 -4.67 20.87 -44.01
N VAL B 89 -5.28 21.44 -45.04
CA VAL B 89 -4.96 22.78 -45.54
C VAL B 89 -3.44 23.01 -45.62
N GLY B 90 -2.84 22.57 -46.73
CA GLY B 90 -1.42 22.71 -46.93
C GLY B 90 -0.99 23.58 -48.10
N TYR B 91 -1.93 24.35 -48.66
CA TYR B 91 -1.63 25.23 -49.77
C TYR B 91 -2.82 26.14 -50.07
N VAL B 92 -2.58 27.23 -50.81
CA VAL B 92 -3.63 28.17 -51.16
C VAL B 92 -4.61 27.55 -52.14
N GLY B 93 -5.71 27.01 -51.63
CA GLY B 93 -6.70 26.38 -52.49
C GLY B 93 -7.42 25.28 -51.75
N LYS B 94 -6.91 24.95 -50.56
CA LYS B 94 -7.48 23.92 -49.71
C LYS B 94 -7.79 24.55 -48.37
N GLU B 95 -7.62 25.87 -48.29
CA GLU B 95 -7.91 26.61 -47.07
C GLU B 95 -9.34 27.11 -47.14
N VAL B 96 -10.00 27.16 -46.00
CA VAL B 96 -11.39 27.59 -45.93
C VAL B 96 -11.79 28.77 -46.83
N ASP B 97 -10.90 29.74 -47.01
CA ASP B 97 -11.18 30.90 -47.86
C ASP B 97 -11.42 30.52 -49.33
N SER B 98 -11.06 29.31 -49.72
CA SER B 98 -11.27 28.90 -51.11
C SER B 98 -12.79 28.90 -51.36
N ILE B 99 -13.56 28.52 -50.34
CA ILE B 99 -15.02 28.51 -50.46
C ILE B 99 -15.49 29.81 -51.12
N ILE B 100 -15.11 30.94 -50.52
CA ILE B 100 -15.48 32.24 -51.07
C ILE B 100 -14.91 32.50 -52.47
N ARG B 101 -13.68 32.05 -52.72
CA ARG B 101 -13.10 32.25 -54.04
C ARG B 101 -13.85 31.42 -55.07
N ASP B 102 -14.09 30.15 -54.76
CA ASP B 102 -14.84 29.25 -55.65
C ASP B 102 -16.21 29.84 -55.99
N LEU B 103 -16.92 30.27 -54.94
CA LEU B 103 -18.23 30.89 -55.07
C LEU B 103 -18.18 32.09 -56.01
N THR B 104 -17.17 32.92 -55.84
CA THR B 104 -17.04 34.11 -56.67
C THR B 104 -16.78 33.72 -58.12
N ASP B 105 -16.07 32.61 -58.30
CA ASP B 105 -15.80 32.14 -59.65
C ASP B 105 -17.16 31.75 -60.23
N SER B 106 -17.85 30.83 -59.54
CA SER B 106 -19.19 30.39 -59.97
C SER B 106 -20.12 31.57 -60.25
N ALA B 107 -19.87 32.71 -59.62
CA ALA B 107 -20.72 33.89 -59.81
C ALA B 107 -20.19 34.70 -60.97
N GLY B 108 -19.29 34.11 -61.73
CA GLY B 108 -18.72 34.79 -62.87
C GLY B 108 -18.06 36.10 -62.49
N GLY B 109 -17.59 36.20 -61.25
CA GLY B 109 -16.94 37.40 -60.80
C GLY B 109 -17.86 38.51 -60.32
N ALA B 110 -19.18 38.24 -60.31
CA ALA B 110 -20.14 39.23 -59.86
C ALA B 110 -20.05 39.41 -58.34
N ILE B 111 -19.14 40.27 -57.90
CA ILE B 111 -18.93 40.51 -56.47
C ILE B 111 -20.14 41.09 -55.76
N ASP B 112 -20.93 41.89 -56.46
CA ASP B 112 -22.13 42.49 -55.88
C ASP B 112 -23.09 41.37 -55.49
N ALA B 113 -23.36 40.47 -56.45
CA ALA B 113 -24.27 39.35 -56.25
C ALA B 113 -23.85 38.45 -55.09
N VAL B 114 -22.56 38.14 -55.01
CA VAL B 114 -22.04 37.27 -53.98
C VAL B 114 -22.23 37.85 -52.60
N GLU B 115 -21.90 39.13 -52.45
CA GLU B 115 -22.02 39.79 -51.17
C GLU B 115 -23.44 39.89 -50.64
N GLN B 116 -24.38 40.24 -51.51
CA GLN B 116 -25.76 40.37 -51.07
C GLN B 116 -26.62 39.10 -51.20
N ASN B 117 -26.28 38.21 -52.12
CA ASN B 117 -27.12 37.03 -52.33
C ASN B 117 -26.49 35.64 -52.27
N GLY B 118 -25.20 35.55 -51.98
CA GLY B 118 -24.56 34.26 -51.94
C GLY B 118 -25.08 33.26 -50.90
N ILE B 119 -25.04 31.98 -51.27
CA ILE B 119 -25.48 30.94 -50.36
C ILE B 119 -24.36 29.91 -50.32
N VAL B 120 -23.97 29.52 -49.11
CA VAL B 120 -22.93 28.53 -48.92
C VAL B 120 -23.51 27.38 -48.10
N PHE B 121 -23.45 26.17 -48.67
CA PHE B 121 -23.95 24.97 -48.02
C PHE B 121 -22.76 24.14 -47.55
N ILE B 122 -22.62 23.98 -46.24
CA ILE B 122 -21.53 23.22 -45.66
C ILE B 122 -22.03 21.85 -45.23
N ASP B 123 -21.68 20.82 -46.00
CA ASP B 123 -22.12 19.47 -45.72
C ASP B 123 -21.33 18.75 -44.63
N GLU B 124 -22.01 17.86 -43.93
CA GLU B 124 -21.41 17.02 -42.88
C GLU B 124 -20.64 17.79 -41.80
N ILE B 125 -21.17 18.92 -41.35
CA ILE B 125 -20.46 19.68 -40.34
C ILE B 125 -20.31 18.86 -39.06
N ASP B 126 -21.14 17.84 -38.90
CA ASP B 126 -21.05 16.96 -37.74
C ASP B 126 -19.74 16.12 -37.78
N LYS B 127 -19.15 15.99 -38.97
CA LYS B 127 -17.91 15.22 -39.11
C LYS B 127 -16.65 15.95 -38.60
N ILE B 128 -16.79 17.20 -38.17
CA ILE B 128 -15.64 17.93 -37.63
C ILE B 128 -15.89 18.28 -36.16
N CYS B 129 -16.77 17.54 -35.51
CA CYS B 129 -17.04 17.75 -34.10
C CYS B 129 -16.15 16.79 -33.32
N LYS B 130 -15.86 17.10 -32.06
CA LYS B 130 -15.04 16.20 -31.26
C LYS B 130 -15.86 14.95 -30.96
N LYS B 131 -15.42 13.82 -31.48
CA LYS B 131 -16.14 12.57 -31.25
C LYS B 131 -15.41 11.40 -31.89
N GLY B 132 -14.56 11.70 -32.88
CA GLY B 132 -13.82 10.66 -33.57
C GLY B 132 -13.34 9.55 -32.65
N GLU B 133 -13.41 8.31 -33.12
CA GLU B 133 -13.00 7.13 -32.37
C GLU B 133 -12.11 7.49 -31.17
N TYR B 134 -10.81 7.55 -31.41
CA TYR B 134 -9.85 7.90 -30.37
C TYR B 134 -9.57 9.40 -30.37
N SER B 135 -8.89 9.87 -31.41
CA SER B 135 -8.55 11.28 -31.55
C SER B 135 -8.07 11.58 -32.95
N GLY B 136 -6.89 11.07 -33.29
CA GLY B 136 -6.32 11.32 -34.61
C GLY B 136 -6.26 12.82 -34.84
N ALA B 137 -5.64 13.52 -33.89
CA ALA B 137 -5.51 14.97 -33.97
C ALA B 137 -6.90 15.58 -34.03
N ASP B 138 -7.70 15.31 -33.00
CA ASP B 138 -9.07 15.82 -32.92
C ASP B 138 -9.02 17.35 -32.96
N VAL B 139 -7.83 17.90 -32.77
CA VAL B 139 -7.62 19.34 -32.81
C VAL B 139 -7.67 19.83 -34.26
N SER B 140 -7.74 18.87 -35.18
CA SER B 140 -7.82 19.17 -36.61
C SER B 140 -9.30 19.43 -36.94
N ARG B 141 -10.17 18.59 -36.37
CA ARG B 141 -11.60 18.74 -36.59
C ARG B 141 -11.97 20.12 -36.03
N GLU B 142 -11.61 20.36 -34.77
CA GLU B 142 -11.87 21.62 -34.12
C GLU B 142 -11.31 22.76 -34.97
N GLY B 143 -10.12 22.54 -35.53
CA GLY B 143 -9.47 23.53 -36.36
C GLY B 143 -10.31 24.01 -37.53
N VAL B 144 -11.03 23.10 -38.17
CA VAL B 144 -11.85 23.53 -39.29
C VAL B 144 -12.96 24.42 -38.76
N GLN B 145 -13.47 24.11 -37.57
CA GLN B 145 -14.53 24.92 -36.99
C GLN B 145 -14.04 26.35 -36.81
N ARG B 146 -12.83 26.48 -36.26
CA ARG B 146 -12.23 27.79 -36.05
C ARG B 146 -12.02 28.51 -37.38
N ASP B 147 -11.49 27.79 -38.37
CA ASP B 147 -11.27 28.40 -39.68
C ASP B 147 -12.58 28.94 -40.27
N LEU B 148 -13.69 28.32 -39.90
CA LEU B 148 -15.01 28.72 -40.39
C LEU B 148 -15.51 30.04 -39.82
N LEU B 149 -15.21 30.30 -38.55
CA LEU B 149 -15.66 31.53 -37.90
C LEU B 149 -15.50 32.80 -38.68
N PRO B 150 -14.28 33.15 -39.10
CA PRO B 150 -14.09 34.39 -39.87
C PRO B 150 -15.13 34.54 -40.97
N LEU B 151 -15.42 33.44 -41.64
CA LEU B 151 -16.39 33.43 -42.73
C LEU B 151 -17.82 33.69 -42.28
N VAL B 152 -18.27 32.93 -41.29
CA VAL B 152 -19.64 33.08 -40.77
C VAL B 152 -19.86 34.30 -39.87
N GLU B 153 -18.81 34.81 -39.24
CA GLU B 153 -18.92 35.97 -38.38
C GLU B 153 -18.78 37.25 -39.19
N GLY B 154 -18.39 37.11 -40.45
CA GLY B 154 -18.22 38.28 -41.29
C GLY B 154 -16.78 38.79 -41.35
N SER B 155 -16.25 38.83 -42.57
CA SER B 155 -14.90 39.30 -42.84
C SER B 155 -14.75 39.44 -44.35
N THR B 156 -13.56 39.86 -44.78
CA THR B 156 -13.29 40.05 -46.21
C THR B 156 -12.24 39.08 -46.71
N VAL B 157 -12.43 38.53 -47.90
CA VAL B 157 -11.44 37.63 -48.44
C VAL B 157 -11.07 38.11 -49.83
N SER B 158 -9.80 37.92 -50.14
CA SER B 158 -9.26 38.33 -51.41
C SER B 158 -9.46 37.23 -52.45
N THR B 159 -9.92 37.63 -53.62
CA THR B 159 -10.14 36.69 -54.71
C THR B 159 -9.59 37.43 -55.93
N LYS B 160 -9.20 36.68 -56.95
CA LYS B 160 -8.67 37.30 -58.16
C LYS B 160 -9.62 38.34 -58.74
N HIS B 161 -10.90 38.26 -58.37
CA HIS B 161 -11.91 39.21 -58.86
C HIS B 161 -11.96 40.47 -57.99
N GLY B 162 -11.39 40.37 -56.80
CA GLY B 162 -11.39 41.51 -55.91
C GLY B 162 -11.67 41.10 -54.47
N MET B 163 -11.97 42.07 -53.61
CA MET B 163 -12.26 41.77 -52.21
C MET B 163 -13.75 41.56 -52.04
N VAL B 164 -14.13 40.49 -51.34
CA VAL B 164 -15.54 40.23 -51.09
C VAL B 164 -15.82 40.03 -49.61
N LYS B 165 -16.75 40.81 -49.07
CA LYS B 165 -17.12 40.70 -47.66
C LYS B 165 -18.12 39.54 -47.50
N THR B 166 -18.08 38.85 -46.37
CA THR B 166 -18.99 37.72 -46.20
C THR B 166 -20.12 37.97 -45.22
N ASP B 167 -20.22 39.21 -44.74
CA ASP B 167 -21.22 39.59 -43.76
C ASP B 167 -22.68 39.24 -44.06
N HIS B 168 -23.09 39.34 -45.31
CA HIS B 168 -24.47 39.02 -45.66
C HIS B 168 -24.67 37.73 -46.44
N ILE B 169 -23.64 36.89 -46.44
CA ILE B 169 -23.72 35.60 -47.11
C ILE B 169 -24.49 34.66 -46.17
N LEU B 170 -25.46 33.94 -46.73
CA LEU B 170 -26.27 33.00 -45.96
C LEU B 170 -25.59 31.64 -45.88
N PHE B 171 -25.45 31.11 -44.67
CA PHE B 171 -24.83 29.83 -44.48
C PHE B 171 -25.77 28.75 -43.98
N ILE B 172 -25.78 27.62 -44.68
CA ILE B 172 -26.59 26.48 -44.31
C ILE B 172 -25.63 25.32 -44.06
N ALA B 173 -25.71 24.72 -42.87
CA ALA B 173 -24.85 23.59 -42.54
C ALA B 173 -25.74 22.38 -42.31
N SER B 174 -25.21 21.19 -42.59
CA SER B 174 -26.00 19.97 -42.41
C SER B 174 -25.26 18.87 -41.71
N GLY B 175 -26.01 17.93 -41.18
CA GLY B 175 -25.42 16.80 -40.49
C GLY B 175 -26.50 15.84 -40.06
N ALA B 176 -26.11 14.60 -39.80
CA ALA B 176 -27.06 13.60 -39.35
C ALA B 176 -26.98 13.53 -37.85
N PHE B 177 -25.87 13.99 -37.30
CA PHE B 177 -25.65 13.99 -35.86
C PHE B 177 -26.04 12.69 -35.18
N GLN B 178 -25.64 11.57 -35.76
CA GLN B 178 -25.95 10.27 -35.19
C GLN B 178 -25.24 10.09 -33.86
N VAL B 179 -23.94 10.33 -33.84
CA VAL B 179 -23.15 10.21 -32.63
C VAL B 179 -23.02 11.54 -31.90
N ALA B 180 -22.52 12.55 -32.61
CA ALA B 180 -22.33 13.87 -32.04
C ALA B 180 -23.63 14.66 -31.96
N ARG B 181 -23.69 15.59 -31.01
CA ARG B 181 -24.87 16.44 -30.85
C ARG B 181 -24.52 17.82 -31.39
N PRO B 182 -25.53 18.63 -31.70
CA PRO B 182 -25.23 19.97 -32.21
C PRO B 182 -24.53 20.84 -31.15
N SER B 183 -24.77 20.56 -29.88
CA SER B 183 -24.14 21.35 -28.84
C SER B 183 -22.65 21.02 -28.80
N ASP B 184 -22.23 20.07 -29.62
CA ASP B 184 -20.83 19.65 -29.69
C ASP B 184 -19.96 20.70 -30.37
N LEU B 185 -20.55 21.50 -31.25
CA LEU B 185 -19.81 22.51 -31.97
C LEU B 185 -19.22 23.55 -31.03
N ILE B 186 -18.15 24.23 -31.46
CA ILE B 186 -17.59 25.24 -30.60
C ILE B 186 -18.64 26.34 -30.41
N PRO B 187 -18.68 26.93 -29.18
CA PRO B 187 -19.60 28.00 -28.77
C PRO B 187 -19.86 29.06 -29.83
N GLU B 188 -18.80 29.57 -30.44
CA GLU B 188 -18.95 30.62 -31.45
C GLU B 188 -19.76 30.21 -32.68
N LEU B 189 -19.53 28.98 -33.16
CA LEU B 189 -20.23 28.46 -34.33
C LEU B 189 -21.68 28.19 -33.96
N GLN B 190 -21.86 27.61 -32.78
CA GLN B 190 -23.18 27.30 -32.26
C GLN B 190 -24.03 28.58 -32.20
N GLY B 191 -23.41 29.69 -31.84
CA GLY B 191 -24.14 30.94 -31.77
C GLY B 191 -24.37 31.57 -33.13
N ARG B 192 -23.58 31.16 -34.12
CA ARG B 192 -23.72 31.69 -35.48
C ARG B 192 -24.61 30.81 -36.38
N LEU B 193 -25.21 29.78 -35.80
CA LEU B 193 -26.15 28.87 -36.49
C LEU B 193 -27.39 28.84 -35.59
N PRO B 194 -28.07 29.99 -35.45
CA PRO B 194 -29.27 30.18 -34.62
C PRO B 194 -30.49 29.30 -34.95
N ILE B 195 -30.77 29.12 -36.22
CA ILE B 195 -31.93 28.31 -36.58
C ILE B 195 -31.56 26.84 -36.75
N ARG B 196 -32.27 25.98 -36.03
CA ARG B 196 -32.02 24.53 -36.09
C ARG B 196 -33.30 23.88 -36.58
N VAL B 197 -33.21 23.15 -37.68
CA VAL B 197 -34.39 22.51 -38.20
C VAL B 197 -34.12 21.03 -38.52
N GLU B 198 -35.11 20.17 -38.30
CA GLU B 198 -34.92 18.75 -38.56
C GLU B 198 -35.69 18.22 -39.74
N LEU B 199 -35.11 17.28 -40.46
CA LEU B 199 -35.77 16.65 -41.60
C LEU B 199 -36.01 15.21 -41.22
N THR B 200 -37.14 14.68 -41.65
CA THR B 200 -37.49 13.31 -41.30
C THR B 200 -36.93 12.30 -42.30
N ALA B 201 -36.91 11.05 -41.88
CA ALA B 201 -36.49 9.97 -42.75
C ALA B 201 -37.66 9.79 -43.73
N LEU B 202 -37.37 9.25 -44.90
CA LEU B 202 -38.36 9.04 -45.93
C LEU B 202 -38.96 7.64 -45.90
N SER B 203 -40.29 7.54 -45.88
CA SER B 203 -40.97 6.24 -45.86
C SER B 203 -41.37 5.79 -47.29
N ALA B 204 -41.89 4.57 -47.38
CA ALA B 204 -42.32 4.03 -48.67
C ALA B 204 -43.31 4.98 -49.32
N ALA B 205 -44.29 5.42 -48.53
CA ALA B 205 -45.30 6.36 -49.02
C ALA B 205 -44.70 7.67 -49.54
N ASP B 206 -43.60 8.11 -48.94
CA ASP B 206 -42.95 9.35 -49.42
C ASP B 206 -42.29 9.04 -50.76
N PHE B 207 -41.69 7.86 -50.84
CA PHE B 207 -41.02 7.41 -52.06
C PHE B 207 -41.98 7.42 -53.25
N GLU B 208 -43.18 6.91 -53.04
CA GLU B 208 -44.18 6.87 -54.10
C GLU B 208 -44.43 8.25 -54.65
N ARG B 209 -44.64 9.19 -53.75
CA ARG B 209 -44.92 10.55 -54.18
C ARG B 209 -43.68 11.06 -54.90
N ILE B 210 -42.50 10.79 -54.35
CA ILE B 210 -41.27 11.25 -55.01
C ILE B 210 -41.15 10.65 -56.38
N LEU B 211 -41.60 9.41 -56.53
CA LEU B 211 -41.52 8.74 -57.82
C LEU B 211 -42.27 9.48 -58.91
N THR B 212 -43.33 10.21 -58.56
CA THR B 212 -44.09 10.89 -59.60
C THR B 212 -44.56 12.34 -59.40
N GLU B 213 -44.65 12.80 -58.15
CA GLU B 213 -45.15 14.16 -57.94
C GLU B 213 -44.28 15.34 -58.37
N PRO B 214 -42.97 15.33 -58.06
CA PRO B 214 -42.06 16.42 -58.42
C PRO B 214 -41.95 16.70 -59.91
N HIS B 215 -41.60 17.94 -60.25
CA HIS B 215 -41.38 18.24 -61.66
C HIS B 215 -40.18 17.38 -62.04
N ALA B 216 -40.19 16.86 -63.25
CA ALA B 216 -39.11 16.01 -63.73
C ALA B 216 -38.78 14.86 -62.79
N SER B 217 -39.79 14.14 -62.31
CA SER B 217 -39.57 12.98 -61.43
C SER B 217 -38.94 11.85 -62.26
N LEU B 218 -38.59 10.73 -61.64
CA LEU B 218 -38.01 9.63 -62.39
C LEU B 218 -38.97 9.03 -63.44
N THR B 219 -40.21 8.77 -63.04
CA THR B 219 -41.15 8.22 -64.02
C THR B 219 -41.26 9.17 -65.20
N GLU B 220 -41.38 10.46 -64.92
CA GLU B 220 -41.45 11.46 -65.99
C GLU B 220 -40.19 11.41 -66.86
N GLN B 221 -39.02 11.36 -66.23
CA GLN B 221 -37.76 11.28 -66.98
C GLN B 221 -37.64 10.10 -67.92
N TYR B 222 -37.92 8.90 -67.41
CA TYR B 222 -37.87 7.71 -68.24
C TYR B 222 -38.93 7.75 -69.33
N LYS B 223 -40.09 8.34 -69.02
CA LYS B 223 -41.16 8.43 -70.03
C LYS B 223 -40.68 9.31 -71.17
N ALA B 224 -40.00 10.41 -70.83
CA ALA B 224 -39.51 11.29 -71.89
C ALA B 224 -38.33 10.66 -72.65
N LEU B 225 -37.50 9.91 -71.92
CA LEU B 225 -36.36 9.24 -72.54
C LEU B 225 -36.78 8.21 -73.61
N MET B 226 -37.71 7.33 -73.27
CA MET B 226 -38.18 6.33 -74.21
C MET B 226 -38.95 6.93 -75.37
N ALA B 227 -39.70 7.99 -75.12
CA ALA B 227 -40.49 8.62 -76.19
C ALA B 227 -39.58 9.06 -77.28
N THR B 228 -38.32 9.20 -76.93
CA THR B 228 -37.25 9.61 -77.83
C THR B 228 -36.97 8.48 -78.84
N GLU B 229 -37.21 7.24 -78.43
CA GLU B 229 -36.99 6.08 -79.27
C GLU B 229 -38.33 5.65 -79.87
N GLY B 230 -39.33 6.53 -79.76
CA GLY B 230 -40.66 6.24 -80.27
C GLY B 230 -41.39 5.20 -79.43
N VAL B 231 -40.97 5.00 -78.19
CA VAL B 231 -41.62 4.05 -77.30
C VAL B 231 -42.47 4.78 -76.27
N ASN B 232 -43.65 4.23 -75.97
CA ASN B 232 -44.58 4.83 -75.02
C ASN B 232 -44.68 3.97 -73.77
N ILE B 233 -44.22 4.49 -72.63
CA ILE B 233 -44.27 3.72 -71.40
C ILE B 233 -45.30 4.27 -70.41
N ALA B 234 -45.82 3.39 -69.56
CA ALA B 234 -46.84 3.78 -68.60
C ALA B 234 -46.71 2.99 -67.32
N PHE B 235 -46.44 3.67 -66.21
CA PHE B 235 -46.33 2.95 -64.95
C PHE B 235 -47.72 3.00 -64.33
N THR B 236 -48.17 1.90 -63.73
CA THR B 236 -49.46 1.90 -63.08
C THR B 236 -49.23 2.26 -61.61
N THR B 237 -50.29 2.75 -60.97
CA THR B 237 -50.26 3.13 -59.57
C THR B 237 -49.69 2.02 -58.69
N ASP B 238 -49.95 0.77 -59.05
CA ASP B 238 -49.46 -0.38 -58.28
C ASP B 238 -47.98 -0.68 -58.56
N ALA B 239 -47.50 -0.28 -59.73
CA ALA B 239 -46.11 -0.50 -60.07
C ALA B 239 -45.30 0.49 -59.21
N VAL B 240 -45.75 1.75 -59.22
CA VAL B 240 -45.12 2.80 -58.45
C VAL B 240 -45.09 2.35 -57.00
N LYS B 241 -46.18 1.72 -56.56
CA LYS B 241 -46.26 1.23 -55.19
C LYS B 241 -45.13 0.24 -54.92
N LYS B 242 -44.98 -0.74 -55.80
CA LYS B 242 -43.96 -1.79 -55.68
C LYS B 242 -42.51 -1.29 -55.80
N ILE B 243 -42.27 -0.32 -56.67
CA ILE B 243 -40.94 0.25 -56.84
C ILE B 243 -40.48 0.94 -55.54
N ALA B 244 -41.38 1.69 -54.90
CA ALA B 244 -41.06 2.40 -53.66
C ALA B 244 -40.90 1.44 -52.50
N GLU B 245 -41.73 0.41 -52.44
CA GLU B 245 -41.62 -0.55 -51.35
C GLU B 245 -40.32 -1.34 -51.47
N ALA B 246 -39.86 -1.57 -52.69
CA ALA B 246 -38.62 -2.31 -52.90
C ALA B 246 -37.44 -1.45 -52.45
N ALA B 247 -37.45 -0.19 -52.84
CA ALA B 247 -36.38 0.74 -52.47
C ALA B 247 -36.31 0.91 -50.95
N PHE B 248 -37.47 0.99 -50.29
CA PHE B 248 -37.53 1.15 -48.84
C PHE B 248 -37.01 -0.12 -48.21
N ARG B 249 -37.40 -1.24 -48.80
CA ARG B 249 -37.00 -2.56 -48.32
C ARG B 249 -35.48 -2.69 -48.28
N VAL B 250 -34.81 -2.36 -49.36
CA VAL B 250 -33.37 -2.50 -49.36
C VAL B 250 -32.65 -1.43 -48.53
N ASN B 251 -33.19 -0.22 -48.42
CA ASN B 251 -32.53 0.78 -47.59
C ASN B 251 -32.51 0.27 -46.15
N GLU B 252 -33.61 -0.36 -45.76
CA GLU B 252 -33.76 -0.88 -44.40
C GLU B 252 -33.06 -2.23 -44.20
N LYS B 253 -32.97 -3.04 -45.25
CA LYS B 253 -32.32 -4.35 -45.13
C LYS B 253 -30.80 -4.26 -45.20
N THR B 254 -30.28 -3.38 -46.05
CA THR B 254 -28.83 -3.22 -46.15
C THR B 254 -28.44 -1.83 -45.63
N GLU B 255 -27.80 -1.02 -46.46
CA GLU B 255 -27.38 0.32 -46.08
C GLU B 255 -28.34 1.37 -46.64
N ASN B 256 -28.81 2.25 -45.76
CA ASN B 256 -29.76 3.28 -46.15
C ASN B 256 -29.09 4.43 -46.88
N ILE B 257 -29.59 4.76 -48.07
CA ILE B 257 -29.04 5.86 -48.83
C ILE B 257 -30.15 6.83 -49.19
N GLY B 258 -31.23 6.78 -48.42
CA GLY B 258 -32.33 7.67 -48.66
C GLY B 258 -32.98 7.52 -50.02
N ALA B 259 -33.44 8.64 -50.59
CA ALA B 259 -34.12 8.60 -51.86
C ALA B 259 -33.25 8.22 -53.06
N ARG B 260 -31.94 8.13 -52.86
CA ARG B 260 -31.05 7.77 -53.95
C ARG B 260 -31.32 6.32 -54.30
N ARG B 261 -31.84 5.58 -53.33
CA ARG B 261 -32.18 4.20 -53.57
C ARG B 261 -33.16 4.08 -54.74
N LEU B 262 -33.96 5.11 -54.95
CA LEU B 262 -34.91 5.12 -56.06
C LEU B 262 -34.22 5.10 -57.43
N HIS B 263 -33.14 5.87 -57.55
CA HIS B 263 -32.40 5.92 -58.80
C HIS B 263 -31.75 4.57 -59.09
N THR B 264 -31.39 3.88 -58.02
CA THR B 264 -30.76 2.57 -58.15
C THR B 264 -31.75 1.52 -58.60
N VAL B 265 -32.95 1.54 -58.00
CA VAL B 265 -33.98 0.58 -58.36
C VAL B 265 -34.51 0.80 -59.79
N MET B 266 -34.82 2.04 -60.16
CA MET B 266 -35.32 2.33 -61.52
C MET B 266 -34.35 1.85 -62.60
N GLU B 267 -33.05 2.04 -62.39
CA GLU B 267 -32.05 1.62 -63.34
C GLU B 267 -32.15 0.11 -63.57
N ARG B 268 -32.35 -0.62 -62.48
CA ARG B 268 -32.48 -2.06 -62.44
C ARG B 268 -33.78 -2.46 -63.14
N LEU B 269 -34.81 -1.64 -62.95
CA LEU B 269 -36.11 -1.87 -63.55
C LEU B 269 -36.12 -1.61 -65.05
N MET B 270 -35.50 -0.51 -65.47
CA MET B 270 -35.49 -0.10 -66.88
C MET B 270 -34.40 -0.69 -67.77
N ASP B 271 -33.63 -1.62 -67.23
CA ASP B 271 -32.52 -2.26 -67.95
C ASP B 271 -32.86 -2.78 -69.36
N LYS B 272 -33.74 -3.77 -69.42
CA LYS B 272 -34.12 -4.38 -70.70
C LYS B 272 -34.69 -3.37 -71.66
N ILE B 273 -35.68 -2.60 -71.20
CA ILE B 273 -36.28 -1.59 -72.07
C ILE B 273 -35.30 -0.51 -72.57
N SER B 274 -34.41 -0.04 -71.71
CA SER B 274 -33.44 0.96 -72.18
C SER B 274 -32.61 0.39 -73.33
N PHE B 275 -32.21 -0.87 -73.21
CA PHE B 275 -31.40 -1.41 -74.27
C PHE B 275 -32.17 -1.60 -75.59
N SER B 276 -33.35 -2.21 -75.52
CA SER B 276 -34.12 -2.52 -76.71
C SER B 276 -35.03 -1.44 -77.27
N ALA B 277 -35.33 -0.43 -76.46
CA ALA B 277 -36.21 0.66 -76.90
C ALA B 277 -36.02 1.01 -78.36
N SER B 278 -34.75 1.14 -78.73
CA SER B 278 -34.35 1.50 -80.08
C SER B 278 -35.09 0.74 -81.19
N ASP B 279 -35.24 -0.58 -81.05
CA ASP B 279 -35.96 -1.34 -82.07
C ASP B 279 -37.25 -1.89 -81.47
N MET B 280 -38.12 -0.97 -81.10
CA MET B 280 -39.37 -1.30 -80.45
C MET B 280 -40.23 -0.07 -80.70
N ASN B 281 -39.86 0.64 -81.76
CA ASN B 281 -40.54 1.86 -82.16
C ASN B 281 -42.03 1.67 -82.44
N GLY B 282 -42.82 2.59 -81.89
CA GLY B 282 -44.26 2.57 -82.09
C GLY B 282 -45.00 1.79 -81.02
N GLN B 283 -44.28 1.11 -80.15
CA GLN B 283 -44.93 0.31 -79.12
C GLN B 283 -45.18 1.03 -77.79
N THR B 284 -45.99 0.40 -76.97
CA THR B 284 -46.27 0.96 -75.67
C THR B 284 -45.98 -0.16 -74.70
N VAL B 285 -45.27 0.17 -73.63
CA VAL B 285 -44.92 -0.79 -72.61
C VAL B 285 -45.68 -0.46 -71.33
N ASN B 286 -46.48 -1.40 -70.86
CA ASN B 286 -47.22 -1.16 -69.64
C ASN B 286 -46.45 -1.74 -68.45
N ILE B 287 -45.97 -0.87 -67.58
CA ILE B 287 -45.24 -1.30 -66.41
C ILE B 287 -46.17 -1.38 -65.19
N ASP B 288 -46.54 -2.62 -64.87
CA ASP B 288 -47.44 -2.94 -63.77
C ASP B 288 -46.70 -3.71 -62.69
N ALA B 289 -47.41 -4.04 -61.62
CA ALA B 289 -46.82 -4.75 -60.51
C ALA B 289 -46.06 -5.98 -60.98
N ALA B 290 -46.72 -6.81 -61.80
CA ALA B 290 -46.12 -8.03 -62.34
C ALA B 290 -44.73 -7.76 -62.93
N TYR B 291 -44.68 -6.77 -63.81
CA TYR B 291 -43.44 -6.39 -64.48
C TYR B 291 -42.36 -6.00 -63.47
N VAL B 292 -42.73 -5.26 -62.44
CA VAL B 292 -41.76 -4.82 -61.44
C VAL B 292 -41.22 -5.97 -60.62
N ALA B 293 -42.08 -6.89 -60.23
CA ALA B 293 -41.62 -8.02 -59.43
C ALA B 293 -40.71 -8.91 -60.26
N ASP B 294 -40.88 -8.86 -61.56
CA ASP B 294 -40.08 -9.67 -62.47
C ASP B 294 -38.68 -9.10 -62.64
N ALA B 295 -38.61 -7.80 -62.93
CA ALA B 295 -37.34 -7.14 -63.16
C ALA B 295 -36.47 -6.99 -61.92
N LEU B 296 -37.09 -6.69 -60.78
CA LEU B 296 -36.33 -6.52 -59.55
C LEU B 296 -35.79 -7.83 -59.00
N GLY B 297 -36.29 -8.94 -59.52
CA GLY B 297 -35.84 -10.23 -59.06
C GLY B 297 -36.25 -10.51 -57.63
N GLU B 298 -35.30 -10.92 -56.81
CA GLU B 298 -35.58 -11.22 -55.40
C GLU B 298 -34.69 -10.38 -54.49
N VAL B 299 -35.32 -9.64 -53.58
CA VAL B 299 -34.58 -8.81 -52.65
C VAL B 299 -33.48 -9.64 -52.01
N VAL B 300 -32.40 -8.98 -51.57
CA VAL B 300 -31.29 -9.67 -50.93
C VAL B 300 -31.14 -9.20 -49.49
N GLU B 301 -30.91 -10.14 -48.57
CA GLU B 301 -30.75 -9.82 -47.16
C GLU B 301 -29.29 -9.55 -46.85
N ASN B 302 -29.04 -8.82 -45.76
CA ASN B 302 -27.68 -8.49 -45.35
C ASN B 302 -26.87 -9.77 -45.17
N GLU B 303 -25.76 -9.86 -45.90
CA GLU B 303 -24.88 -11.03 -45.85
C GLU B 303 -24.98 -11.80 -44.54
N ASP B 304 -25.20 -13.11 -44.64
CA ASP B 304 -25.32 -13.96 -43.48
C ASP B 304 -24.08 -13.79 -42.62
N LEU B 305 -24.19 -12.87 -41.66
CA LEU B 305 -23.11 -12.54 -40.74
C LEU B 305 -22.63 -13.72 -39.89
N SER B 306 -23.43 -14.78 -39.84
CA SER B 306 -23.11 -15.98 -39.07
C SER B 306 -21.70 -16.50 -39.35
N ARG B 307 -21.09 -16.01 -40.42
CA ARG B 307 -19.74 -16.41 -40.79
C ARG B 307 -18.69 -15.91 -39.78
N PHE B 308 -19.07 -14.97 -38.93
CA PHE B 308 -18.16 -14.41 -37.95
C PHE B 308 -18.72 -14.55 -36.55
N ILE B 309 -19.74 -15.37 -36.40
CA ILE B 309 -20.37 -15.56 -35.11
C ILE B 309 -20.25 -16.97 -34.57
N LEU B 310 -20.59 -17.12 -33.31
CA LEU B 310 -20.60 -18.40 -32.61
C LEU B 310 -21.96 -18.53 -31.95
N SER C 2 -28.39 9.46 -87.00
CA SER C 2 -27.32 10.29 -86.36
C SER C 2 -26.33 9.41 -85.60
N GLU C 3 -26.57 9.23 -84.30
CA GLU C 3 -25.71 8.41 -83.46
C GLU C 3 -26.14 6.96 -83.55
N MET C 4 -25.30 6.05 -83.07
CA MET C 4 -25.60 4.62 -83.11
C MET C 4 -26.55 4.18 -82.01
N THR C 5 -27.16 3.01 -82.21
CA THR C 5 -28.09 2.48 -81.22
C THR C 5 -27.31 1.51 -80.33
N PRO C 6 -27.90 1.09 -79.21
CA PRO C 6 -27.18 0.17 -78.34
C PRO C 6 -26.66 -1.07 -79.07
N ARG C 7 -27.51 -1.68 -79.89
CA ARG C 7 -27.15 -2.87 -80.65
C ARG C 7 -25.94 -2.59 -81.55
N GLU C 8 -25.97 -1.44 -82.21
CA GLU C 8 -24.89 -1.05 -83.11
C GLU C 8 -23.62 -0.71 -82.34
N ILE C 9 -23.77 -0.12 -81.15
CA ILE C 9 -22.60 0.24 -80.37
C ILE C 9 -21.92 -1.03 -79.89
N VAL C 10 -22.71 -2.02 -79.47
CA VAL C 10 -22.18 -3.30 -79.01
C VAL C 10 -21.44 -4.03 -80.14
N SER C 11 -21.90 -3.87 -81.38
CA SER C 11 -21.22 -4.55 -82.48
C SER C 11 -19.91 -3.87 -82.82
N GLU C 12 -19.85 -2.56 -82.59
CA GLU C 12 -18.62 -1.84 -82.87
C GLU C 12 -17.58 -2.28 -81.84
N LEU C 13 -18.03 -2.53 -80.60
CA LEU C 13 -17.14 -2.95 -79.53
C LEU C 13 -16.67 -4.40 -79.74
N ASP C 14 -17.54 -5.27 -80.25
CA ASP C 14 -17.20 -6.68 -80.51
C ASP C 14 -16.02 -6.78 -81.49
N GLN C 15 -15.74 -5.72 -82.21
CA GLN C 15 -14.62 -5.70 -83.14
C GLN C 15 -13.28 -5.54 -82.42
N HIS C 16 -13.31 -5.19 -81.14
CA HIS C 16 -12.06 -5.01 -80.41
C HIS C 16 -12.00 -5.81 -79.15
N ILE C 17 -13.16 -6.10 -78.57
CA ILE C 17 -13.20 -6.86 -77.34
C ILE C 17 -13.91 -8.20 -77.50
N ILE C 18 -13.37 -9.23 -76.84
CA ILE C 18 -13.97 -10.55 -76.89
C ILE C 18 -14.67 -10.76 -75.55
N GLY C 19 -15.84 -11.39 -75.58
CA GLY C 19 -16.60 -11.64 -74.37
C GLY C 19 -17.05 -10.34 -73.73
N GLN C 20 -17.33 -10.41 -72.43
CA GLN C 20 -17.75 -9.25 -71.63
C GLN C 20 -18.98 -8.55 -72.22
N ALA C 21 -20.03 -9.34 -72.45
CA ALA C 21 -21.27 -8.83 -73.02
C ALA C 21 -22.03 -7.85 -72.13
N ASP C 22 -22.17 -8.18 -70.85
CA ASP C 22 -22.87 -7.30 -69.94
C ASP C 22 -22.27 -5.89 -69.90
N ALA C 23 -20.95 -5.81 -69.73
CA ALA C 23 -20.26 -4.53 -69.66
C ALA C 23 -20.51 -3.78 -70.95
N LYS C 24 -20.52 -4.52 -72.06
CA LYS C 24 -20.77 -3.91 -73.37
C LYS C 24 -22.16 -3.30 -73.45
N ARG C 25 -23.15 -4.00 -72.92
CA ARG C 25 -24.52 -3.50 -72.93
C ARG C 25 -24.63 -2.26 -72.06
N ALA C 26 -24.04 -2.36 -70.88
CA ALA C 26 -24.10 -1.26 -69.94
C ALA C 26 -23.54 0.03 -70.49
N VAL C 27 -22.40 -0.03 -71.17
CA VAL C 27 -21.82 1.20 -71.69
C VAL C 27 -22.54 1.72 -72.92
N ALA C 28 -23.17 0.82 -73.69
CA ALA C 28 -23.89 1.19 -74.90
C ALA C 28 -25.12 1.99 -74.54
N ILE C 29 -25.78 1.56 -73.47
CA ILE C 29 -26.96 2.25 -72.98
C ILE C 29 -26.51 3.63 -72.51
N ALA C 30 -25.48 3.68 -71.68
CA ALA C 30 -25.02 4.97 -71.19
C ALA C 30 -24.72 5.90 -72.34
N LEU C 31 -24.16 5.38 -73.43
CA LEU C 31 -23.86 6.26 -74.54
C LEU C 31 -25.12 6.66 -75.31
N ARG C 32 -26.07 5.75 -75.45
CA ARG C 32 -27.30 6.08 -76.16
C ARG C 32 -28.03 7.21 -75.41
N ASN C 33 -27.99 7.17 -74.08
CA ASN C 33 -28.64 8.22 -73.29
C ASN C 33 -28.17 9.65 -73.55
N ARG C 34 -26.94 9.83 -74.03
CA ARG C 34 -26.48 11.19 -74.33
C ARG C 34 -27.36 11.64 -75.49
N TRP C 35 -27.59 10.71 -76.40
CA TRP C 35 -28.37 10.99 -77.59
C TRP C 35 -29.84 11.30 -77.24
N ARG C 36 -30.43 10.47 -76.38
CA ARG C 36 -31.80 10.66 -75.97
C ARG C 36 -31.98 12.03 -75.29
N ARG C 37 -31.10 12.33 -74.33
CA ARG C 37 -31.13 13.56 -73.58
C ARG C 37 -31.07 14.78 -74.48
N MET C 38 -30.24 14.71 -75.51
CA MET C 38 -30.09 15.84 -76.43
C MET C 38 -31.34 16.03 -77.28
N GLN C 39 -32.31 15.13 -77.14
CA GLN C 39 -33.55 15.24 -77.89
C GLN C 39 -34.63 15.85 -77.02
N LEU C 40 -34.40 15.84 -75.71
CA LEU C 40 -35.36 16.39 -74.74
C LEU C 40 -35.47 17.91 -74.75
N GLN C 41 -36.52 18.40 -74.09
CA GLN C 41 -36.81 19.83 -73.97
C GLN C 41 -36.06 20.48 -72.82
N GLU C 42 -35.78 21.77 -72.98
CA GLU C 42 -35.05 22.57 -72.00
C GLU C 42 -35.08 22.09 -70.54
N PRO C 43 -36.27 22.07 -69.92
CA PRO C 43 -36.34 21.61 -68.51
C PRO C 43 -35.68 20.26 -68.29
N LEU C 44 -36.30 19.21 -68.80
CA LEU C 44 -35.80 17.85 -68.65
C LEU C 44 -34.38 17.63 -69.16
N ARG C 45 -33.96 18.40 -70.16
CA ARG C 45 -32.62 18.19 -70.67
C ARG C 45 -31.53 18.38 -69.60
N HIS C 46 -31.76 19.32 -68.68
CA HIS C 46 -30.79 19.58 -67.62
C HIS C 46 -31.04 18.63 -66.48
N GLU C 47 -32.31 18.32 -66.26
CA GLU C 47 -32.71 17.45 -65.16
C GLU C 47 -32.23 16.02 -65.26
N VAL C 48 -32.17 15.46 -66.46
CA VAL C 48 -31.72 14.09 -66.55
C VAL C 48 -30.19 14.00 -66.55
N THR C 49 -29.66 13.08 -65.75
CA THR C 49 -28.23 12.92 -65.66
C THR C 49 -27.71 11.51 -65.93
N PRO C 50 -26.42 11.40 -66.25
CA PRO C 50 -25.79 10.13 -66.54
C PRO C 50 -26.01 9.07 -65.45
N LYS C 51 -26.09 7.81 -65.86
CA LYS C 51 -26.25 6.74 -64.90
C LYS C 51 -24.88 6.08 -64.95
N ASN C 52 -24.00 6.58 -64.08
CA ASN C 52 -22.63 6.14 -63.97
C ASN C 52 -22.49 4.66 -63.73
N ILE C 53 -21.34 4.11 -64.13
CA ILE C 53 -21.10 2.68 -64.04
C ILE C 53 -19.96 2.20 -63.17
N LEU C 54 -20.14 1.04 -62.56
CA LEU C 54 -19.09 0.46 -61.76
C LEU C 54 -18.78 -0.90 -62.37
N MET C 55 -17.60 -1.03 -62.98
CA MET C 55 -17.20 -2.31 -63.53
C MET C 55 -16.43 -3.09 -62.46
N ILE C 56 -16.83 -4.34 -62.25
CA ILE C 56 -16.20 -5.21 -61.25
C ILE C 56 -15.63 -6.41 -61.99
N GLY C 57 -14.34 -6.65 -61.84
CA GLY C 57 -13.72 -7.76 -62.53
C GLY C 57 -12.20 -7.84 -62.35
N PRO C 58 -11.60 -9.01 -62.62
CA PRO C 58 -10.17 -9.34 -62.53
C PRO C 58 -9.24 -8.52 -63.41
N THR C 59 -7.95 -8.56 -63.10
CA THR C 59 -6.93 -7.85 -63.86
C THR C 59 -6.87 -8.17 -65.36
N GLY C 60 -6.72 -7.14 -66.18
CA GLY C 60 -6.60 -7.35 -67.61
C GLY C 60 -7.65 -8.21 -68.30
N VAL C 61 -8.93 -7.87 -68.15
CA VAL C 61 -9.97 -8.63 -68.83
C VAL C 61 -10.84 -7.76 -69.72
N GLY C 62 -10.45 -6.49 -69.90
CA GLY C 62 -11.22 -5.61 -70.78
C GLY C 62 -11.85 -4.32 -70.24
N LYS C 63 -11.91 -4.14 -68.92
CA LYS C 63 -12.53 -2.92 -68.34
C LYS C 63 -12.07 -1.59 -68.94
N THR C 64 -10.76 -1.37 -69.02
CA THR C 64 -10.24 -0.11 -69.57
C THR C 64 -10.45 -0.06 -71.06
N GLU C 65 -10.15 -1.17 -71.73
CA GLU C 65 -10.31 -1.27 -73.18
C GLU C 65 -11.75 -0.98 -73.60
N ILE C 66 -12.72 -1.58 -72.92
CA ILE C 66 -14.12 -1.30 -73.27
C ILE C 66 -14.38 0.22 -73.25
N ALA C 67 -14.08 0.86 -72.13
CA ALA C 67 -14.29 2.32 -71.97
C ALA C 67 -13.54 3.16 -73.00
N ARG C 68 -12.30 2.78 -73.27
CA ARG C 68 -11.48 3.49 -74.26
C ARG C 68 -12.13 3.43 -75.62
N ARG C 69 -12.43 2.22 -76.09
CA ARG C 69 -13.07 2.02 -77.39
C ARG C 69 -14.39 2.78 -77.47
N LEU C 70 -15.11 2.80 -76.35
CA LEU C 70 -16.39 3.51 -76.29
C LEU C 70 -16.18 4.97 -76.60
N ALA C 71 -15.20 5.57 -75.94
CA ALA C 71 -14.91 6.99 -76.11
C ALA C 71 -14.52 7.31 -77.54
N LYS C 72 -13.74 6.41 -78.14
CA LYS C 72 -13.29 6.60 -79.52
C LYS C 72 -14.44 6.55 -80.51
N LEU C 73 -15.34 5.58 -80.39
CA LEU C 73 -16.46 5.53 -81.33
C LEU C 73 -17.48 6.64 -81.03
N ALA C 74 -17.38 7.23 -79.85
CA ALA C 74 -18.27 8.33 -79.51
C ALA C 74 -17.55 9.62 -79.84
N ASN C 75 -16.22 9.53 -79.94
CA ASN C 75 -15.37 10.70 -80.22
C ASN C 75 -15.46 11.67 -79.06
N ALA C 76 -15.38 11.13 -77.86
CA ALA C 76 -15.51 11.92 -76.65
C ALA C 76 -14.24 12.07 -75.86
N PRO C 77 -14.06 13.23 -75.19
CA PRO C 77 -12.88 13.48 -74.37
C PRO C 77 -12.84 12.33 -73.36
N PHE C 78 -11.68 11.71 -73.20
CA PHE C 78 -11.52 10.58 -72.30
C PHE C 78 -10.32 10.83 -71.40
N ILE C 79 -10.34 10.22 -70.23
CA ILE C 79 -9.24 10.35 -69.30
C ILE C 79 -9.36 9.16 -68.34
N LYS C 80 -8.22 8.57 -68.00
CA LYS C 80 -8.19 7.45 -67.08
C LYS C 80 -7.30 7.86 -65.90
N VAL C 81 -7.64 7.43 -64.69
CA VAL C 81 -6.84 7.75 -63.53
C VAL C 81 -6.91 6.66 -62.49
N GLU C 82 -5.83 6.48 -61.73
CA GLU C 82 -5.79 5.48 -60.65
C GLU C 82 -6.29 6.24 -59.43
N ALA C 83 -7.29 5.70 -58.75
CA ALA C 83 -7.85 6.39 -57.59
C ALA C 83 -6.87 6.60 -56.44
N THR C 84 -5.88 5.73 -56.31
CA THR C 84 -4.91 5.82 -55.22
C THR C 84 -3.99 7.04 -55.35
N LYS C 85 -3.93 7.60 -56.55
CA LYS C 85 -3.11 8.76 -56.84
C LYS C 85 -3.31 9.96 -55.91
N PHE C 86 -4.55 10.17 -55.49
CA PHE C 86 -4.84 11.31 -54.63
C PHE C 86 -4.84 10.97 -53.15
N THR C 87 -4.17 9.88 -52.78
CA THR C 87 -4.10 9.43 -51.39
C THR C 87 -3.94 10.57 -50.40
N GLU C 88 -3.29 11.66 -50.82
CA GLU C 88 -3.09 12.81 -49.95
C GLU C 88 -2.62 14.03 -50.73
N VAL C 89 -3.52 14.98 -50.93
CA VAL C 89 -3.23 16.20 -51.69
C VAL C 89 -2.37 17.22 -50.93
N GLY C 90 -1.16 17.44 -51.44
CA GLY C 90 -0.24 18.38 -50.83
C GLY C 90 -0.04 19.62 -51.69
N TYR C 91 -0.19 19.46 -53.00
CA TYR C 91 -0.04 20.55 -53.95
C TYR C 91 -1.23 20.53 -54.91
N VAL C 92 -1.34 21.55 -55.75
CA VAL C 92 -2.46 21.65 -56.70
C VAL C 92 -2.58 20.48 -57.69
N GLY C 93 -1.52 19.65 -57.78
CA GLY C 93 -1.52 18.52 -58.69
C GLY C 93 -2.26 17.28 -58.23
N LYS C 94 -2.17 16.95 -56.93
CA LYS C 94 -2.87 15.79 -56.39
C LYS C 94 -4.34 16.10 -56.10
N GLU C 95 -4.78 17.29 -56.48
CA GLU C 95 -6.16 17.70 -56.25
C GLU C 95 -7.11 16.93 -57.18
N VAL C 96 -8.09 16.23 -56.63
CA VAL C 96 -9.04 15.46 -57.43
C VAL C 96 -9.64 16.28 -58.58
N ASP C 97 -9.59 17.61 -58.48
CA ASP C 97 -10.10 18.48 -59.55
C ASP C 97 -9.11 18.50 -60.74
N SER C 98 -7.97 17.86 -60.55
CA SER C 98 -6.98 17.80 -61.62
C SER C 98 -7.59 16.95 -62.72
N ILE C 99 -8.32 15.91 -62.31
CA ILE C 99 -8.98 15.03 -63.27
C ILE C 99 -9.68 15.87 -64.34
N ILE C 100 -10.52 16.81 -63.93
CA ILE C 100 -11.21 17.66 -64.90
C ILE C 100 -10.30 18.61 -65.68
N ARG C 101 -9.25 19.13 -65.04
CA ARG C 101 -8.34 20.02 -65.73
C ARG C 101 -7.58 19.22 -66.79
N ASP C 102 -7.15 18.03 -66.41
CA ASP C 102 -6.43 17.12 -67.30
C ASP C 102 -7.30 16.86 -68.53
N LEU C 103 -8.50 16.33 -68.26
CA LEU C 103 -9.48 16.02 -69.29
C LEU C 103 -9.70 17.18 -70.26
N THR C 104 -9.71 18.40 -69.74
CA THR C 104 -9.94 19.56 -70.59
C THR C 104 -8.69 19.86 -71.42
N ASP C 105 -7.53 19.66 -70.83
CA ASP C 105 -6.29 19.90 -71.56
C ASP C 105 -6.31 18.88 -72.69
N SER C 106 -6.66 17.64 -72.33
CA SER C 106 -6.74 16.54 -73.27
C SER C 106 -7.61 16.86 -74.48
N ALA C 107 -8.76 17.50 -74.24
CA ALA C 107 -9.69 17.84 -75.31
C ALA C 107 -9.41 19.20 -75.91
N GLY C 108 -8.18 19.67 -75.76
CA GLY C 108 -7.81 20.96 -76.31
C GLY C 108 -8.59 22.16 -75.84
N GLY C 109 -9.21 22.07 -74.66
CA GLY C 109 -9.97 23.21 -74.14
C GLY C 109 -11.38 23.38 -74.68
N ALA C 110 -11.89 22.37 -75.37
CA ALA C 110 -13.24 22.41 -75.93
C ALA C 110 -14.25 22.22 -74.80
N ILE C 111 -14.49 23.27 -74.03
CA ILE C 111 -15.41 23.18 -72.90
C ILE C 111 -16.77 22.56 -73.19
N ASP C 112 -17.32 22.79 -74.38
CA ASP C 112 -18.61 22.20 -74.72
C ASP C 112 -18.51 20.66 -74.82
N ALA C 113 -17.52 20.20 -75.59
CA ALA C 113 -17.28 18.78 -75.77
C ALA C 113 -17.08 18.03 -74.45
N VAL C 114 -16.42 18.68 -73.49
CA VAL C 114 -16.14 18.08 -72.20
C VAL C 114 -17.39 17.96 -71.37
N GLU C 115 -18.10 19.06 -71.22
CA GLU C 115 -19.34 19.10 -70.44
C GLU C 115 -20.42 18.18 -70.98
N GLN C 116 -20.54 18.13 -72.30
CA GLN C 116 -21.57 17.31 -72.91
C GLN C 116 -21.19 15.85 -73.14
N ASN C 117 -19.91 15.57 -73.42
CA ASN C 117 -19.50 14.21 -73.73
C ASN C 117 -18.33 13.59 -72.97
N GLY C 118 -17.76 14.28 -72.00
CA GLY C 118 -16.63 13.70 -71.30
C GLY C 118 -16.85 12.35 -70.64
N ILE C 119 -15.79 11.55 -70.56
CA ILE C 119 -15.84 10.25 -69.92
C ILE C 119 -14.65 10.19 -68.98
N VAL C 120 -14.88 9.80 -67.74
CA VAL C 120 -13.79 9.71 -66.79
C VAL C 120 -13.77 8.28 -66.29
N PHE C 121 -12.62 7.64 -66.45
CA PHE C 121 -12.47 6.27 -65.98
C PHE C 121 -11.63 6.25 -64.70
N ILE C 122 -12.24 5.77 -63.63
CA ILE C 122 -11.57 5.71 -62.33
C ILE C 122 -11.20 4.29 -61.97
N ASP C 123 -9.94 3.94 -62.23
CA ASP C 123 -9.40 2.62 -62.00
C ASP C 123 -9.12 2.40 -60.52
N GLU C 124 -9.13 1.14 -60.10
CA GLU C 124 -8.81 0.76 -58.73
C GLU C 124 -9.66 1.39 -57.64
N ILE C 125 -10.88 1.81 -57.95
CA ILE C 125 -11.76 2.41 -56.96
C ILE C 125 -11.83 1.56 -55.69
N ASP C 126 -11.69 0.24 -55.84
CA ASP C 126 -11.71 -0.65 -54.69
C ASP C 126 -10.52 -0.38 -53.74
N LYS C 127 -9.43 0.15 -54.28
CA LYS C 127 -8.25 0.44 -53.49
C LYS C 127 -8.48 1.53 -52.43
N ILE C 128 -9.54 2.32 -52.57
CA ILE C 128 -9.78 3.36 -51.56
C ILE C 128 -10.94 3.06 -50.62
N CYS C 129 -11.36 1.79 -50.58
CA CYS C 129 -12.43 1.39 -49.68
C CYS C 129 -11.87 1.13 -48.29
N LYS C 130 -12.68 0.56 -47.42
CA LYS C 130 -12.26 0.25 -46.06
C LYS C 130 -11.31 -0.94 -46.08
N LYS C 131 -10.03 -0.70 -45.84
CA LYS C 131 -9.04 -1.77 -45.81
C LYS C 131 -9.43 -2.75 -44.71
N GLY C 132 -10.36 -3.65 -45.03
CA GLY C 132 -10.82 -4.61 -44.04
C GLY C 132 -11.22 -3.83 -42.81
N GLU C 133 -10.29 -3.73 -41.87
CA GLU C 133 -10.48 -2.99 -40.62
C GLU C 133 -9.07 -2.75 -40.07
N TYR C 134 -8.58 -1.52 -40.22
CA TYR C 134 -7.23 -1.18 -39.77
C TYR C 134 -7.12 0.33 -39.47
N SER C 135 -8.15 1.07 -39.87
CA SER C 135 -8.26 2.52 -39.67
C SER C 135 -6.96 3.31 -39.54
N GLY C 136 -5.91 2.85 -40.21
CA GLY C 136 -4.64 3.55 -40.16
C GLY C 136 -4.64 4.62 -41.24
N ALA C 137 -3.99 4.33 -42.36
CA ALA C 137 -3.94 5.26 -43.48
C ALA C 137 -5.30 5.12 -44.19
N ASP C 138 -6.26 4.56 -43.47
CA ASP C 138 -7.60 4.32 -43.97
C ASP C 138 -8.42 5.61 -43.98
N VAL C 139 -8.15 6.48 -43.01
CA VAL C 139 -8.86 7.75 -42.90
C VAL C 139 -8.66 8.59 -44.17
N SER C 140 -7.53 8.37 -44.85
CA SER C 140 -7.23 9.10 -46.07
C SER C 140 -7.85 8.47 -47.30
N ARG C 141 -8.12 7.16 -47.23
CA ARG C 141 -8.73 6.46 -48.34
C ARG C 141 -10.16 6.97 -48.49
N GLU C 142 -10.90 6.97 -47.38
CA GLU C 142 -12.27 7.45 -47.36
C GLU C 142 -12.25 8.92 -47.81
N GLY C 143 -11.12 9.58 -47.59
CA GLY C 143 -11.00 10.97 -48.00
C GLY C 143 -11.04 11.16 -49.50
N VAL C 144 -10.45 10.24 -50.25
CA VAL C 144 -10.47 10.39 -51.70
C VAL C 144 -11.90 10.11 -52.20
N GLN C 145 -12.64 9.27 -51.47
CA GLN C 145 -14.01 8.97 -51.85
C GLN C 145 -14.84 10.25 -51.72
N ARG C 146 -14.65 10.93 -50.58
CA ARG C 146 -15.35 12.16 -50.31
C ARG C 146 -14.90 13.21 -51.30
N ASP C 147 -13.61 13.24 -51.62
CA ASP C 147 -13.11 14.23 -52.57
C ASP C 147 -13.73 14.06 -53.97
N LEU C 148 -14.12 12.84 -54.31
CA LEU C 148 -14.72 12.54 -55.61
C LEU C 148 -16.18 12.96 -55.71
N LEU C 149 -16.91 12.83 -54.61
CA LEU C 149 -18.31 13.20 -54.56
C LEU C 149 -18.70 14.43 -55.36
N PRO C 150 -18.06 15.58 -55.09
CA PRO C 150 -18.38 16.82 -55.81
C PRO C 150 -18.38 16.62 -57.31
N LEU C 151 -17.48 15.77 -57.76
CA LEU C 151 -17.34 15.50 -59.18
C LEU C 151 -18.48 14.69 -59.79
N VAL C 152 -18.83 13.56 -59.17
CA VAL C 152 -19.89 12.70 -59.68
C VAL C 152 -21.29 13.14 -59.26
N GLU C 153 -21.35 14.17 -58.42
CA GLU C 153 -22.61 14.70 -57.94
C GLU C 153 -22.91 15.97 -58.71
N GLY C 154 -21.91 16.48 -59.42
CA GLY C 154 -22.11 17.70 -60.19
C GLY C 154 -21.63 18.97 -59.51
N SER C 155 -20.64 19.61 -60.11
CA SER C 155 -20.07 20.84 -59.59
C SER C 155 -19.36 21.57 -60.72
N THR C 156 -18.76 22.70 -60.39
CA THR C 156 -18.04 23.49 -61.39
C THR C 156 -16.58 23.56 -61.00
N VAL C 157 -15.70 23.26 -61.95
CA VAL C 157 -14.28 23.32 -61.67
C VAL C 157 -13.61 24.33 -62.59
N SER C 158 -12.68 25.09 -62.03
CA SER C 158 -11.95 26.10 -62.76
C SER C 158 -10.72 25.54 -63.46
N THR C 159 -10.57 25.84 -64.74
CA THR C 159 -9.43 25.39 -65.52
C THR C 159 -8.95 26.62 -66.29
N LYS C 160 -7.70 26.62 -66.72
CA LYS C 160 -7.15 27.75 -67.46
C LYS C 160 -7.96 28.08 -68.71
N HIS C 161 -8.80 27.15 -69.15
CA HIS C 161 -9.61 27.33 -70.34
C HIS C 161 -10.98 27.93 -69.99
N GLY C 162 -11.31 27.92 -68.71
CA GLY C 162 -12.59 28.44 -68.27
C GLY C 162 -13.23 27.51 -67.24
N MET C 163 -14.48 27.78 -66.91
CA MET C 163 -15.19 26.98 -65.93
C MET C 163 -15.91 25.84 -66.61
N VAL C 164 -15.79 24.63 -66.07
CA VAL C 164 -16.48 23.49 -66.63
C VAL C 164 -17.33 22.74 -65.59
N LYS C 165 -18.59 22.51 -65.94
CA LYS C 165 -19.53 21.78 -65.08
C LYS C 165 -19.35 20.28 -65.32
N THR C 166 -19.47 19.48 -64.25
CA THR C 166 -19.29 18.04 -64.35
C THR C 166 -20.61 17.22 -64.38
N ASP C 167 -21.72 17.91 -64.19
CA ASP C 167 -23.06 17.30 -64.14
C ASP C 167 -23.43 16.24 -65.20
N HIS C 168 -22.93 16.39 -66.42
CA HIS C 168 -23.25 15.45 -67.48
C HIS C 168 -22.06 14.63 -67.96
N ILE C 169 -20.97 14.67 -67.19
CA ILE C 169 -19.80 13.88 -67.51
C ILE C 169 -20.14 12.46 -67.06
N LEU C 170 -19.83 11.48 -67.90
CA LEU C 170 -20.10 10.09 -67.58
C LEU C 170 -18.92 9.51 -66.82
N PHE C 171 -19.21 8.92 -65.67
CA PHE C 171 -18.17 8.34 -64.85
C PHE C 171 -18.24 6.84 -64.80
N ILE C 172 -17.10 6.20 -65.11
CA ILE C 172 -17.00 4.75 -65.06
C ILE C 172 -15.92 4.38 -64.05
N ALA C 173 -16.30 3.62 -63.03
CA ALA C 173 -15.37 3.18 -62.00
C ALA C 173 -15.08 1.69 -62.15
N SER C 174 -13.87 1.26 -61.78
CA SER C 174 -13.56 -0.17 -61.88
C SER C 174 -12.86 -0.73 -60.67
N GLY C 175 -12.90 -2.05 -60.54
CA GLY C 175 -12.24 -2.68 -59.42
C GLY C 175 -12.48 -4.17 -59.41
N ALA C 176 -11.60 -4.92 -58.75
CA ALA C 176 -11.74 -6.35 -58.67
C ALA C 176 -12.52 -6.74 -57.43
N PHE C 177 -12.48 -5.87 -56.42
CA PHE C 177 -13.21 -6.13 -55.19
C PHE C 177 -13.10 -7.55 -54.70
N GLN C 178 -11.87 -8.02 -54.49
CA GLN C 178 -11.67 -9.39 -54.00
C GLN C 178 -11.64 -9.46 -52.48
N VAL C 179 -11.38 -8.32 -51.87
CA VAL C 179 -11.35 -8.19 -50.43
C VAL C 179 -12.55 -7.30 -50.08
N ALA C 180 -12.47 -6.03 -50.45
CA ALA C 180 -13.57 -5.10 -50.19
C ALA C 180 -14.75 -5.39 -51.11
N ARG C 181 -15.95 -5.07 -50.64
CA ARG C 181 -17.17 -5.26 -51.41
C ARG C 181 -17.67 -3.89 -51.89
N PRO C 182 -18.46 -3.87 -52.96
CA PRO C 182 -18.93 -2.55 -53.42
C PRO C 182 -19.73 -1.81 -52.34
N SER C 183 -20.47 -2.55 -51.53
CA SER C 183 -21.27 -1.91 -50.49
C SER C 183 -20.39 -1.21 -49.44
N ASP C 184 -19.07 -1.33 -49.59
CA ASP C 184 -18.12 -0.69 -48.68
C ASP C 184 -17.88 0.79 -49.02
N LEU C 185 -18.26 1.23 -50.22
CA LEU C 185 -18.09 2.62 -50.58
C LEU C 185 -19.00 3.51 -49.75
N ILE C 186 -18.66 4.78 -49.56
CA ILE C 186 -19.55 5.64 -48.77
C ILE C 186 -20.88 5.66 -49.53
N PRO C 187 -22.01 5.82 -48.80
CA PRO C 187 -23.37 5.87 -49.35
C PRO C 187 -23.58 6.89 -50.48
N GLU C 188 -23.00 8.06 -50.35
CA GLU C 188 -23.17 9.07 -51.37
C GLU C 188 -22.64 8.59 -52.70
N LEU C 189 -21.50 7.88 -52.65
CA LEU C 189 -20.85 7.36 -53.85
C LEU C 189 -21.61 6.16 -54.41
N GLN C 190 -22.06 5.28 -53.53
CA GLN C 190 -22.83 4.12 -53.96
C GLN C 190 -24.03 4.60 -54.75
N GLY C 191 -24.68 5.64 -54.23
CA GLY C 191 -25.84 6.20 -54.90
C GLY C 191 -25.50 6.78 -56.26
N ARG C 192 -24.25 7.19 -56.47
CA ARG C 192 -23.85 7.78 -57.75
C ARG C 192 -23.26 6.77 -58.74
N LEU C 193 -23.20 5.51 -58.33
CA LEU C 193 -22.72 4.42 -59.19
C LEU C 193 -23.86 3.40 -59.23
N PRO C 194 -25.01 3.78 -59.82
CA PRO C 194 -26.18 2.91 -59.91
C PRO C 194 -25.97 1.60 -60.65
N ILE C 195 -25.45 1.68 -61.86
CA ILE C 195 -25.22 0.47 -62.65
C ILE C 195 -23.97 -0.33 -62.25
N ARG C 196 -24.19 -1.59 -61.88
CA ARG C 196 -23.10 -2.47 -61.48
C ARG C 196 -23.02 -3.62 -62.48
N VAL C 197 -21.87 -3.82 -63.09
CA VAL C 197 -21.74 -4.93 -64.02
C VAL C 197 -20.44 -5.70 -63.78
N GLU C 198 -20.48 -7.01 -64.02
CA GLU C 198 -19.33 -7.88 -63.83
C GLU C 198 -18.66 -8.32 -65.11
N LEU C 199 -17.34 -8.37 -65.12
CA LEU C 199 -16.62 -8.86 -66.29
C LEU C 199 -16.04 -10.18 -65.81
N THR C 200 -15.98 -11.16 -66.70
CA THR C 200 -15.45 -12.46 -66.30
C THR C 200 -13.96 -12.56 -66.57
N ALA C 201 -13.37 -13.60 -66.02
CA ALA C 201 -11.95 -13.88 -66.20
C ALA C 201 -11.80 -14.51 -67.59
N LEU C 202 -10.65 -14.33 -68.21
CA LEU C 202 -10.41 -14.87 -69.52
C LEU C 202 -9.93 -16.32 -69.50
N SER C 203 -10.49 -17.10 -70.41
CA SER C 203 -10.20 -18.51 -70.60
C SER C 203 -9.25 -18.74 -71.78
N ALA C 204 -8.69 -19.94 -71.87
CA ALA C 204 -7.79 -20.29 -72.96
C ALA C 204 -8.52 -20.06 -74.28
N ALA C 205 -9.77 -20.51 -74.33
CA ALA C 205 -10.59 -20.32 -75.52
C ALA C 205 -10.75 -18.82 -75.82
N ASP C 206 -10.87 -18.00 -74.77
CA ASP C 206 -11.00 -16.55 -74.98
C ASP C 206 -9.68 -16.04 -75.55
N PHE C 207 -8.58 -16.56 -74.99
CA PHE C 207 -7.25 -16.15 -75.46
C PHE C 207 -7.10 -16.41 -76.95
N GLU C 208 -7.43 -17.63 -77.37
CA GLU C 208 -7.35 -18.02 -78.78
C GLU C 208 -8.00 -16.97 -79.64
N ARG C 209 -9.20 -16.56 -79.25
CA ARG C 209 -9.92 -15.57 -80.02
C ARG C 209 -9.22 -14.21 -79.91
N ILE C 210 -8.77 -13.84 -78.71
CA ILE C 210 -8.06 -12.57 -78.57
C ILE C 210 -6.90 -12.53 -79.55
N LEU C 211 -6.15 -13.64 -79.60
CA LEU C 211 -4.98 -13.75 -80.47
C LEU C 211 -5.21 -13.36 -81.92
N THR C 212 -6.39 -13.62 -82.45
CA THR C 212 -6.62 -13.32 -83.88
C THR C 212 -7.85 -12.57 -84.36
N GLU C 213 -8.94 -12.58 -83.59
CA GLU C 213 -10.19 -11.97 -84.05
C GLU C 213 -10.33 -10.46 -84.08
N PRO C 214 -9.84 -9.76 -83.05
CA PRO C 214 -9.94 -8.30 -82.98
C PRO C 214 -9.22 -7.59 -84.12
N HIS C 215 -9.58 -6.34 -84.39
CA HIS C 215 -8.86 -5.61 -85.43
C HIS C 215 -7.49 -5.35 -84.83
N ALA C 216 -6.46 -5.41 -85.67
CA ALA C 216 -5.08 -5.20 -85.23
C ALA C 216 -4.72 -6.06 -84.02
N SER C 217 -5.00 -7.35 -84.10
CA SER C 217 -4.66 -8.28 -83.01
C SER C 217 -3.14 -8.50 -82.99
N LEU C 218 -2.65 -9.30 -82.05
CA LEU C 218 -1.21 -9.55 -81.96
C LEU C 218 -0.67 -10.26 -83.19
N THR C 219 -1.29 -11.37 -83.57
CA THR C 219 -0.82 -12.11 -84.74
C THR C 219 -0.80 -11.20 -85.96
N GLU C 220 -1.84 -10.37 -86.10
CA GLU C 220 -1.93 -9.45 -87.23
C GLU C 220 -0.77 -8.46 -87.19
N GLN C 221 -0.51 -7.86 -86.04
CA GLN C 221 0.57 -6.91 -85.89
C GLN C 221 1.93 -7.49 -86.27
N TYR C 222 2.27 -8.68 -85.76
CA TYR C 222 3.54 -9.29 -86.11
C TYR C 222 3.60 -9.60 -87.59
N LYS C 223 2.52 -10.16 -88.13
CA LYS C 223 2.50 -10.48 -89.55
C LYS C 223 2.89 -9.23 -90.31
N ALA C 224 2.29 -8.11 -89.93
CA ALA C 224 2.59 -6.85 -90.61
C ALA C 224 4.00 -6.33 -90.33
N LEU C 225 4.47 -6.46 -89.10
CA LEU C 225 5.82 -6.00 -88.75
C LEU C 225 6.90 -6.74 -89.55
N MET C 226 6.80 -8.06 -89.60
CA MET C 226 7.78 -8.84 -90.34
C MET C 226 7.68 -8.53 -91.83
N ALA C 227 6.46 -8.26 -92.32
CA ALA C 227 6.28 -7.94 -93.73
C ALA C 227 7.10 -6.75 -94.15
N THR C 228 7.41 -5.86 -93.20
CA THR C 228 8.24 -4.69 -93.53
C THR C 228 9.68 -5.13 -93.84
N GLU C 229 10.11 -6.25 -93.26
CA GLU C 229 11.46 -6.77 -93.49
C GLU C 229 11.46 -7.77 -94.66
N GLY C 230 10.37 -7.79 -95.42
CA GLY C 230 10.23 -8.68 -96.56
C GLY C 230 10.11 -10.13 -96.12
N VAL C 231 9.66 -10.35 -94.89
CA VAL C 231 9.49 -11.70 -94.38
C VAL C 231 7.99 -12.00 -94.30
N ASN C 232 7.60 -13.20 -94.73
CA ASN C 232 6.20 -13.61 -94.74
C ASN C 232 6.00 -14.67 -93.67
N ILE C 233 5.21 -14.33 -92.65
CA ILE C 233 4.95 -15.27 -91.56
C ILE C 233 3.50 -15.71 -91.53
N ALA C 234 3.23 -16.81 -90.84
CA ALA C 234 1.88 -17.34 -90.75
C ALA C 234 1.73 -18.17 -89.50
N PHE C 235 0.57 -18.05 -88.86
CA PHE C 235 0.33 -18.82 -87.65
C PHE C 235 -0.73 -19.84 -87.99
N THR C 236 -0.57 -21.06 -87.47
CA THR C 236 -1.52 -22.12 -87.70
C THR C 236 -2.47 -22.19 -86.52
N THR C 237 -3.66 -22.72 -86.81
CA THR C 237 -4.69 -22.89 -85.81
C THR C 237 -4.18 -23.56 -84.55
N ASP C 238 -3.32 -24.56 -84.71
CA ASP C 238 -2.78 -25.29 -83.56
C ASP C 238 -1.72 -24.49 -82.79
N ALA C 239 -1.00 -23.62 -83.50
CA ALA C 239 0.02 -22.79 -82.87
C ALA C 239 -0.71 -21.82 -81.91
N VAL C 240 -1.70 -21.12 -82.48
CA VAL C 240 -2.54 -20.19 -81.74
C VAL C 240 -3.08 -20.84 -80.48
N LYS C 241 -3.59 -22.06 -80.61
CA LYS C 241 -4.13 -22.75 -79.44
C LYS C 241 -3.01 -23.06 -78.46
N LYS C 242 -1.79 -23.24 -78.97
CA LYS C 242 -0.64 -23.56 -78.13
C LYS C 242 -0.25 -22.28 -77.36
N ILE C 243 -0.19 -21.18 -78.07
CA ILE C 243 0.14 -19.89 -77.49
C ILE C 243 -0.84 -19.51 -76.37
N ALA C 244 -2.13 -19.63 -76.66
CA ALA C 244 -3.16 -19.27 -75.69
C ALA C 244 -3.15 -20.20 -74.51
N GLU C 245 -2.79 -21.46 -74.75
CA GLU C 245 -2.73 -22.45 -73.68
C GLU C 245 -1.61 -22.11 -72.70
N ALA C 246 -0.45 -21.73 -73.25
CA ALA C 246 0.70 -21.39 -72.43
C ALA C 246 0.42 -20.13 -71.60
N ALA C 247 -0.22 -19.15 -72.22
CA ALA C 247 -0.55 -17.91 -71.52
C ALA C 247 -1.47 -18.20 -70.34
N PHE C 248 -2.48 -19.05 -70.58
CA PHE C 248 -3.44 -19.43 -69.54
C PHE C 248 -2.71 -20.23 -68.46
N ARG C 249 -1.85 -21.12 -68.90
CA ARG C 249 -1.08 -21.98 -68.01
C ARG C 249 -0.25 -21.14 -67.01
N VAL C 250 0.45 -20.14 -67.51
CA VAL C 250 1.26 -19.33 -66.64
C VAL C 250 0.46 -18.38 -65.72
N ASN C 251 -0.65 -17.81 -66.19
CA ASN C 251 -1.44 -16.94 -65.32
C ASN C 251 -1.96 -17.78 -64.17
N GLU C 252 -2.31 -19.03 -64.47
CA GLU C 252 -2.87 -19.93 -63.47
C GLU C 252 -1.83 -20.50 -62.49
N LYS C 253 -0.59 -20.66 -62.93
CA LYS C 253 0.45 -21.21 -62.06
C LYS C 253 1.25 -20.15 -61.32
N THR C 254 1.45 -19.00 -61.95
CA THR C 254 2.19 -17.94 -61.28
C THR C 254 1.26 -16.79 -60.88
N GLU C 255 1.44 -15.63 -61.50
CA GLU C 255 0.61 -14.46 -61.23
C GLU C 255 -0.29 -14.21 -62.43
N ASN C 256 -1.59 -14.17 -62.19
CA ASN C 256 -2.53 -13.94 -63.28
C ASN C 256 -2.57 -12.48 -63.68
N ILE C 257 -2.12 -12.17 -64.90
CA ILE C 257 -2.15 -10.77 -65.32
C ILE C 257 -3.10 -10.56 -66.48
N GLY C 258 -4.01 -11.50 -66.72
CA GLY C 258 -4.95 -11.33 -67.79
C GLY C 258 -4.42 -11.40 -69.22
N ALA C 259 -5.15 -10.80 -70.15
CA ALA C 259 -4.75 -10.85 -71.55
C ALA C 259 -3.34 -10.31 -71.84
N ARG C 260 -2.71 -9.68 -70.85
CA ARG C 260 -1.38 -9.12 -71.04
C ARG C 260 -0.34 -10.21 -71.24
N ARG C 261 -0.61 -11.37 -70.65
CA ARG C 261 0.25 -12.52 -70.77
C ARG C 261 0.50 -12.86 -72.25
N LEU C 262 -0.49 -12.59 -73.08
CA LEU C 262 -0.35 -12.86 -74.51
C LEU C 262 0.77 -12.03 -75.08
N HIS C 263 0.95 -10.82 -74.55
CA HIS C 263 2.02 -9.94 -75.02
C HIS C 263 3.36 -10.48 -74.59
N THR C 264 3.40 -11.02 -73.38
CA THR C 264 4.62 -11.59 -72.84
C THR C 264 4.99 -12.87 -73.55
N VAL C 265 4.02 -13.75 -73.74
CA VAL C 265 4.27 -15.01 -74.40
C VAL C 265 4.66 -14.82 -75.88
N MET C 266 4.00 -13.93 -76.59
CA MET C 266 4.35 -13.67 -77.98
C MET C 266 5.76 -13.10 -78.11
N GLU C 267 6.23 -12.37 -77.11
CA GLU C 267 7.56 -11.79 -77.24
C GLU C 267 8.63 -12.88 -77.18
N ARG C 268 8.50 -13.77 -76.22
CA ARG C 268 9.40 -14.88 -76.07
C ARG C 268 9.37 -15.72 -77.34
N LEU C 269 8.19 -15.83 -77.95
CA LEU C 269 7.99 -16.60 -79.17
C LEU C 269 8.63 -15.96 -80.41
N MET C 270 8.41 -14.67 -80.60
CA MET C 270 8.90 -13.94 -81.79
C MET C 270 10.31 -13.38 -81.68
N ASP C 271 10.95 -13.62 -80.55
CA ASP C 271 12.30 -13.16 -80.27
C ASP C 271 13.29 -13.45 -81.41
N LYS C 272 13.49 -14.74 -81.69
CA LYS C 272 14.42 -15.20 -82.72
C LYS C 272 14.19 -14.58 -84.09
N ILE C 273 12.94 -14.70 -84.56
CA ILE C 273 12.55 -14.18 -85.87
C ILE C 273 12.68 -12.67 -85.96
N SER C 274 12.31 -12.00 -84.88
CA SER C 274 12.38 -10.55 -84.88
C SER C 274 13.81 -10.06 -85.12
N PHE C 275 14.77 -10.72 -84.48
CA PHE C 275 16.15 -10.35 -84.64
C PHE C 275 16.73 -10.71 -86.02
N SER C 276 16.48 -11.93 -86.52
CA SER C 276 16.99 -12.37 -87.82
C SER C 276 16.25 -11.80 -89.03
N ALA C 277 15.02 -11.32 -88.80
CA ALA C 277 14.18 -10.79 -89.87
C ALA C 277 14.86 -10.08 -91.02
N SER C 278 15.75 -9.15 -90.70
CA SER C 278 16.44 -8.41 -91.74
C SER C 278 17.34 -9.28 -92.64
N ASP C 279 17.71 -10.45 -92.14
CA ASP C 279 18.57 -11.38 -92.87
C ASP C 279 17.76 -12.43 -93.64
N MET C 280 16.43 -12.28 -93.65
CA MET C 280 15.59 -13.26 -94.31
C MET C 280 14.65 -12.73 -95.38
N ASN C 281 15.06 -11.68 -96.10
CA ASN C 281 14.21 -11.15 -97.14
C ASN C 281 13.71 -12.28 -98.06
N GLY C 282 12.46 -12.18 -98.53
CA GLY C 282 11.90 -13.19 -99.40
C GLY C 282 11.56 -14.54 -98.76
N GLN C 283 11.90 -14.73 -97.50
CA GLN C 283 11.61 -16.01 -96.84
C GLN C 283 10.18 -16.07 -96.27
N THR C 284 9.80 -17.24 -95.76
CA THR C 284 8.49 -17.39 -95.16
C THR C 284 8.70 -18.20 -93.91
N VAL C 285 8.01 -17.84 -92.84
CA VAL C 285 8.16 -18.57 -91.61
C VAL C 285 6.79 -19.09 -91.27
N ASN C 286 6.75 -20.32 -90.77
CA ASN C 286 5.49 -20.96 -90.44
C ASN C 286 5.41 -21.33 -88.96
N ILE C 287 4.83 -20.47 -88.14
CA ILE C 287 4.72 -20.79 -86.72
C ILE C 287 3.64 -21.84 -86.47
N ASP C 288 4.09 -23.05 -86.14
CA ASP C 288 3.21 -24.19 -85.89
C ASP C 288 3.39 -24.72 -84.47
N ALA C 289 2.58 -25.71 -84.12
CA ALA C 289 2.62 -26.31 -82.79
C ALA C 289 4.05 -26.62 -82.31
N ALA C 290 4.86 -27.22 -83.17
CA ALA C 290 6.21 -27.60 -82.80
C ALA C 290 7.08 -26.38 -82.57
N TYR C 291 7.01 -25.44 -83.50
CA TYR C 291 7.79 -24.22 -83.37
C TYR C 291 7.44 -23.52 -82.04
N VAL C 292 6.15 -23.37 -81.73
CA VAL C 292 5.75 -22.74 -80.48
C VAL C 292 6.32 -23.54 -79.30
N ALA C 293 6.10 -24.84 -79.32
CA ALA C 293 6.58 -25.71 -78.26
C ALA C 293 8.08 -25.55 -78.05
N ASP C 294 8.81 -25.19 -79.12
CA ASP C 294 10.25 -25.02 -79.05
C ASP C 294 10.69 -23.66 -78.50
N ALA C 295 10.04 -22.61 -78.98
CA ALA C 295 10.34 -21.24 -78.58
C ALA C 295 9.96 -20.99 -77.12
N LEU C 296 8.86 -21.60 -76.69
CA LEU C 296 8.41 -21.43 -75.33
C LEU C 296 9.10 -22.46 -74.47
N GLY C 297 9.98 -23.24 -75.13
CA GLY C 297 10.74 -24.30 -74.49
C GLY C 297 10.50 -24.66 -73.03
N GLU C 298 11.57 -24.53 -72.24
CA GLU C 298 11.55 -24.84 -70.82
C GLU C 298 10.35 -24.23 -70.08
N VAL C 299 9.28 -25.00 -69.95
CA VAL C 299 8.09 -24.52 -69.26
C VAL C 299 8.36 -24.48 -67.76
N VAL C 300 9.11 -23.48 -67.33
CA VAL C 300 9.44 -23.32 -65.91
C VAL C 300 8.18 -23.41 -65.05
N GLU C 301 7.94 -24.58 -64.47
CA GLU C 301 6.78 -24.82 -63.63
C GLU C 301 6.88 -24.17 -62.26
N ASN C 302 6.02 -24.61 -61.35
CA ASN C 302 5.96 -24.10 -59.99
C ASN C 302 7.33 -24.03 -59.32
N GLU C 303 7.51 -23.02 -58.46
CA GLU C 303 8.76 -22.85 -57.74
C GLU C 303 8.77 -23.71 -56.47
N ASP C 304 9.66 -23.41 -55.54
CA ASP C 304 9.73 -24.16 -54.30
C ASP C 304 9.49 -23.31 -53.07
N LEU C 305 8.25 -23.33 -52.58
CA LEU C 305 7.89 -22.58 -51.40
C LEU C 305 8.33 -23.40 -50.20
N SER C 306 8.68 -24.66 -50.48
CA SER C 306 9.14 -25.62 -49.47
C SER C 306 10.29 -25.07 -48.64
N ARG C 307 10.94 -24.02 -49.15
CA ARG C 307 12.05 -23.41 -48.45
C ARG C 307 11.52 -22.63 -47.23
N PHE C 308 10.23 -22.37 -47.23
CA PHE C 308 9.60 -21.60 -46.14
C PHE C 308 8.70 -22.44 -45.25
N ILE C 309 8.58 -23.73 -45.56
CA ILE C 309 7.74 -24.64 -44.79
C ILE C 309 8.55 -25.54 -43.86
N LEU C 310 8.00 -25.79 -42.68
CA LEU C 310 8.65 -26.63 -41.69
C LEU C 310 8.39 -28.11 -41.99
N THR D 1 40.16 29.23 54.72
CA THR D 1 39.23 28.13 55.15
C THR D 1 37.78 28.58 55.23
N THR D 2 36.88 27.69 54.81
CA THR D 2 35.46 27.93 54.87
C THR D 2 34.70 26.67 55.32
N ILE D 3 33.83 26.86 56.31
CA ILE D 3 33.04 25.78 56.85
C ILE D 3 31.62 26.27 57.05
N VAL D 4 30.65 25.52 56.56
CA VAL D 4 29.27 25.90 56.68
C VAL D 4 28.42 24.67 56.97
N SER D 5 27.32 24.88 57.68
CA SER D 5 26.39 23.82 58.04
C SER D 5 24.95 24.26 57.91
N VAL D 6 24.14 23.38 57.34
CA VAL D 6 22.71 23.62 57.14
C VAL D 6 21.90 22.46 57.68
N ARG D 7 20.78 22.78 58.32
CA ARG D 7 19.92 21.76 58.89
C ARG D 7 18.49 21.97 58.40
N ARG D 8 18.00 21.07 57.55
CA ARG D 8 16.63 21.17 57.07
C ARG D 8 16.13 19.79 56.63
N ASN D 9 14.82 19.56 56.82
CA ASN D 9 14.18 18.30 56.46
C ASN D 9 14.69 17.10 57.26
N GLY D 10 15.02 17.34 58.52
CA GLY D 10 15.53 16.27 59.37
C GLY D 10 16.91 15.80 58.92
N GLN D 11 17.63 16.68 58.23
CA GLN D 11 18.97 16.36 57.74
C GLN D 11 19.98 17.42 58.19
N VAL D 12 21.14 16.97 58.63
CA VAL D 12 22.18 17.90 59.08
C VAL D 12 23.45 17.66 58.29
N VAL D 13 23.97 18.74 57.71
CA VAL D 13 25.17 18.68 56.91
C VAL D 13 26.20 19.69 57.42
N VAL D 14 27.48 19.36 57.22
CA VAL D 14 28.59 20.22 57.61
C VAL D 14 29.71 19.94 56.63
N GLY D 15 30.11 20.94 55.86
CA GLY D 15 31.18 20.74 54.89
C GLY D 15 32.19 21.86 54.89
N GLY D 16 33.31 21.64 54.22
CA GLY D 16 34.35 22.65 54.15
C GLY D 16 35.34 22.40 53.03
N ASP D 17 36.15 23.42 52.73
CA ASP D 17 37.15 23.36 51.68
C ASP D 17 38.35 22.50 52.07
N GLY D 18 39.39 22.51 51.26
CA GLY D 18 40.56 21.71 51.54
C GLY D 18 41.89 22.44 51.45
N GLN D 19 41.85 23.74 51.17
CA GLN D 19 43.07 24.50 51.03
C GLN D 19 43.78 24.84 52.34
N VAL D 20 45.05 24.47 52.44
CA VAL D 20 45.88 24.75 53.59
C VAL D 20 46.95 25.72 53.06
N SER D 21 46.97 26.94 53.56
CA SER D 21 47.92 27.92 53.09
C SER D 21 48.83 28.48 54.15
N LEU D 22 50.10 28.59 53.77
CA LEU D 22 51.15 29.14 54.63
C LEU D 22 51.45 30.51 54.05
N GLY D 23 50.95 31.54 54.72
CA GLY D 23 51.16 32.88 54.22
C GLY D 23 50.31 33.03 52.98
N ASN D 24 50.91 33.53 51.90
CA ASN D 24 50.18 33.72 50.65
C ASN D 24 50.46 32.60 49.66
N THR D 25 50.94 31.47 50.16
CA THR D 25 51.23 30.33 49.31
C THR D 25 50.46 29.12 49.82
N VAL D 26 49.96 28.31 48.91
CA VAL D 26 49.23 27.11 49.27
C VAL D 26 50.22 26.00 49.55
N MET D 27 49.85 25.09 50.46
CA MET D 27 50.73 24.00 50.82
C MET D 27 50.09 22.68 50.43
N LYS D 28 48.80 22.58 50.72
CA LYS D 28 48.01 21.40 50.43
C LYS D 28 46.61 21.84 50.04
N GLY D 29 46.00 21.15 49.10
CA GLY D 29 44.66 21.52 48.69
C GLY D 29 43.64 20.43 48.95
N ASN D 30 44.08 19.36 49.61
CA ASN D 30 43.20 18.23 49.88
C ASN D 30 43.04 17.89 51.36
N ALA D 31 42.91 18.90 52.21
CA ALA D 31 42.76 18.65 53.64
C ALA D 31 41.31 18.38 54.04
N ARG D 32 41.12 17.51 55.04
CA ARG D 32 39.78 17.19 55.52
C ARG D 32 39.52 18.00 56.80
N LYS D 33 38.78 19.09 56.65
CA LYS D 33 38.49 19.99 57.76
C LYS D 33 37.20 19.67 58.46
N VAL D 34 36.55 18.57 58.06
CA VAL D 34 35.28 18.14 58.67
C VAL D 34 35.42 16.66 58.97
N ARG D 35 35.15 16.27 60.22
CA ARG D 35 35.29 14.87 60.61
C ARG D 35 34.21 14.41 61.58
N ARG D 36 34.08 13.10 61.72
CA ARG D 36 33.06 12.52 62.61
C ARG D 36 33.64 12.12 63.97
N LEU D 37 32.90 12.46 65.02
CA LEU D 37 33.29 12.17 66.39
C LEU D 37 32.26 11.30 67.09
N TYR D 38 32.63 10.82 68.28
CA TYR D 38 31.77 9.98 69.12
C TYR D 38 31.05 8.88 68.35
N ASN D 39 31.79 7.84 67.98
CA ASN D 39 31.22 6.71 67.25
C ASN D 39 30.58 7.23 65.98
N GLY D 40 31.19 8.25 65.38
CA GLY D 40 30.69 8.83 64.16
C GLY D 40 29.24 9.29 64.19
N LYS D 41 28.82 9.85 65.32
CA LYS D 41 27.44 10.33 65.44
C LYS D 41 27.32 11.83 65.68
N VAL D 42 28.44 12.54 65.54
CA VAL D 42 28.47 14.00 65.68
C VAL D 42 29.43 14.58 64.67
N LEU D 43 28.98 15.60 63.96
CA LEU D 43 29.81 16.24 62.94
C LEU D 43 30.59 17.43 63.50
N ALA D 44 31.84 17.56 63.08
CA ALA D 44 32.68 18.65 63.54
C ALA D 44 33.57 19.18 62.42
N GLY D 45 33.59 20.50 62.26
CA GLY D 45 34.41 21.16 61.25
C GLY D 45 35.20 22.27 61.92
N PHE D 46 36.46 22.43 61.57
CA PHE D 46 37.30 23.44 62.21
C PHE D 46 38.01 24.45 61.31
N ALA D 47 38.31 25.60 61.89
CA ALA D 47 38.99 26.67 61.16
C ALA D 47 39.98 27.42 62.05
N GLY D 48 41.04 27.95 61.43
CA GLY D 48 42.02 28.71 62.18
C GLY D 48 43.39 28.08 62.12
N GLY D 49 44.19 28.31 63.15
CA GLY D 49 45.52 27.74 63.19
C GLY D 49 45.44 26.23 63.10
N THR D 50 46.20 25.65 62.17
CA THR D 50 46.21 24.21 61.98
C THR D 50 46.38 23.44 63.30
N ALA D 51 47.32 23.88 64.13
CA ALA D 51 47.56 23.21 65.40
C ALA D 51 46.49 23.57 66.42
N ASP D 52 46.13 24.84 66.50
CA ASP D 52 45.09 25.26 67.45
C ASP D 52 43.75 24.60 67.16
N ALA D 53 43.41 24.45 65.90
CA ALA D 53 42.17 23.81 65.49
C ALA D 53 42.11 22.35 66.01
N PHE D 54 43.15 21.58 65.69
CA PHE D 54 43.21 20.17 66.13
C PHE D 54 43.13 20.02 67.65
N THR D 55 43.79 20.92 68.37
CA THR D 55 43.74 20.85 69.82
C THR D 55 42.35 21.25 70.34
N LEU D 56 41.65 22.14 69.64
CA LEU D 56 40.30 22.54 70.05
C LEU D 56 39.38 21.35 69.81
N PHE D 57 39.58 20.72 68.66
CA PHE D 57 38.82 19.55 68.25
C PHE D 57 39.03 18.45 69.28
N GLU D 58 40.29 18.07 69.48
CA GLU D 58 40.64 17.02 70.43
C GLU D 58 40.07 17.27 71.82
N LEU D 59 40.26 18.47 72.34
CA LEU D 59 39.74 18.81 73.66
C LEU D 59 38.24 18.55 73.72
N PHE D 60 37.52 18.90 72.66
CA PHE D 60 36.06 18.69 72.62
C PHE D 60 35.70 17.22 72.62
N GLU D 61 36.46 16.43 71.87
CA GLU D 61 36.20 15.00 71.79
C GLU D 61 36.30 14.33 73.16
N ARG D 62 37.30 14.73 73.94
CA ARG D 62 37.46 14.16 75.27
C ARG D 62 36.19 14.44 76.07
N LYS D 63 35.60 15.61 75.83
CA LYS D 63 34.38 15.98 76.54
C LYS D 63 33.23 15.03 76.21
N LEU D 64 32.89 14.94 74.93
CA LEU D 64 31.82 14.05 74.49
C LEU D 64 31.95 12.69 75.18
N GLU D 65 33.18 12.22 75.33
CA GLU D 65 33.48 10.95 75.96
C GLU D 65 33.15 10.92 77.45
N MET D 66 33.38 12.03 78.15
CA MET D 66 33.10 12.09 79.59
C MET D 66 31.63 12.31 79.91
N HIS D 67 30.82 12.41 78.87
CA HIS D 67 29.38 12.59 79.01
C HIS D 67 28.77 11.55 78.09
N GLN D 68 27.45 11.50 77.97
CA GLN D 68 26.86 10.50 77.10
C GLN D 68 26.88 11.00 75.67
N GLY D 69 27.88 11.82 75.38
CA GLY D 69 28.02 12.37 74.04
C GLY D 69 27.03 13.49 73.73
N HIS D 70 26.53 14.14 74.77
CA HIS D 70 25.56 15.24 74.61
C HIS D 70 26.26 16.51 74.15
N LEU D 71 25.98 16.89 72.90
CA LEU D 71 26.58 18.06 72.28
C LEU D 71 26.54 19.32 73.14
N LEU D 72 25.34 19.74 73.53
CA LEU D 72 25.20 20.93 74.34
C LEU D 72 26.02 20.87 75.62
N LYS D 73 25.69 19.93 76.49
CA LYS D 73 26.42 19.81 77.75
C LYS D 73 27.93 19.83 77.53
N SER D 74 28.39 19.07 76.54
CA SER D 74 29.82 19.01 76.26
C SER D 74 30.37 20.38 75.91
N ALA D 75 29.69 21.08 75.00
CA ALA D 75 30.14 22.40 74.60
C ALA D 75 30.25 23.32 75.82
N VAL D 76 29.25 23.30 76.69
CA VAL D 76 29.23 24.13 77.89
C VAL D 76 30.34 23.82 78.87
N GLU D 77 30.69 22.54 79.03
CA GLU D 77 31.75 22.18 79.96
C GLU D 77 33.12 22.57 79.41
N LEU D 78 33.31 22.40 78.11
CA LEU D 78 34.57 22.78 77.49
C LEU D 78 34.79 24.29 77.65
N ALA D 79 33.73 25.06 77.39
CA ALA D 79 33.80 26.53 77.48
C ALA D 79 34.04 26.99 78.91
N LYS D 80 33.59 26.19 79.88
CA LYS D 80 33.75 26.50 81.29
C LYS D 80 35.23 26.54 81.69
N ASP D 81 36.06 25.79 80.98
CA ASP D 81 37.49 25.74 81.26
C ASP D 81 38.20 27.06 80.94
N TRP D 82 37.49 27.97 80.30
CA TRP D 82 38.06 29.27 79.99
C TRP D 82 37.48 30.31 80.94
N ARG D 83 36.37 29.97 81.60
CA ARG D 83 35.72 30.89 82.52
C ARG D 83 36.11 30.70 83.98
N THR D 84 37.41 30.59 84.23
CA THR D 84 37.91 30.41 85.59
C THR D 84 39.17 31.25 85.79
N ASP D 85 39.81 31.10 86.94
CA ASP D 85 41.03 31.87 87.22
C ASP D 85 42.19 31.31 86.41
N ARG D 86 42.34 29.99 86.41
CA ARG D 86 43.40 29.35 85.65
C ARG D 86 43.19 29.70 84.19
N ALA D 87 43.86 30.76 83.75
CA ALA D 87 43.75 31.24 82.38
C ALA D 87 44.16 30.18 81.36
N LEU D 88 43.30 29.18 81.16
CA LEU D 88 43.56 28.12 80.20
C LEU D 88 43.90 28.82 78.88
N ARG D 89 45.13 28.64 78.41
CA ARG D 89 45.57 29.30 77.18
C ARG D 89 44.48 29.29 76.12
N LYS D 90 44.35 30.38 75.39
CA LYS D 90 43.34 30.47 74.36
C LYS D 90 43.85 29.93 73.04
N LEU D 91 42.94 29.34 72.27
CA LEU D 91 43.28 28.77 70.98
C LEU D 91 42.70 29.62 69.87
N GLU D 92 43.51 29.91 68.85
CA GLU D 92 43.07 30.73 67.73
C GLU D 92 42.40 29.86 66.68
N ALA D 93 41.25 29.31 67.03
CA ALA D 93 40.53 28.43 66.11
C ALA D 93 39.06 28.41 66.49
N MET D 94 38.25 27.83 65.61
CA MET D 94 36.82 27.72 65.86
C MET D 94 36.28 26.37 65.37
N LEU D 95 35.23 25.90 66.04
CA LEU D 95 34.60 24.64 65.67
C LEU D 95 33.10 24.77 65.45
N ILE D 96 32.61 24.00 64.49
CA ILE D 96 31.20 23.90 64.18
C ILE D 96 30.90 22.44 64.49
N VAL D 97 29.97 22.22 65.41
CA VAL D 97 29.59 20.87 65.79
C VAL D 97 28.09 20.68 65.71
N ALA D 98 27.67 19.52 65.22
CA ALA D 98 26.26 19.23 65.10
C ALA D 98 25.93 17.74 65.15
N ASP D 99 24.65 17.45 65.32
CA ASP D 99 24.14 16.09 65.36
C ASP D 99 22.64 16.13 65.15
N GLU D 100 21.96 15.03 65.38
CA GLU D 100 20.51 14.95 65.19
C GLU D 100 19.69 15.96 65.99
N LYS D 101 20.30 16.59 66.98
CA LYS D 101 19.57 17.53 67.83
C LYS D 101 19.91 19.01 67.65
N GLU D 102 21.18 19.36 67.86
CA GLU D 102 21.60 20.74 67.75
C GLU D 102 22.85 20.98 66.92
N SER D 103 23.11 22.26 66.68
CA SER D 103 24.25 22.73 65.93
C SER D 103 24.82 23.92 66.71
N LEU D 104 26.13 23.90 66.93
CA LEU D 104 26.79 24.94 67.67
C LEU D 104 28.13 25.28 67.07
N ILE D 105 28.62 26.47 67.43
CA ILE D 105 29.95 26.88 67.02
C ILE D 105 30.63 27.20 68.35
N ILE D 106 31.84 26.66 68.52
CA ILE D 106 32.62 26.85 69.74
C ILE D 106 33.94 27.51 69.39
N THR D 107 34.38 28.47 70.19
CA THR D 107 35.64 29.15 69.91
C THR D 107 36.73 28.86 70.93
N GLY D 108 37.98 29.02 70.50
CA GLY D 108 39.10 28.77 71.38
C GLY D 108 39.28 29.82 72.46
N ILE D 109 38.30 30.70 72.61
CA ILE D 109 38.39 31.73 73.63
C ILE D 109 37.42 31.38 74.77
N GLY D 110 36.53 30.43 74.51
CA GLY D 110 35.60 30.00 75.55
C GLY D 110 34.13 30.35 75.54
N ASP D 111 33.51 30.35 74.37
CA ASP D 111 32.07 30.63 74.32
C ASP D 111 31.34 29.77 73.29
N VAL D 112 30.09 29.44 73.59
CA VAL D 112 29.28 28.63 72.68
C VAL D 112 28.13 29.44 72.15
N VAL D 113 27.86 29.32 70.86
CA VAL D 113 26.77 30.07 70.27
C VAL D 113 25.91 29.18 69.40
N GLN D 114 24.60 29.43 69.46
CA GLN D 114 23.64 28.66 68.67
C GLN D 114 23.19 29.46 67.46
N PRO D 115 22.66 28.78 66.42
CA PRO D 115 22.19 29.39 65.18
C PRO D 115 21.31 30.64 65.35
N GLU D 116 20.17 30.65 64.69
CA GLU D 116 19.25 31.78 64.78
C GLU D 116 17.82 31.38 64.47
N GLU D 117 17.67 30.55 63.44
CA GLU D 117 16.34 30.10 63.03
C GLU D 117 16.48 29.18 61.84
N ASP D 118 17.21 29.63 60.82
CA ASP D 118 17.41 28.85 59.61
C ASP D 118 18.45 27.77 59.82
N GLN D 119 18.90 27.62 61.07
CA GLN D 119 19.90 26.62 61.39
C GLN D 119 21.04 26.63 60.40
N ILE D 120 21.79 27.74 60.40
CA ILE D 120 22.94 27.87 59.52
C ILE D 120 24.13 28.43 60.31
N LEU D 121 25.27 27.76 60.18
CA LEU D 121 26.48 28.20 60.85
C LEU D 121 27.58 28.26 59.79
N ALA D 122 28.57 29.10 60.03
CA ALA D 122 29.69 29.21 59.11
C ALA D 122 30.86 29.93 59.78
N ILE D 123 32.05 29.37 59.63
CA ILE D 123 33.24 29.97 60.23
C ILE D 123 34.40 29.92 59.25
N GLY D 124 35.43 30.70 59.54
CA GLY D 124 36.59 30.75 58.68
C GLY D 124 36.60 32.07 57.93
N SER D 125 37.66 32.32 57.17
CA SER D 125 37.79 33.55 56.40
C SER D 125 36.69 33.65 55.35
N GLY D 126 36.38 32.52 54.73
CA GLY D 126 35.32 32.49 53.73
C GLY D 126 33.93 32.26 54.28
N GLY D 127 33.81 32.15 55.59
CA GLY D 127 32.52 31.90 56.22
C GLY D 127 31.32 32.72 55.76
N ASN D 128 31.36 34.02 55.97
CA ASN D 128 30.24 34.87 55.59
C ASN D 128 29.85 34.86 54.12
N TYR D 129 30.74 34.36 53.27
CA TYR D 129 30.44 34.28 51.84
C TYR D 129 29.53 33.08 51.61
N ALA D 130 29.85 31.96 52.27
CA ALA D 130 29.03 30.76 52.13
C ALA D 130 27.72 30.99 52.88
N LEU D 131 27.81 31.78 53.95
CA LEU D 131 26.67 32.09 54.80
C LEU D 131 25.55 32.78 54.03
N SER D 132 25.92 33.78 53.23
CA SER D 132 24.94 34.52 52.44
C SER D 132 24.32 33.63 51.39
N ALA D 133 25.17 32.95 50.63
CA ALA D 133 24.68 32.07 49.59
C ALA D 133 23.71 31.05 50.19
N ALA D 134 23.97 30.63 51.42
CA ALA D 134 23.10 29.67 52.07
C ALA D 134 21.80 30.27 52.56
N ARG D 135 21.86 31.42 53.24
CA ARG D 135 20.64 32.06 53.72
C ARG D 135 19.74 32.25 52.51
N ALA D 136 20.33 32.75 51.44
CA ALA D 136 19.63 32.99 50.19
C ALA D 136 18.98 31.71 49.69
N LEU D 137 19.79 30.66 49.58
CA LEU D 137 19.32 29.38 49.10
C LEU D 137 18.22 28.79 49.98
N VAL D 138 18.27 29.04 51.28
CA VAL D 138 17.28 28.50 52.20
C VAL D 138 15.95 29.25 52.22
N GLU D 139 15.98 30.56 51.99
CA GLU D 139 14.78 31.36 52.02
C GLU D 139 14.15 31.56 50.66
N ASN D 140 14.65 30.81 49.66
CA ASN D 140 14.12 30.94 48.31
C ASN D 140 14.25 29.67 47.47
N THR D 141 14.55 28.55 48.11
CA THR D 141 14.70 27.31 47.35
C THR D 141 14.18 26.10 48.11
N GLU D 142 14.13 24.95 47.44
CA GLU D 142 13.66 23.71 48.05
C GLU D 142 14.81 22.72 48.05
N LEU D 143 16.00 23.23 47.74
CA LEU D 143 17.20 22.41 47.68
C LEU D 143 17.53 21.75 49.02
N SER D 144 18.02 20.52 48.94
CA SER D 144 18.41 19.74 50.10
C SER D 144 19.48 20.48 50.90
N ALA D 145 19.64 20.10 52.17
CA ALA D 145 20.65 20.73 53.01
C ALA D 145 22.02 20.33 52.46
N HIS D 146 22.09 19.15 51.84
CA HIS D 146 23.34 18.69 51.28
C HIS D 146 23.71 19.46 50.02
N GLU D 147 22.69 19.86 49.26
CA GLU D 147 22.90 20.62 48.03
C GLU D 147 23.31 22.06 48.35
N ILE D 148 22.64 22.65 49.34
CA ILE D 148 22.93 24.02 49.74
C ILE D 148 24.38 24.16 50.20
N VAL D 149 24.84 23.22 51.02
CA VAL D 149 26.21 23.25 51.51
C VAL D 149 27.25 23.25 50.40
N GLU D 150 27.14 22.30 49.47
CA GLU D 150 28.07 22.19 48.36
C GLU D 150 28.03 23.45 47.49
N LYS D 151 26.82 23.93 47.20
CA LYS D 151 26.70 25.11 46.36
C LYS D 151 27.28 26.38 47.00
N SER D 152 27.06 26.57 48.30
CA SER D 152 27.57 27.74 49.01
C SER D 152 29.09 27.69 49.19
N LEU D 153 29.61 26.49 49.45
CA LEU D 153 31.05 26.35 49.63
C LEU D 153 31.73 26.76 48.35
N ARG D 154 31.23 26.25 47.23
CA ARG D 154 31.79 26.58 45.93
C ARG D 154 31.83 28.09 45.74
N ILE D 155 30.69 28.74 45.99
CA ILE D 155 30.60 30.18 45.87
C ILE D 155 31.69 30.82 46.72
N ALA D 156 31.67 30.55 48.02
CA ALA D 156 32.67 31.10 48.92
C ALA D 156 34.07 30.94 48.35
N GLY D 157 34.35 29.76 47.80
CA GLY D 157 35.66 29.47 47.25
C GLY D 157 36.11 30.34 46.10
N ASP D 158 35.13 30.83 45.34
CA ASP D 158 35.39 31.69 44.19
C ASP D 158 35.60 33.14 44.61
N ILE D 159 35.51 33.39 45.91
CA ILE D 159 35.68 34.75 46.42
C ILE D 159 36.89 34.89 47.35
N CYS D 160 37.07 33.94 48.26
CA CYS D 160 38.17 33.96 49.21
C CYS D 160 39.40 33.25 48.65
N VAL D 161 40.56 33.89 48.74
CA VAL D 161 41.78 33.28 48.21
C VAL D 161 42.30 32.12 49.03
N PHE D 162 41.80 31.99 50.26
CA PHE D 162 42.24 30.92 51.16
C PHE D 162 41.25 29.76 51.22
N THR D 163 40.31 29.74 50.28
CA THR D 163 39.30 28.72 50.19
C THR D 163 39.30 28.13 48.79
N ASN D 164 39.56 26.82 48.68
CA ASN D 164 39.60 26.17 47.38
C ASN D 164 38.32 25.39 47.10
N THR D 165 38.36 24.52 46.09
CA THR D 165 37.21 23.74 45.67
C THR D 165 37.22 22.27 46.05
N ASN D 166 38.19 21.86 46.87
CA ASN D 166 38.29 20.45 47.28
C ASN D 166 37.51 20.25 48.59
N PHE D 167 36.20 20.06 48.46
CA PHE D 167 35.31 19.90 49.61
C PHE D 167 35.29 18.53 50.28
N THR D 168 34.77 18.52 51.50
CA THR D 168 34.62 17.33 52.31
C THR D 168 33.30 17.55 53.03
N ILE D 169 32.24 16.93 52.51
CA ILE D 169 30.93 17.11 53.11
C ILE D 169 30.42 15.90 53.87
N GLU D 170 30.07 16.14 55.14
CA GLU D 170 29.55 15.08 55.99
C GLU D 170 28.13 15.43 56.37
N GLU D 171 27.26 14.44 56.34
CA GLU D 171 25.87 14.64 56.72
C GLU D 171 25.48 13.53 57.68
N LEU D 172 24.54 13.82 58.56
CA LEU D 172 24.06 12.83 59.52
C LEU D 172 22.69 12.33 59.13
N PRO D 173 22.62 11.11 58.59
CA PRO D 173 21.34 10.52 58.19
C PRO D 173 20.34 10.72 59.31
N ASN D 174 20.59 10.16 60.40
N THR E 1 -21.79 -9.91 -9.47
CA THR E 1 -22.80 -9.46 -10.46
C THR E 1 -23.42 -10.62 -11.25
N THR E 2 -24.69 -10.44 -11.60
CA THR E 2 -25.40 -11.43 -12.40
C THR E 2 -26.36 -10.73 -13.36
N ILE E 3 -26.28 -11.09 -14.62
CA ILE E 3 -27.15 -10.54 -15.65
C ILE E 3 -27.73 -11.73 -16.39
N VAL E 4 -29.06 -11.82 -16.45
CA VAL E 4 -29.71 -12.93 -17.14
C VAL E 4 -30.76 -12.43 -18.12
N SER E 5 -30.87 -13.13 -19.25
CA SER E 5 -31.84 -12.78 -20.29
C SER E 5 -32.64 -13.98 -20.80
N VAL E 6 -33.96 -13.82 -20.88
CA VAL E 6 -34.86 -14.88 -21.36
C VAL E 6 -35.88 -14.39 -22.38
N ARG E 7 -36.05 -15.18 -23.44
CA ARG E 7 -36.98 -14.85 -24.53
C ARG E 7 -38.12 -15.88 -24.58
N ARG E 8 -39.36 -15.42 -24.49
CA ARG E 8 -40.50 -16.35 -24.53
C ARG E 8 -41.82 -15.69 -24.86
N ASN E 9 -42.58 -16.32 -25.74
CA ASN E 9 -43.90 -15.81 -26.16
C ASN E 9 -43.87 -14.35 -26.60
N GLY E 10 -43.03 -14.04 -27.59
CA GLY E 10 -42.95 -12.68 -28.09
C GLY E 10 -42.53 -11.65 -27.04
N GLN E 11 -41.95 -12.13 -25.95
CA GLN E 11 -41.48 -11.27 -24.88
C GLN E 11 -39.99 -11.50 -24.67
N VAL E 12 -39.23 -10.41 -24.63
CA VAL E 12 -37.79 -10.50 -24.44
C VAL E 12 -37.44 -9.74 -23.17
N VAL E 13 -36.77 -10.42 -22.25
CA VAL E 13 -36.40 -9.80 -20.98
C VAL E 13 -34.92 -9.92 -20.65
N VAL E 14 -34.44 -8.93 -19.92
CA VAL E 14 -33.06 -8.87 -19.46
C VAL E 14 -33.08 -8.24 -18.07
N GLY E 15 -32.59 -8.99 -17.09
CA GLY E 15 -32.59 -8.48 -15.73
C GLY E 15 -31.23 -8.58 -15.07
N GLY E 16 -31.04 -7.83 -13.98
CA GLY E 16 -29.78 -7.86 -13.26
C GLY E 16 -29.87 -7.35 -11.83
N ASP E 17 -28.90 -7.72 -11.00
CA ASP E 17 -28.88 -7.28 -9.60
C ASP E 17 -28.24 -5.90 -9.54
N GLY E 18 -28.10 -5.35 -8.35
CA GLY E 18 -27.51 -4.02 -8.25
C GLY E 18 -26.33 -3.84 -7.34
N GLN E 19 -25.65 -4.93 -7.02
CA GLN E 19 -24.50 -4.85 -6.14
C GLN E 19 -23.17 -4.49 -6.82
N VAL E 20 -22.50 -3.48 -6.27
CA VAL E 20 -21.19 -3.04 -6.76
C VAL E 20 -20.19 -3.34 -5.65
N SER E 21 -19.12 -4.05 -5.98
CA SER E 21 -18.15 -4.44 -4.97
C SER E 21 -16.71 -4.04 -5.23
N LEU E 22 -16.03 -3.59 -4.17
CA LEU E 22 -14.63 -3.22 -4.23
C LEU E 22 -13.95 -4.29 -3.37
N GLY E 23 -13.30 -5.24 -4.02
CA GLY E 23 -12.68 -6.31 -3.27
C GLY E 23 -13.79 -7.15 -2.66
N ASN E 24 -13.68 -7.41 -1.36
CA ASN E 24 -14.69 -8.20 -0.66
C ASN E 24 -15.64 -7.32 0.15
N THR E 25 -15.70 -6.04 -0.20
CA THR E 25 -16.59 -5.10 0.48
C THR E 25 -17.59 -4.58 -0.53
N VAL E 26 -18.71 -4.07 -0.05
CA VAL E 26 -19.74 -3.57 -0.94
C VAL E 26 -19.85 -2.06 -0.88
N MET E 27 -19.81 -1.43 -2.06
CA MET E 27 -19.90 0.02 -2.18
C MET E 27 -21.34 0.46 -2.31
N LYS E 28 -21.95 0.10 -3.43
CA LYS E 28 -23.34 0.45 -3.71
C LYS E 28 -24.16 -0.84 -3.88
N GLY E 29 -25.44 -0.79 -3.54
CA GLY E 29 -26.29 -1.95 -3.67
C GLY E 29 -27.50 -1.74 -4.57
N ASN E 30 -27.62 -0.53 -5.13
CA ASN E 30 -28.75 -0.22 -5.99
C ASN E 30 -28.40 0.18 -7.43
N ALA E 31 -27.29 -0.32 -7.95
CA ALA E 31 -26.87 0.01 -9.31
C ALA E 31 -27.76 -0.59 -10.39
N ARG E 32 -27.94 0.13 -11.50
CA ARG E 32 -28.74 -0.35 -12.62
C ARG E 32 -27.78 -0.90 -13.67
N LYS E 33 -27.72 -2.22 -13.79
CA LYS E 33 -26.82 -2.87 -14.74
C LYS E 33 -27.46 -3.18 -16.08
N VAL E 34 -28.75 -2.87 -16.20
CA VAL E 34 -29.47 -3.07 -17.46
C VAL E 34 -30.08 -1.75 -17.86
N ARG E 35 -29.87 -1.36 -19.11
CA ARG E 35 -30.36 -0.08 -19.59
C ARG E 35 -30.87 -0.23 -21.01
N ARG E 36 -31.63 0.77 -21.46
CA ARG E 36 -32.19 0.73 -22.81
C ARG E 36 -31.37 1.60 -23.75
N LEU E 37 -31.19 1.13 -24.98
CA LEU E 37 -30.43 1.85 -26.00
C LEU E 37 -31.29 2.14 -27.23
N TYR E 38 -30.70 2.83 -28.20
CA TYR E 38 -31.35 3.19 -29.48
C TYR E 38 -32.83 3.53 -29.40
N ASN E 39 -33.15 4.64 -28.75
CA ASN E 39 -34.54 5.09 -28.61
C ASN E 39 -35.30 4.23 -27.61
N GLY E 40 -34.82 3.01 -27.40
CA GLY E 40 -35.46 2.11 -26.46
C GLY E 40 -35.84 0.78 -27.07
N LYS E 41 -35.50 0.57 -28.34
CA LYS E 41 -35.82 -0.68 -29.02
C LYS E 41 -34.78 -1.78 -28.79
N VAL E 42 -33.85 -1.50 -27.88
CA VAL E 42 -32.81 -2.47 -27.55
C VAL E 42 -32.48 -2.43 -26.06
N LEU E 43 -32.21 -3.61 -25.49
CA LEU E 43 -31.89 -3.73 -24.09
C LEU E 43 -30.48 -4.25 -23.94
N ALA E 44 -29.79 -3.80 -22.90
CA ALA E 44 -28.41 -4.24 -22.67
C ALA E 44 -28.02 -4.24 -21.21
N GLY E 45 -27.39 -5.34 -20.80
CA GLY E 45 -26.92 -5.47 -19.44
C GLY E 45 -25.43 -5.78 -19.47
N PHE E 46 -24.69 -5.28 -18.49
CA PHE E 46 -23.26 -5.51 -18.45
C PHE E 46 -22.79 -6.09 -17.13
N ALA E 47 -21.63 -6.74 -17.17
CA ALA E 47 -21.04 -7.33 -15.98
C ALA E 47 -19.52 -7.28 -16.08
N GLY E 48 -18.86 -7.35 -14.94
CA GLY E 48 -17.41 -7.32 -14.90
C GLY E 48 -16.93 -5.99 -14.36
N GLY E 49 -15.75 -5.58 -14.78
CA GLY E 49 -15.20 -4.31 -14.33
C GLY E 49 -16.11 -3.17 -14.76
N THR E 50 -16.43 -2.29 -13.82
CA THR E 50 -17.32 -1.16 -14.10
C THR E 50 -16.82 -0.24 -15.21
N ALA E 51 -15.62 0.31 -15.04
CA ALA E 51 -15.09 1.20 -16.05
C ALA E 51 -15.17 0.53 -17.42
N ASP E 52 -14.53 -0.63 -17.56
CA ASP E 52 -14.53 -1.36 -18.81
C ASP E 52 -15.94 -1.67 -19.32
N ALA E 53 -16.84 -2.06 -18.44
CA ALA E 53 -18.21 -2.38 -18.85
C ALA E 53 -18.90 -1.18 -19.48
N PHE E 54 -18.72 0.00 -18.89
CA PHE E 54 -19.34 1.18 -19.45
C PHE E 54 -18.78 1.53 -20.82
N THR E 55 -17.49 1.32 -21.02
CA THR E 55 -16.91 1.64 -22.32
C THR E 55 -17.35 0.59 -23.35
N LEU E 56 -17.52 -0.65 -22.92
CA LEU E 56 -17.97 -1.71 -23.83
C LEU E 56 -19.38 -1.32 -24.28
N PHE E 57 -20.18 -0.92 -23.30
CA PHE E 57 -21.55 -0.49 -23.51
C PHE E 57 -21.64 0.73 -24.41
N GLU E 58 -20.82 1.74 -24.13
CA GLU E 58 -20.81 2.97 -24.91
C GLU E 58 -20.27 2.75 -26.32
N LEU E 59 -19.36 1.80 -26.47
CA LEU E 59 -18.80 1.49 -27.79
C LEU E 59 -19.88 0.85 -28.66
N PHE E 60 -20.64 -0.05 -28.06
CA PHE E 60 -21.70 -0.72 -28.79
C PHE E 60 -22.80 0.27 -29.17
N GLU E 61 -23.08 1.22 -28.29
CA GLU E 61 -24.11 2.20 -28.59
C GLU E 61 -23.75 2.97 -29.85
N ARG E 62 -22.52 3.50 -29.90
CA ARG E 62 -22.07 4.25 -31.05
C ARG E 62 -22.33 3.46 -32.32
N LYS E 63 -22.02 2.17 -32.27
CA LYS E 63 -22.20 1.27 -33.40
C LYS E 63 -23.66 1.14 -33.85
N LEU E 64 -24.57 0.96 -32.90
CA LEU E 64 -25.99 0.83 -33.23
C LEU E 64 -26.52 2.07 -33.93
N GLU E 65 -25.99 3.23 -33.55
CA GLU E 65 -26.40 4.50 -34.13
C GLU E 65 -25.92 4.62 -35.57
N MET E 66 -24.83 3.94 -35.90
CA MET E 66 -24.31 4.01 -37.25
C MET E 66 -24.90 2.95 -38.17
N HIS E 67 -25.68 2.03 -37.59
CA HIS E 67 -26.29 0.98 -38.38
C HIS E 67 -27.78 0.81 -38.17
N GLN E 68 -28.48 1.94 -38.12
CA GLN E 68 -29.93 1.96 -37.96
C GLN E 68 -30.40 0.98 -36.91
N GLY E 69 -29.52 0.67 -35.95
CA GLY E 69 -29.87 -0.26 -34.90
C GLY E 69 -29.94 -1.75 -35.25
N HIS E 70 -29.21 -2.19 -36.27
CA HIS E 70 -29.24 -3.61 -36.61
C HIS E 70 -28.40 -4.38 -35.59
N LEU E 71 -29.05 -4.79 -34.50
CA LEU E 71 -28.40 -5.53 -33.42
C LEU E 71 -27.27 -6.42 -33.93
N LEU E 72 -27.66 -7.45 -34.66
CA LEU E 72 -26.71 -8.39 -35.21
C LEU E 72 -25.54 -7.71 -35.92
N LYS E 73 -25.82 -6.79 -36.84
CA LYS E 73 -24.73 -6.14 -37.57
C LYS E 73 -23.87 -5.28 -36.67
N SER E 74 -24.49 -4.55 -35.76
CA SER E 74 -23.74 -3.71 -34.83
C SER E 74 -22.78 -4.58 -34.02
N ALA E 75 -23.27 -5.72 -33.54
CA ALA E 75 -22.44 -6.64 -32.77
C ALA E 75 -21.22 -7.07 -33.58
N VAL E 76 -21.47 -7.57 -34.78
CA VAL E 76 -20.38 -8.04 -35.64
C VAL E 76 -19.34 -6.98 -35.97
N GLU E 77 -19.78 -5.75 -36.23
CA GLU E 77 -18.86 -4.67 -36.56
C GLU E 77 -17.96 -4.26 -35.40
N LEU E 78 -18.53 -4.25 -34.20
CA LEU E 78 -17.76 -3.88 -33.02
C LEU E 78 -16.72 -4.96 -32.75
N ALA E 79 -17.11 -6.22 -32.88
CA ALA E 79 -16.19 -7.32 -32.64
C ALA E 79 -15.01 -7.22 -33.59
N LYS E 80 -15.28 -6.77 -34.82
CA LYS E 80 -14.26 -6.60 -35.85
C LYS E 80 -13.10 -5.72 -35.41
N ASP E 81 -13.39 -4.79 -34.49
CA ASP E 81 -12.38 -3.86 -33.99
C ASP E 81 -11.22 -4.54 -33.26
N TRP E 82 -11.45 -5.77 -32.79
CA TRP E 82 -10.41 -6.54 -32.10
C TRP E 82 -9.87 -7.61 -33.04
N ARG E 83 -10.71 -7.99 -34.00
CA ARG E 83 -10.39 -9.04 -34.96
C ARG E 83 -9.60 -8.56 -36.17
N THR E 84 -8.58 -7.75 -35.93
CA THR E 84 -7.76 -7.22 -37.02
C THR E 84 -6.30 -7.21 -36.59
N ASP E 85 -5.43 -6.66 -37.44
CA ASP E 85 -4.02 -6.58 -37.12
C ASP E 85 -3.88 -5.47 -36.07
N ARG E 86 -4.59 -4.37 -36.31
CA ARG E 86 -4.58 -3.23 -35.41
C ARG E 86 -5.35 -3.57 -34.15
N ALA E 87 -4.63 -3.77 -33.05
CA ALA E 87 -5.22 -4.12 -31.77
C ALA E 87 -6.25 -3.11 -31.25
N LEU E 88 -6.73 -3.35 -30.03
CA LEU E 88 -7.72 -2.50 -29.37
C LEU E 88 -7.83 -3.01 -27.94
N ARG E 89 -7.62 -2.13 -26.96
CA ARG E 89 -7.67 -2.46 -25.53
C ARG E 89 -8.46 -3.73 -25.18
N LYS E 90 -7.99 -4.46 -24.18
CA LYS E 90 -8.62 -5.71 -23.75
C LYS E 90 -10.09 -5.62 -23.34
N LEU E 91 -10.39 -4.79 -22.34
CA LEU E 91 -11.76 -4.64 -21.86
C LEU E 91 -12.25 -5.88 -21.14
N GLU E 92 -12.17 -5.85 -19.81
CA GLU E 92 -12.58 -6.96 -18.96
C GLU E 92 -14.08 -6.91 -18.67
N ALA E 93 -14.90 -7.17 -19.68
CA ALA E 93 -16.34 -7.12 -19.49
C ALA E 93 -17.12 -7.86 -20.55
N MET E 94 -18.44 -7.96 -20.34
CA MET E 94 -19.34 -8.60 -21.27
C MET E 94 -20.67 -7.88 -21.28
N LEU E 95 -21.41 -8.03 -22.37
CA LEU E 95 -22.71 -7.41 -22.51
C LEU E 95 -23.70 -8.40 -23.06
N ILE E 96 -24.95 -8.28 -22.61
CA ILE E 96 -26.03 -9.11 -23.13
C ILE E 96 -26.89 -8.09 -23.85
N VAL E 97 -26.97 -8.22 -25.17
CA VAL E 97 -27.77 -7.29 -25.96
C VAL E 97 -28.95 -7.99 -26.59
N ALA E 98 -30.12 -7.37 -26.49
CA ALA E 98 -31.32 -7.97 -27.06
C ALA E 98 -32.39 -7.00 -27.50
N ASP E 99 -33.00 -7.31 -28.65
CA ASP E 99 -34.08 -6.51 -29.21
C ASP E 99 -35.20 -7.48 -29.64
N GLU E 100 -36.29 -6.92 -30.15
CA GLU E 100 -37.45 -7.71 -30.58
C GLU E 100 -37.10 -8.91 -31.46
N LYS E 101 -35.97 -8.86 -32.14
CA LYS E 101 -35.59 -9.95 -33.04
C LYS E 101 -34.53 -10.92 -32.52
N GLU E 102 -33.39 -10.40 -32.06
CA GLU E 102 -32.30 -11.24 -31.58
C GLU E 102 -31.86 -11.00 -30.14
N SER E 103 -30.94 -11.86 -29.69
CA SER E 103 -30.35 -11.80 -28.36
C SER E 103 -28.92 -12.29 -28.49
N LEU E 104 -27.97 -11.45 -28.10
CA LEU E 104 -26.57 -11.80 -28.21
C LEU E 104 -25.74 -11.44 -26.98
N ILE E 105 -24.57 -12.06 -26.92
CA ILE E 105 -23.60 -11.81 -25.86
C ILE E 105 -22.37 -11.29 -26.57
N ILE E 106 -21.86 -10.14 -26.12
CA ILE E 106 -20.67 -9.54 -26.72
C ILE E 106 -19.60 -9.41 -25.65
N THR E 107 -18.43 -9.98 -25.90
CA THR E 107 -17.34 -9.89 -24.90
C THR E 107 -16.35 -8.77 -25.19
N GLY E 108 -15.47 -8.51 -24.21
CA GLY E 108 -14.47 -7.47 -24.33
C GLY E 108 -13.31 -7.78 -25.25
N ILE E 109 -12.95 -9.05 -25.40
CA ILE E 109 -11.85 -9.43 -26.27
C ILE E 109 -12.31 -9.39 -27.72
N GLY E 110 -13.62 -9.23 -27.92
CA GLY E 110 -14.16 -9.14 -29.25
C GLY E 110 -14.72 -10.35 -29.97
N ASP E 111 -15.85 -10.87 -29.48
CA ASP E 111 -16.51 -12.00 -30.10
C ASP E 111 -17.96 -12.07 -29.66
N VAL E 112 -18.86 -12.26 -30.61
CA VAL E 112 -20.28 -12.33 -30.33
C VAL E 112 -20.80 -13.76 -30.30
N VAL E 113 -21.69 -14.04 -29.35
CA VAL E 113 -22.23 -15.39 -29.18
C VAL E 113 -23.75 -15.48 -29.14
N GLN E 114 -24.30 -16.28 -30.05
CA GLN E 114 -25.74 -16.49 -30.11
C GLN E 114 -26.13 -17.51 -29.06
N PRO E 115 -27.37 -17.42 -28.54
CA PRO E 115 -27.84 -18.36 -27.53
C PRO E 115 -28.00 -19.75 -28.11
N GLU E 116 -28.96 -20.50 -27.57
CA GLU E 116 -29.26 -21.83 -28.06
C GLU E 116 -30.77 -21.92 -28.16
N GLU E 117 -31.26 -23.05 -28.65
CA GLU E 117 -32.69 -23.27 -28.82
C GLU E 117 -33.51 -22.62 -27.71
N ASP E 118 -33.03 -22.71 -26.46
CA ASP E 118 -33.77 -22.16 -25.33
C ASP E 118 -33.78 -20.64 -25.17
N GLN E 119 -32.97 -19.94 -25.96
CA GLN E 119 -32.88 -18.48 -25.92
C GLN E 119 -32.64 -17.92 -24.51
N ILE E 120 -31.62 -18.46 -23.84
CA ILE E 120 -31.26 -18.00 -22.51
C ILE E 120 -29.77 -17.66 -22.47
N LEU E 121 -29.46 -16.46 -21.99
CA LEU E 121 -28.08 -16.02 -21.89
C LEU E 121 -27.86 -15.47 -20.49
N ALA E 122 -26.67 -15.72 -19.95
CA ALA E 122 -26.33 -15.25 -18.61
C ALA E 122 -24.86 -14.86 -18.56
N ILE E 123 -24.52 -13.87 -17.73
CA ILE E 123 -23.13 -13.42 -17.58
C ILE E 123 -22.90 -12.95 -16.15
N GLY E 124 -21.62 -12.80 -15.79
CA GLY E 124 -21.29 -12.35 -14.46
C GLY E 124 -20.86 -13.50 -13.57
N SER E 125 -20.48 -13.19 -12.33
CA SER E 125 -20.04 -14.19 -11.37
C SER E 125 -21.16 -15.16 -10.99
N GLY E 126 -22.40 -14.65 -10.99
CA GLY E 126 -23.54 -15.49 -10.65
C GLY E 126 -24.25 -16.02 -11.88
N GLY E 127 -23.74 -15.66 -13.06
CA GLY E 127 -24.35 -16.09 -14.30
C GLY E 127 -24.77 -17.55 -14.45
N ASN E 128 -23.87 -18.48 -14.22
CA ASN E 128 -24.25 -19.88 -14.38
C ASN E 128 -25.30 -20.37 -13.38
N TYR E 129 -25.46 -19.66 -12.28
CA TYR E 129 -26.46 -20.07 -11.29
C TYR E 129 -27.83 -19.65 -11.80
N ALA E 130 -27.91 -18.45 -12.40
CA ALA E 130 -29.16 -17.96 -12.95
C ALA E 130 -29.52 -18.84 -14.12
N LEU E 131 -28.48 -19.19 -14.90
CA LEU E 131 -28.64 -20.03 -16.07
C LEU E 131 -29.35 -21.33 -15.75
N SER E 132 -28.88 -22.00 -14.71
CA SER E 132 -29.46 -23.28 -14.28
C SER E 132 -30.93 -23.12 -13.93
N ALA E 133 -31.24 -22.16 -13.07
CA ALA E 133 -32.61 -21.90 -12.66
C ALA E 133 -33.47 -21.55 -13.86
N ALA E 134 -32.92 -20.74 -14.77
CA ALA E 134 -33.63 -20.32 -15.95
C ALA E 134 -33.94 -21.51 -16.85
N ARG E 135 -32.97 -22.39 -17.03
CA ARG E 135 -33.16 -23.57 -17.87
C ARG E 135 -34.23 -24.43 -17.22
N ALA E 136 -34.07 -24.69 -15.93
CA ALA E 136 -35.04 -25.51 -15.19
C ALA E 136 -36.47 -25.00 -15.41
N LEU E 137 -36.68 -23.71 -15.17
CA LEU E 137 -38.00 -23.12 -15.33
C LEU E 137 -38.53 -23.25 -16.76
N VAL E 138 -37.79 -22.70 -17.71
CA VAL E 138 -38.19 -22.74 -19.11
C VAL E 138 -38.54 -24.14 -19.59
N GLU E 139 -37.81 -25.14 -19.11
CA GLU E 139 -38.00 -26.51 -19.51
C GLU E 139 -39.18 -27.24 -18.88
N ASN E 140 -39.56 -26.82 -17.67
CA ASN E 140 -40.64 -27.49 -16.97
C ASN E 140 -41.61 -26.53 -16.28
N THR E 141 -42.00 -25.47 -16.99
CA THR E 141 -42.90 -24.47 -16.43
C THR E 141 -43.53 -23.68 -17.58
N GLU E 142 -44.50 -22.84 -17.25
CA GLU E 142 -45.17 -22.01 -18.25
C GLU E 142 -45.05 -20.53 -17.86
N LEU E 143 -44.17 -20.25 -16.90
CA LEU E 143 -43.93 -18.91 -16.42
C LEU E 143 -43.53 -17.94 -17.52
N SER E 144 -43.80 -16.65 -17.28
CA SER E 144 -43.44 -15.61 -18.24
C SER E 144 -41.94 -15.34 -18.12
N ALA E 145 -41.33 -14.93 -19.22
CA ALA E 145 -39.89 -14.64 -19.22
C ALA E 145 -39.58 -13.70 -18.08
N HIS E 146 -40.49 -12.76 -17.83
CA HIS E 146 -40.31 -11.80 -16.75
C HIS E 146 -40.29 -12.47 -15.38
N GLU E 147 -41.18 -13.46 -15.20
CA GLU E 147 -41.26 -14.19 -13.94
C GLU E 147 -39.99 -15.01 -13.78
N ILE E 148 -39.67 -15.78 -14.83
CA ILE E 148 -38.50 -16.64 -14.84
C ILE E 148 -37.20 -15.88 -14.52
N VAL E 149 -37.00 -14.75 -15.18
CA VAL E 149 -35.81 -13.96 -14.93
C VAL E 149 -35.76 -13.51 -13.46
N GLU E 150 -36.87 -12.97 -12.98
CA GLU E 150 -36.95 -12.49 -11.60
C GLU E 150 -36.60 -13.58 -10.60
N LYS E 151 -37.12 -14.78 -10.82
CA LYS E 151 -36.86 -15.91 -9.94
C LYS E 151 -35.43 -16.42 -9.99
N SER E 152 -34.85 -16.49 -11.19
CA SER E 152 -33.47 -16.94 -11.36
C SER E 152 -32.49 -15.93 -10.75
N LEU E 153 -32.75 -14.64 -10.91
CA LEU E 153 -31.85 -13.66 -10.33
C LEU E 153 -31.85 -13.82 -8.82
N ARG E 154 -33.00 -14.12 -8.25
CA ARG E 154 -33.08 -14.29 -6.80
C ARG E 154 -32.29 -15.52 -6.38
N ILE E 155 -32.44 -16.60 -7.14
CA ILE E 155 -31.72 -17.84 -6.85
C ILE E 155 -30.21 -17.64 -6.97
N ALA E 156 -29.81 -16.86 -7.96
CA ALA E 156 -28.40 -16.57 -8.16
C ALA E 156 -27.88 -15.71 -7.03
N GLY E 157 -28.64 -14.69 -6.66
CA GLY E 157 -28.21 -13.79 -5.60
C GLY E 157 -28.01 -14.49 -4.28
N ASP E 158 -28.76 -15.56 -4.06
CA ASP E 158 -28.69 -16.35 -2.83
C ASP E 158 -27.40 -17.14 -2.73
N ILE E 159 -26.80 -17.45 -3.87
CA ILE E 159 -25.58 -18.24 -3.89
C ILE E 159 -24.29 -17.42 -4.06
N CYS E 160 -24.36 -16.38 -4.87
CA CYS E 160 -23.21 -15.53 -5.15
C CYS E 160 -23.05 -14.40 -4.14
N VAL E 161 -21.90 -14.34 -3.49
CA VAL E 161 -21.67 -13.29 -2.49
C VAL E 161 -21.44 -11.95 -3.18
N PHE E 162 -21.41 -11.96 -4.52
CA PHE E 162 -21.20 -10.72 -5.26
C PHE E 162 -22.46 -10.29 -6.00
N THR E 163 -23.56 -10.99 -5.73
CA THR E 163 -24.85 -10.67 -6.34
C THR E 163 -25.87 -10.46 -5.24
N ASN E 164 -26.56 -9.32 -5.26
CA ASN E 164 -27.56 -9.02 -4.25
C ASN E 164 -28.97 -9.27 -4.79
N THR E 165 -29.99 -8.82 -4.07
CA THR E 165 -31.36 -9.04 -4.51
C THR E 165 -32.17 -7.79 -4.91
N ASN E 166 -31.48 -6.68 -5.16
CA ASN E 166 -32.14 -5.44 -5.60
C ASN E 166 -32.06 -5.48 -7.14
N PHE E 167 -33.19 -5.79 -7.78
CA PHE E 167 -33.22 -5.91 -9.24
C PHE E 167 -33.61 -4.72 -10.08
N THR E 168 -33.27 -4.84 -11.35
CA THR E 168 -33.55 -3.86 -12.39
C THR E 168 -33.84 -4.72 -13.62
N ILE E 169 -35.13 -4.85 -13.95
CA ILE E 169 -35.53 -5.68 -15.08
C ILE E 169 -36.23 -4.87 -16.18
N GLU E 170 -35.82 -5.09 -17.42
CA GLU E 170 -36.38 -4.41 -18.57
C GLU E 170 -36.84 -5.45 -19.58
N GLU E 171 -37.90 -5.14 -20.32
CA GLU E 171 -38.40 -6.06 -21.32
C GLU E 171 -38.97 -5.33 -22.53
N LEU E 172 -38.79 -5.93 -23.71
CA LEU E 172 -39.29 -5.34 -24.94
C LEU E 172 -40.58 -6.06 -25.30
N PRO E 173 -41.73 -5.40 -25.10
CA PRO E 173 -43.01 -6.02 -25.42
C PRO E 173 -42.92 -6.63 -26.81
N ASN E 174 -42.62 -5.86 -27.74
N THR F 1 -11.30 -28.49 -27.18
CA THR F 1 -11.46 -28.35 -28.66
C THR F 1 -10.69 -29.44 -29.42
N THR F 2 -11.31 -29.96 -30.47
CA THR F 2 -10.67 -30.97 -31.28
C THR F 2 -11.00 -30.80 -32.75
N ILE F 3 -9.96 -30.80 -33.56
CA ILE F 3 -10.14 -30.71 -35.01
C ILE F 3 -9.17 -31.69 -35.64
N VAL F 4 -9.71 -32.57 -36.46
CA VAL F 4 -8.91 -33.57 -37.13
C VAL F 4 -9.20 -33.58 -38.63
N SER F 5 -8.19 -33.99 -39.40
CA SER F 5 -8.31 -34.03 -40.86
C SER F 5 -7.60 -35.24 -41.47
N VAL F 6 -8.30 -35.97 -42.34
CA VAL F 6 -7.72 -37.14 -42.99
C VAL F 6 -7.92 -37.08 -44.50
N ARG F 7 -6.93 -37.55 -45.23
CA ARG F 7 -6.97 -37.57 -46.69
C ARG F 7 -6.70 -38.99 -47.18
N ARG F 8 -7.75 -39.65 -47.68
CA ARG F 8 -7.63 -41.02 -48.17
C ARG F 8 -8.49 -41.25 -49.40
N ASN F 9 -7.98 -42.03 -50.36
CA ASN F 9 -8.72 -42.33 -51.59
C ASN F 9 -9.37 -41.11 -52.26
N GLY F 10 -8.54 -40.18 -52.71
CA GLY F 10 -9.07 -39.00 -53.39
C GLY F 10 -10.16 -38.26 -52.63
N GLN F 11 -10.02 -38.21 -51.31
CA GLN F 11 -10.99 -37.51 -50.47
C GLN F 11 -10.27 -36.77 -49.36
N VAL F 12 -10.80 -35.62 -48.98
CA VAL F 12 -10.21 -34.83 -47.91
C VAL F 12 -11.32 -34.43 -46.95
N VAL F 13 -11.16 -34.79 -45.68
CA VAL F 13 -12.18 -34.45 -44.70
C VAL F 13 -11.62 -33.73 -43.49
N VAL F 14 -12.40 -32.79 -42.98
CA VAL F 14 -12.03 -32.04 -41.80
C VAL F 14 -13.26 -31.85 -40.93
N GLY F 15 -13.16 -32.31 -39.69
CA GLY F 15 -14.29 -32.19 -38.78
C GLY F 15 -13.85 -31.70 -37.41
N GLY F 16 -14.81 -31.26 -36.61
CA GLY F 16 -14.51 -30.78 -35.26
C GLY F 16 -15.71 -30.83 -34.35
N ASP F 17 -15.50 -30.66 -33.06
CA ASP F 17 -16.62 -30.69 -32.12
C ASP F 17 -17.23 -29.30 -32.01
N GLY F 18 -18.22 -29.12 -31.14
CA GLY F 18 -18.85 -27.83 -31.01
C GLY F 18 -18.83 -27.18 -29.65
N GLN F 19 -18.07 -27.75 -28.72
CA GLN F 19 -17.99 -27.22 -27.37
C GLN F 19 -17.17 -25.94 -27.18
N VAL F 20 -17.79 -24.95 -26.57
CA VAL F 20 -17.15 -23.67 -26.25
C VAL F 20 -17.17 -23.53 -24.72
N SER F 21 -15.99 -23.39 -24.11
CA SER F 21 -15.93 -23.31 -22.65
C SER F 21 -15.28 -22.08 -22.04
N LEU F 22 -15.95 -21.50 -21.05
CA LEU F 22 -15.42 -20.35 -20.32
C LEU F 22 -14.89 -20.96 -19.03
N GLY F 23 -13.58 -21.17 -18.97
CA GLY F 23 -12.98 -21.78 -17.79
C GLY F 23 -13.33 -23.26 -17.77
N ASN F 24 -13.97 -23.71 -16.70
CA ASN F 24 -14.36 -25.11 -16.60
C ASN F 24 -15.85 -25.32 -16.80
N THR F 25 -16.52 -24.31 -17.35
CA THR F 25 -17.95 -24.41 -17.63
C THR F 25 -18.19 -24.29 -19.12
N VAL F 26 -19.32 -24.81 -19.59
CA VAL F 26 -19.66 -24.78 -21.00
C VAL F 26 -20.62 -23.64 -21.34
N MET F 27 -20.27 -22.85 -22.35
CA MET F 27 -21.12 -21.74 -22.78
C MET F 27 -22.06 -22.23 -23.88
N LYS F 28 -21.48 -22.89 -24.88
CA LYS F 28 -22.26 -23.42 -26.00
C LYS F 28 -21.71 -24.78 -26.44
N GLY F 29 -22.56 -25.61 -27.00
CA GLY F 29 -22.14 -26.92 -27.45
C GLY F 29 -22.45 -27.22 -28.91
N ASN F 30 -22.82 -26.19 -29.68
CA ASN F 30 -23.15 -26.38 -31.08
C ASN F 30 -22.43 -25.44 -32.05
N ALA F 31 -21.20 -25.07 -31.73
CA ALA F 31 -20.43 -24.17 -32.60
C ALA F 31 -19.85 -24.90 -33.80
N ARG F 32 -19.82 -24.23 -34.95
CA ARG F 32 -19.26 -24.84 -36.14
C ARG F 32 -17.80 -24.39 -36.17
N LYS F 33 -16.90 -25.32 -35.92
CA LYS F 33 -15.47 -25.01 -35.88
C LYS F 33 -14.78 -25.28 -37.20
N VAL F 34 -15.53 -25.83 -38.15
CA VAL F 34 -14.98 -26.10 -39.47
C VAL F 34 -15.88 -25.37 -40.46
N ARG F 35 -15.27 -24.71 -41.44
CA ARG F 35 -16.04 -23.97 -42.43
C ARG F 35 -15.33 -24.01 -43.75
N ARG F 36 -16.07 -23.76 -44.82
CA ARG F 36 -15.49 -23.78 -46.16
C ARG F 36 -15.09 -22.35 -46.54
N LEU F 37 -14.12 -22.23 -47.44
CA LEU F 37 -13.64 -20.92 -47.88
C LEU F 37 -13.44 -20.88 -49.40
N TYR F 38 -13.04 -19.71 -49.90
CA TYR F 38 -12.80 -19.49 -51.33
C TYR F 38 -13.77 -20.25 -52.24
N ASN F 39 -15.05 -19.89 -52.16
CA ASN F 39 -16.06 -20.52 -52.99
C ASN F 39 -16.08 -22.02 -52.75
N GLY F 40 -16.12 -22.39 -51.47
CA GLY F 40 -16.16 -23.80 -51.08
C GLY F 40 -15.11 -24.74 -51.66
N LYS F 41 -13.99 -24.23 -52.17
CA LYS F 41 -12.98 -25.12 -52.72
C LYS F 41 -11.85 -25.42 -51.73
N VAL F 42 -11.91 -24.77 -50.57
CA VAL F 42 -10.92 -25.00 -49.53
C VAL F 42 -11.64 -25.11 -48.19
N LEU F 43 -11.15 -26.01 -47.34
CA LEU F 43 -11.75 -26.22 -46.02
C LEU F 43 -10.80 -25.72 -44.92
N ALA F 44 -11.38 -25.23 -43.83
CA ALA F 44 -10.58 -24.73 -42.73
C ALA F 44 -11.20 -24.95 -41.37
N GLY F 45 -10.40 -25.49 -40.46
CA GLY F 45 -10.84 -25.72 -39.11
C GLY F 45 -9.94 -24.93 -38.19
N PHE F 46 -10.43 -24.59 -37.02
CA PHE F 46 -9.64 -23.79 -36.08
C PHE F 46 -9.87 -24.12 -34.62
N ALA F 47 -8.83 -23.93 -33.81
CA ALA F 47 -8.89 -24.19 -32.38
C ALA F 47 -8.12 -23.12 -31.64
N GLY F 48 -8.33 -23.05 -30.33
CA GLY F 48 -7.65 -22.06 -29.52
C GLY F 48 -8.61 -21.06 -28.97
N GLY F 49 -8.22 -19.79 -28.96
CA GLY F 49 -9.10 -18.75 -28.46
C GLY F 49 -10.09 -18.37 -29.55
N THR F 50 -11.37 -18.35 -29.21
CA THR F 50 -12.42 -18.00 -30.16
C THR F 50 -12.12 -16.70 -30.91
N ALA F 51 -11.76 -15.66 -30.19
CA ALA F 51 -11.45 -14.38 -30.81
C ALA F 51 -10.21 -14.49 -31.69
N ASP F 52 -9.10 -14.95 -31.11
CA ASP F 52 -7.88 -15.10 -31.88
C ASP F 52 -8.01 -16.12 -33.01
N ALA F 53 -8.92 -17.07 -32.86
CA ALA F 53 -9.12 -18.08 -33.88
C ALA F 53 -9.85 -17.47 -35.07
N PHE F 54 -10.84 -16.62 -34.80
CA PHE F 54 -11.57 -16.01 -35.89
C PHE F 54 -10.72 -15.04 -36.69
N THR F 55 -9.77 -14.37 -36.04
CA THR F 55 -8.93 -13.44 -36.76
C THR F 55 -7.91 -14.24 -37.59
N LEU F 56 -7.48 -15.38 -37.07
CA LEU F 56 -6.51 -16.18 -37.81
C LEU F 56 -7.19 -16.69 -39.07
N PHE F 57 -8.41 -17.17 -38.90
CA PHE F 57 -9.23 -17.69 -39.98
C PHE F 57 -9.51 -16.64 -41.06
N GLU F 58 -9.95 -15.45 -40.63
CA GLU F 58 -10.26 -14.35 -41.55
C GLU F 58 -9.02 -13.80 -42.25
N LEU F 59 -7.89 -13.81 -41.55
CA LEU F 59 -6.64 -13.32 -42.08
C LEU F 59 -6.22 -14.19 -43.26
N PHE F 60 -6.35 -15.50 -43.07
CA PHE F 60 -6.01 -16.48 -44.09
C PHE F 60 -6.92 -16.31 -45.32
N GLU F 61 -8.21 -16.10 -45.07
CA GLU F 61 -9.16 -15.93 -46.16
C GLU F 61 -8.73 -14.79 -47.07
N ARG F 62 -8.36 -13.66 -46.47
CA ARG F 62 -7.91 -12.50 -47.22
C ARG F 62 -6.79 -12.90 -48.15
N LYS F 63 -5.92 -13.79 -47.68
CA LYS F 63 -4.80 -14.26 -48.49
C LYS F 63 -5.29 -15.10 -49.65
N LEU F 64 -6.20 -16.04 -49.39
CA LEU F 64 -6.73 -16.87 -50.46
C LEU F 64 -7.29 -16.02 -51.60
N GLU F 65 -7.98 -14.94 -51.25
CA GLU F 65 -8.56 -14.04 -52.24
C GLU F 65 -7.51 -13.33 -53.09
N MET F 66 -6.42 -12.89 -52.48
CA MET F 66 -5.37 -12.21 -53.22
C MET F 66 -4.47 -13.12 -54.04
N HIS F 67 -4.52 -14.42 -53.77
CA HIS F 67 -3.66 -15.35 -54.48
C HIS F 67 -4.35 -16.47 -55.23
N GLN F 68 -5.48 -16.15 -55.86
CA GLN F 68 -6.22 -17.11 -56.67
C GLN F 68 -6.55 -18.42 -55.95
N GLY F 69 -6.54 -18.38 -54.62
CA GLY F 69 -6.85 -19.57 -53.86
C GLY F 69 -5.78 -20.65 -53.80
N HIS F 70 -4.53 -20.28 -53.99
CA HIS F 70 -3.46 -21.26 -53.91
C HIS F 70 -3.18 -21.51 -52.44
N LEU F 71 -3.64 -22.67 -51.96
CA LEU F 71 -3.48 -23.07 -50.57
C LEU F 71 -2.06 -22.79 -50.06
N LEU F 72 -1.09 -23.46 -50.66
CA LEU F 72 0.30 -23.30 -50.25
C LEU F 72 0.79 -21.86 -50.29
N LYS F 73 0.65 -21.21 -51.44
CA LYS F 73 1.11 -19.82 -51.58
C LYS F 73 0.49 -18.92 -50.52
N SER F 74 -0.83 -19.05 -50.34
CA SER F 74 -1.53 -18.25 -49.36
C SER F 74 -1.00 -18.50 -47.95
N ALA F 75 -0.72 -19.76 -47.66
CA ALA F 75 -0.20 -20.14 -46.36
C ALA F 75 1.13 -19.48 -46.01
N VAL F 76 2.13 -19.60 -46.88
CA VAL F 76 3.43 -19.01 -46.57
C VAL F 76 3.38 -17.49 -46.57
N GLU F 77 2.52 -16.92 -47.40
CA GLU F 77 2.38 -15.45 -47.45
C GLU F 77 1.89 -14.91 -46.11
N LEU F 78 0.91 -15.59 -45.51
CA LEU F 78 0.39 -15.16 -44.23
C LEU F 78 1.49 -15.29 -43.19
N ALA F 79 2.15 -16.44 -43.17
CA ALA F 79 3.23 -16.70 -42.21
C ALA F 79 4.36 -15.67 -42.29
N LYS F 80 4.66 -15.21 -43.50
CA LYS F 80 5.71 -14.23 -43.70
C LYS F 80 5.41 -12.95 -42.93
N ASP F 81 4.15 -12.71 -42.65
CA ASP F 81 3.76 -11.52 -41.92
C ASP F 81 4.14 -11.59 -40.45
N TRP F 82 4.85 -12.63 -40.04
CA TRP F 82 5.29 -12.79 -38.66
C TRP F 82 6.81 -12.88 -38.60
N ARG F 83 7.42 -13.19 -39.74
CA ARG F 83 8.87 -13.31 -39.82
C ARG F 83 9.48 -12.13 -40.55
N THR F 84 9.51 -10.97 -39.91
CA THR F 84 10.09 -9.79 -40.55
C THR F 84 10.97 -8.97 -39.62
N ASP F 85 10.53 -7.76 -39.29
CA ASP F 85 11.29 -6.88 -38.41
C ASP F 85 10.35 -6.38 -37.33
N ARG F 86 9.07 -6.36 -37.66
CA ARG F 86 8.04 -5.90 -36.76
C ARG F 86 6.91 -6.93 -36.64
N ALA F 87 7.24 -8.09 -36.09
CA ALA F 87 6.27 -9.17 -35.93
C ALA F 87 4.91 -8.65 -35.50
N LEU F 88 3.85 -9.28 -35.99
CA LEU F 88 2.49 -8.89 -35.64
C LEU F 88 2.15 -9.39 -34.24
N ARG F 89 0.85 -9.39 -33.94
CA ARG F 89 0.36 -9.85 -32.65
C ARG F 89 0.47 -11.38 -32.65
N LYS F 90 0.63 -11.96 -31.47
CA LYS F 90 0.77 -13.40 -31.27
C LYS F 90 -0.33 -14.30 -31.84
N LEU F 91 -1.57 -14.07 -31.43
CA LEU F 91 -2.68 -14.91 -31.88
C LEU F 91 -2.56 -16.34 -31.36
N GLU F 92 -3.28 -16.62 -30.27
CA GLU F 92 -3.29 -17.93 -29.61
C GLU F 92 -4.28 -18.90 -30.28
N ALA F 93 -3.98 -19.30 -31.50
CA ALA F 93 -4.86 -20.22 -32.21
C ALA F 93 -4.13 -20.94 -33.32
N MET F 94 -4.80 -21.91 -33.94
CA MET F 94 -4.21 -22.67 -35.05
C MET F 94 -5.31 -23.00 -36.06
N LEU F 95 -4.91 -23.22 -37.31
CA LEU F 95 -5.86 -23.59 -38.35
C LEU F 95 -5.36 -24.81 -39.09
N ILE F 96 -6.30 -25.64 -39.53
CA ILE F 96 -6.00 -26.81 -40.35
C ILE F 96 -6.72 -26.49 -41.66
N VAL F 97 -5.96 -26.18 -42.70
CA VAL F 97 -6.54 -25.85 -43.99
C VAL F 97 -6.29 -26.95 -45.02
N ALA F 98 -7.25 -27.18 -45.90
CA ALA F 98 -7.09 -28.20 -46.91
C ALA F 98 -7.98 -28.03 -48.11
N ASP F 99 -7.40 -28.24 -49.29
CA ASP F 99 -8.13 -28.18 -50.55
C ASP F 99 -7.99 -29.54 -51.23
N GLU F 100 -8.42 -29.64 -52.48
CA GLU F 100 -8.35 -30.90 -53.21
C GLU F 100 -6.95 -31.40 -53.56
N LYS F 101 -5.91 -30.76 -53.03
CA LYS F 101 -4.54 -31.18 -53.33
C LYS F 101 -3.60 -31.19 -52.12
N GLU F 102 -3.81 -30.25 -51.19
CA GLU F 102 -2.97 -30.14 -50.01
C GLU F 102 -3.72 -30.01 -48.69
N SER F 103 -3.05 -30.37 -47.60
CA SER F 103 -3.60 -30.27 -46.25
C SER F 103 -2.48 -29.60 -45.48
N LEU F 104 -2.84 -28.55 -44.74
CA LEU F 104 -1.83 -27.82 -43.99
C LEU F 104 -2.35 -27.35 -42.64
N ILE F 105 -1.41 -27.05 -41.76
CA ILE F 105 -1.70 -26.55 -40.43
C ILE F 105 -0.92 -25.24 -40.31
N ILE F 106 -1.62 -24.17 -39.98
CA ILE F 106 -1.00 -22.83 -39.83
C ILE F 106 -1.18 -22.34 -38.42
N THR F 107 -0.11 -21.85 -37.81
CA THR F 107 -0.20 -21.37 -36.43
C THR F 107 -0.29 -19.86 -36.34
N GLY F 108 -0.84 -19.40 -35.22
CA GLY F 108 -1.00 -17.98 -34.98
C GLY F 108 0.30 -17.20 -34.90
N ILE F 109 1.44 -17.88 -34.76
CA ILE F 109 2.69 -17.13 -34.66
C ILE F 109 3.60 -17.15 -35.90
N GLY F 110 3.14 -17.73 -36.99
CA GLY F 110 3.97 -17.69 -38.19
C GLY F 110 4.57 -18.91 -38.84
N ASP F 111 4.02 -20.09 -38.63
CA ASP F 111 4.59 -21.26 -39.28
C ASP F 111 3.54 -22.18 -39.88
N VAL F 112 3.91 -22.76 -41.03
CA VAL F 112 3.04 -23.69 -41.74
C VAL F 112 3.71 -25.05 -41.71
N VAL F 113 2.91 -26.08 -41.46
CA VAL F 113 3.45 -27.42 -41.40
C VAL F 113 2.64 -28.41 -42.22
N GLN F 114 3.35 -29.22 -42.99
CA GLN F 114 2.71 -30.22 -43.81
C GLN F 114 2.60 -31.50 -43.00
N PRO F 115 1.61 -32.33 -43.31
CA PRO F 115 1.46 -33.57 -42.55
C PRO F 115 2.62 -34.50 -42.86
N GLU F 116 2.46 -35.78 -42.54
CA GLU F 116 3.49 -36.76 -42.83
C GLU F 116 2.88 -37.68 -43.88
N GLU F 117 3.63 -38.70 -44.27
CA GLU F 117 3.17 -39.63 -45.29
C GLU F 117 1.69 -40.02 -45.14
N ASP F 118 1.23 -40.17 -43.89
CA ASP F 118 -0.16 -40.56 -43.61
C ASP F 118 -1.19 -39.47 -43.92
N GLN F 119 -0.73 -38.24 -44.11
CA GLN F 119 -1.63 -37.14 -44.42
C GLN F 119 -2.76 -37.02 -43.38
N ILE F 120 -2.37 -36.95 -42.11
CA ILE F 120 -3.33 -36.81 -41.01
C ILE F 120 -2.91 -35.61 -40.18
N LEU F 121 -3.82 -34.67 -40.02
CA LEU F 121 -3.55 -33.48 -39.22
C LEU F 121 -4.55 -33.37 -38.09
N ALA F 122 -4.11 -32.83 -36.95
CA ALA F 122 -4.98 -32.66 -35.80
C ALA F 122 -4.52 -31.52 -34.89
N ILE F 123 -5.48 -30.74 -34.38
CA ILE F 123 -5.18 -29.63 -33.50
C ILE F 123 -6.17 -29.53 -32.35
N GLY F 124 -5.82 -28.71 -31.36
CA GLY F 124 -6.68 -28.52 -30.21
C GLY F 124 -6.27 -29.37 -29.02
N SER F 125 -6.92 -29.14 -27.87
CA SER F 125 -6.63 -29.89 -26.65
C SER F 125 -6.82 -31.39 -26.85
N GLY F 126 -7.86 -31.77 -27.60
CA GLY F 126 -8.10 -33.18 -27.83
C GLY F 126 -7.41 -33.71 -29.08
N GLY F 127 -6.69 -32.83 -29.76
CA GLY F 127 -6.01 -33.19 -30.99
C GLY F 127 -5.20 -34.47 -31.06
N ASN F 128 -4.36 -34.73 -30.06
CA ASN F 128 -3.55 -35.93 -30.09
C ASN F 128 -4.31 -37.22 -29.83
N TYR F 129 -5.50 -37.12 -29.28
CA TYR F 129 -6.31 -38.30 -29.02
C TYR F 129 -6.91 -38.73 -30.33
N ALA F 130 -7.44 -37.78 -31.08
CA ALA F 130 -8.04 -38.09 -32.38
C ALA F 130 -6.94 -38.54 -33.33
N LEU F 131 -5.74 -38.00 -33.15
CA LEU F 131 -4.62 -38.36 -34.00
C LEU F 131 -4.29 -39.84 -33.82
N SER F 132 -4.30 -40.31 -32.58
CA SER F 132 -4.03 -41.70 -32.28
C SER F 132 -5.05 -42.63 -32.93
N ALA F 133 -6.32 -42.29 -32.78
CA ALA F 133 -7.39 -43.08 -33.36
C ALA F 133 -7.25 -43.06 -34.88
N ALA F 134 -7.11 -41.88 -35.46
CA ALA F 134 -6.99 -41.78 -36.91
C ALA F 134 -5.80 -42.54 -37.46
N ARG F 135 -4.60 -42.35 -36.89
CA ARG F 135 -3.44 -43.08 -37.40
C ARG F 135 -3.69 -44.58 -37.26
N ALA F 136 -4.52 -44.94 -36.30
CA ALA F 136 -4.83 -46.34 -36.07
C ALA F 136 -5.76 -46.85 -37.17
N LEU F 137 -6.87 -46.15 -37.39
CA LEU F 137 -7.80 -46.57 -38.42
C LEU F 137 -7.21 -46.57 -39.83
N VAL F 138 -6.38 -45.59 -40.14
CA VAL F 138 -5.79 -45.52 -41.46
C VAL F 138 -4.88 -46.70 -41.75
N GLU F 139 -4.19 -47.19 -40.72
CA GLU F 139 -3.24 -48.28 -40.89
C GLU F 139 -3.80 -49.70 -40.79
N ASN F 140 -5.01 -49.87 -40.29
CA ASN F 140 -5.56 -51.21 -40.13
C ASN F 140 -7.00 -51.45 -40.58
N THR F 141 -7.53 -50.57 -41.42
CA THR F 141 -8.90 -50.72 -41.90
C THR F 141 -8.96 -50.11 -43.29
N GLU F 142 -10.10 -50.26 -43.95
CA GLU F 142 -10.28 -49.70 -45.27
C GLU F 142 -11.35 -48.62 -45.22
N LEU F 143 -11.62 -48.13 -44.01
CA LEU F 143 -12.62 -47.10 -43.78
C LEU F 143 -12.35 -45.84 -44.59
N SER F 144 -13.40 -45.10 -44.89
CA SER F 144 -13.29 -43.86 -45.65
C SER F 144 -12.87 -42.73 -44.72
N ALA F 145 -12.22 -41.72 -45.28
CA ALA F 145 -11.76 -40.58 -44.51
C ALA F 145 -12.88 -40.02 -43.65
N HIS F 146 -14.08 -39.89 -44.23
CA HIS F 146 -15.23 -39.38 -43.50
C HIS F 146 -15.59 -40.27 -42.31
N GLU F 147 -15.33 -41.57 -42.43
CA GLU F 147 -15.63 -42.51 -41.36
C GLU F 147 -14.63 -42.36 -40.23
N ILE F 148 -13.35 -42.39 -40.58
CA ILE F 148 -12.25 -42.25 -39.62
C ILE F 148 -12.36 -40.92 -38.84
N VAL F 149 -12.63 -39.84 -39.54
CA VAL F 149 -12.77 -38.55 -38.89
C VAL F 149 -13.88 -38.61 -37.84
N GLU F 150 -15.08 -39.04 -38.26
CA GLU F 150 -16.19 -39.13 -37.33
C GLU F 150 -15.79 -40.00 -36.13
N LYS F 151 -15.31 -41.22 -36.41
CA LYS F 151 -14.86 -42.16 -35.38
C LYS F 151 -13.91 -41.51 -34.38
N SER F 152 -12.83 -40.94 -34.90
CA SER F 152 -11.81 -40.27 -34.09
C SER F 152 -12.37 -39.15 -33.22
N LEU F 153 -13.13 -38.24 -33.82
CA LEU F 153 -13.70 -37.14 -33.03
C LEU F 153 -14.42 -37.71 -31.82
N ARG F 154 -15.24 -38.73 -32.04
CA ARG F 154 -15.99 -39.34 -30.94
C ARG F 154 -15.05 -39.89 -29.87
N ILE F 155 -14.00 -40.60 -30.28
CA ILE F 155 -13.06 -41.14 -29.32
C ILE F 155 -12.36 -40.01 -28.57
N ALA F 156 -12.13 -38.91 -29.25
CA ALA F 156 -11.47 -37.76 -28.67
C ALA F 156 -12.35 -37.02 -27.66
N GLY F 157 -13.64 -36.90 -27.97
CA GLY F 157 -14.53 -36.22 -27.05
C GLY F 157 -14.75 -37.03 -25.78
N ASP F 158 -14.59 -38.34 -25.88
CA ASP F 158 -14.78 -39.22 -24.74
C ASP F 158 -13.66 -39.00 -23.73
N ILE F 159 -12.49 -38.64 -24.22
CA ILE F 159 -11.34 -38.42 -23.37
C ILE F 159 -11.14 -36.97 -22.94
N CYS F 160 -11.45 -36.02 -23.83
CA CYS F 160 -11.25 -34.61 -23.54
C CYS F 160 -12.49 -33.93 -22.94
N VAL F 161 -12.32 -33.33 -21.76
CA VAL F 161 -13.43 -32.67 -21.10
C VAL F 161 -13.80 -31.36 -21.77
N PHE F 162 -12.97 -30.90 -22.70
CA PHE F 162 -13.21 -29.65 -23.42
C PHE F 162 -13.70 -29.88 -24.85
N THR F 163 -14.01 -31.13 -25.16
CA THR F 163 -14.49 -31.52 -26.48
C THR F 163 -15.78 -32.31 -26.30
N ASN F 164 -16.81 -31.98 -27.08
CA ASN F 164 -18.08 -32.70 -26.95
C ASN F 164 -18.33 -33.63 -28.14
N THR F 165 -19.58 -34.07 -28.29
CA THR F 165 -19.95 -34.98 -29.37
C THR F 165 -20.78 -34.36 -30.50
N ASN F 166 -20.94 -33.04 -30.49
CA ASN F 166 -21.70 -32.40 -31.56
C ASN F 166 -20.70 -31.99 -32.66
N PHE F 167 -20.56 -32.85 -33.66
CA PHE F 167 -19.62 -32.64 -34.76
C PHE F 167 -20.12 -31.79 -35.92
N THR F 168 -19.16 -31.29 -36.70
CA THR F 168 -19.38 -30.47 -37.89
C THR F 168 -18.29 -30.93 -38.87
N ILE F 169 -18.66 -31.80 -39.80
CA ILE F 169 -17.69 -32.33 -40.75
C ILE F 169 -17.91 -31.86 -42.18
N GLU F 170 -16.81 -31.50 -42.84
CA GLU F 170 -16.87 -31.04 -44.21
C GLU F 170 -15.92 -31.89 -45.04
N GLU F 171 -16.22 -32.06 -46.32
CA GLU F 171 -15.37 -32.85 -47.19
C GLU F 171 -15.28 -32.25 -48.58
N LEU F 172 -14.17 -32.52 -49.25
CA LEU F 172 -13.95 -32.02 -50.61
C LEU F 172 -13.90 -33.21 -51.54
N PRO F 173 -15.04 -33.51 -52.18
CA PRO F 173 -15.15 -34.63 -53.12
C PRO F 173 -14.18 -34.45 -54.27
N ASN F 174 -14.32 -33.44 -54.99
N THR G 1 49.29 37.72 40.83
CA THR G 1 49.50 37.69 39.35
C THR G 1 50.78 36.97 38.95
N THR G 2 50.75 36.36 37.77
CA THR G 2 51.92 35.67 37.26
C THR G 2 52.01 35.81 35.76
N ILE G 3 53.09 36.42 35.31
CA ILE G 3 53.33 36.61 33.88
C ILE G 3 54.70 35.99 33.62
N VAL G 4 54.76 35.03 32.70
CA VAL G 4 56.03 34.38 32.40
C VAL G 4 56.27 34.41 30.88
N SER G 5 57.55 34.53 30.49
CA SER G 5 57.92 34.58 29.08
C SER G 5 59.06 33.61 28.77
N VAL G 6 58.89 32.83 27.70
CA VAL G 6 59.88 31.84 27.28
C VAL G 6 60.16 31.88 25.78
N ARG G 7 61.44 32.01 25.42
CA ARG G 7 61.85 32.07 24.02
C ARG G 7 62.65 30.81 23.68
N ARG G 8 62.13 30.00 22.76
CA ARG G 8 62.81 28.76 22.37
C ARG G 8 62.53 28.37 20.91
N ASN G 9 63.54 28.54 20.06
CA ASN G 9 63.45 28.21 18.64
C ASN G 9 62.75 29.30 17.83
N GLY G 10 63.32 30.51 17.84
CA GLY G 10 62.73 31.61 17.12
C GLY G 10 61.31 31.88 17.56
N GLN G 11 60.88 31.17 18.59
CA GLN G 11 59.54 31.31 19.13
C GLN G 11 59.56 32.01 20.48
N VAL G 12 58.83 33.12 20.59
CA VAL G 12 58.77 33.87 21.82
C VAL G 12 57.33 33.86 22.32
N VAL G 13 57.12 33.27 23.50
CA VAL G 13 55.80 33.19 24.09
C VAL G 13 55.68 33.95 25.40
N VAL G 14 54.49 34.48 25.65
CA VAL G 14 54.22 35.22 26.88
C VAL G 14 52.80 34.94 27.35
N GLY G 15 52.68 34.34 28.54
CA GLY G 15 51.38 34.00 29.09
C GLY G 15 51.20 34.48 30.51
N GLY G 16 49.95 34.59 30.94
CA GLY G 16 49.67 35.06 32.28
C GLY G 16 48.32 34.61 32.80
N ASP G 17 48.18 34.58 34.12
CA ASP G 17 46.92 34.18 34.74
C ASP G 17 45.90 35.30 34.53
N GLY G 18 44.73 35.15 35.13
CA GLY G 18 43.72 36.16 34.98
C GLY G 18 42.99 36.51 36.27
N GLN G 19 43.68 36.53 37.40
CA GLN G 19 43.01 36.84 38.65
C GLN G 19 43.25 38.26 39.12
N VAL G 20 42.18 38.96 39.47
CA VAL G 20 42.27 40.33 39.97
C VAL G 20 41.70 40.33 41.39
N SER G 21 42.58 40.54 42.37
CA SER G 21 42.16 40.52 43.76
C SER G 21 42.15 41.87 44.45
N LEU G 22 41.26 42.01 45.41
CA LEU G 22 41.13 43.22 46.22
C LEU G 22 41.36 42.78 47.67
N GLY G 23 42.62 42.77 48.08
CA GLY G 23 42.94 42.35 49.43
C GLY G 23 43.07 40.84 49.40
N ASN G 24 42.16 40.16 50.09
CA ASN G 24 42.20 38.71 50.11
C ASN G 24 40.98 38.07 49.46
N THR G 25 40.30 38.80 48.58
CA THR G 25 39.12 38.29 47.88
C THR G 25 39.23 38.48 46.37
N VAL G 26 38.70 37.52 45.62
CA VAL G 26 38.75 37.58 44.17
C VAL G 26 37.71 38.54 43.61
N MET G 27 38.17 39.38 42.69
CA MET G 27 37.33 40.38 42.05
C MET G 27 37.02 39.96 40.62
N LYS G 28 38.00 39.31 39.97
CA LYS G 28 37.83 38.85 38.59
C LYS G 28 38.86 37.77 38.25
N GLY G 29 38.38 36.69 37.64
CA GLY G 29 39.27 35.60 37.27
C GLY G 29 39.62 35.50 35.79
N ASN G 30 38.80 36.10 34.95
CA ASN G 30 39.04 36.08 33.51
C ASN G 30 39.56 37.43 33.06
N ALA G 31 40.87 37.64 33.22
CA ALA G 31 41.49 38.91 32.82
C ALA G 31 42.63 38.71 31.83
N ARG G 32 42.79 39.68 30.94
CA ARG G 32 43.85 39.65 29.92
C ARG G 32 44.99 40.49 30.45
N LYS G 33 46.13 39.85 30.71
CA LYS G 33 47.28 40.57 31.22
C LYS G 33 48.42 40.64 30.22
N VAL G 34 48.17 40.13 29.01
CA VAL G 34 49.15 40.15 27.93
C VAL G 34 48.48 40.71 26.68
N ARG G 35 48.99 41.83 26.19
CA ARG G 35 48.43 42.48 25.00
C ARG G 35 49.45 42.51 23.87
N ARG G 36 48.94 42.67 22.65
CA ARG G 36 49.78 42.76 21.46
C ARG G 36 49.99 44.25 21.17
N LEU G 37 51.25 44.67 21.05
CA LEU G 37 51.55 46.07 20.80
C LEU G 37 52.36 46.31 19.52
N TYR G 38 52.53 47.58 19.18
CA TYR G 38 53.28 48.00 18.00
C TYR G 38 52.87 47.17 16.78
N ASN G 39 51.63 47.34 16.36
CA ASN G 39 51.08 46.63 15.22
C ASN G 39 51.36 45.12 15.32
N GLY G 40 50.94 44.53 16.43
CA GLY G 40 51.14 43.11 16.63
C GLY G 40 52.56 42.63 16.43
N LYS G 41 53.52 43.52 16.66
CA LYS G 41 54.93 43.18 16.50
C LYS G 41 55.62 43.04 17.86
N VAL G 42 55.01 43.60 18.90
CA VAL G 42 55.58 43.53 20.24
C VAL G 42 54.56 43.13 21.29
N LEU G 43 54.64 41.88 21.74
CA LEU G 43 53.73 41.39 22.77
C LEU G 43 54.24 41.78 24.15
N ALA G 44 53.34 42.29 24.99
CA ALA G 44 53.72 42.72 26.32
C ALA G 44 52.78 42.19 27.39
N GLY G 45 53.30 42.09 28.62
CA GLY G 45 52.53 41.61 29.74
C GLY G 45 52.71 42.54 30.92
N PHE G 46 51.65 42.76 31.69
CA PHE G 46 51.72 43.64 32.84
C PHE G 46 51.28 42.93 34.11
N ALA G 47 51.69 43.51 35.24
CA ALA G 47 51.37 43.00 36.55
C ALA G 47 51.02 44.23 37.38
N GLY G 48 49.78 44.70 37.21
CA GLY G 48 49.32 45.87 37.94
C GLY G 48 47.94 46.24 37.43
N GLY G 49 47.53 47.48 37.72
CA GLY G 49 46.23 47.94 37.26
C GLY G 49 46.25 48.11 35.74
N THR G 50 45.26 47.57 35.05
CA THR G 50 45.23 47.68 33.61
C THR G 50 45.41 49.12 33.15
N ALA G 51 44.74 50.05 33.81
CA ALA G 51 44.85 51.47 33.46
C ALA G 51 46.31 51.87 33.57
N ASP G 52 46.93 51.57 34.70
CA ASP G 52 48.35 51.90 34.92
C ASP G 52 49.16 51.36 33.74
N ALA G 53 48.85 50.14 33.34
CA ALA G 53 49.54 49.49 32.25
C ALA G 53 49.27 50.21 30.93
N PHE G 54 48.00 50.35 30.58
CA PHE G 54 47.63 51.02 29.34
C PHE G 54 48.38 52.33 29.21
N THR G 55 48.44 53.09 30.29
CA THR G 55 49.14 54.37 30.29
C THR G 55 50.63 54.19 29.94
N LEU G 56 51.20 53.05 30.31
CA LEU G 56 52.60 52.77 30.03
C LEU G 56 52.80 52.02 28.71
N PHE G 57 51.76 51.33 28.24
CA PHE G 57 51.86 50.59 26.98
C PHE G 57 51.85 51.55 25.80
N GLU G 58 51.00 52.57 25.91
CA GLU G 58 50.87 53.60 24.89
C GLU G 58 52.18 54.39 24.83
N LEU G 59 52.75 54.64 26.00
CA LEU G 59 54.00 55.39 26.13
C LEU G 59 55.23 54.60 25.64
N PHE G 60 55.10 53.28 25.55
CA PHE G 60 56.21 52.47 25.07
C PHE G 60 56.15 52.49 23.55
N GLU G 61 54.96 52.77 23.02
CA GLU G 61 54.76 52.86 21.59
C GLU G 61 55.53 54.10 21.12
N ARG G 62 55.33 55.20 21.83
CA ARG G 62 55.97 56.46 21.53
C ARG G 62 57.49 56.29 21.50
N LYS G 63 58.04 55.76 22.59
CA LYS G 63 59.48 55.56 22.70
C LYS G 63 60.03 54.58 21.67
N LEU G 64 59.18 53.67 21.18
CA LEU G 64 59.60 52.70 20.17
C LEU G 64 59.66 53.33 18.79
N GLU G 65 59.26 54.60 18.71
CA GLU G 65 59.28 55.32 17.45
C GLU G 65 60.52 56.20 17.39
N MET G 66 60.83 56.86 18.50
CA MET G 66 62.01 57.72 18.59
C MET G 66 63.20 56.89 18.12
N HIS G 67 63.11 55.59 18.34
CA HIS G 67 64.17 54.66 17.97
C HIS G 67 63.57 53.59 17.06
N GLN G 68 64.37 53.09 16.13
CA GLN G 68 63.89 52.08 15.18
C GLN G 68 63.46 50.75 15.78
N GLY G 69 62.20 50.68 16.20
CA GLY G 69 61.65 49.47 16.78
C GLY G 69 62.60 48.67 17.66
N HIS G 70 63.62 49.34 18.19
CA HIS G 70 64.60 48.68 19.05
C HIS G 70 64.03 48.53 20.45
N LEU G 71 63.51 47.34 20.72
CA LEU G 71 62.91 47.02 22.01
C LEU G 71 63.74 47.56 23.17
N LEU G 72 65.03 47.21 23.21
CA LEU G 72 65.89 47.64 24.30
C LEU G 72 66.03 49.16 24.42
N LYS G 73 66.30 49.84 23.30
CA LYS G 73 66.46 51.29 23.30
C LYS G 73 65.19 51.92 23.86
N SER G 74 64.06 51.46 23.35
CA SER G 74 62.75 51.96 23.77
C SER G 74 62.49 51.68 25.25
N ALA G 75 62.90 50.48 25.69
CA ALA G 75 62.73 50.05 27.07
C ALA G 75 63.56 50.91 28.02
N VAL G 76 64.87 50.83 27.87
CA VAL G 76 65.79 51.59 28.72
C VAL G 76 65.33 53.04 28.83
N GLU G 77 64.70 53.55 27.78
CA GLU G 77 64.21 54.91 27.78
C GLU G 77 63.01 55.05 28.72
N LEU G 78 62.01 54.19 28.53
CA LEU G 78 60.81 54.24 29.35
C LEU G 78 61.16 54.30 30.84
N ALA G 79 61.98 53.35 31.29
CA ALA G 79 62.37 53.28 32.69
C ALA G 79 63.14 54.52 33.15
N LYS G 80 63.76 55.22 32.21
CA LYS G 80 64.52 56.41 32.53
C LYS G 80 63.54 57.53 32.88
N ASP G 81 62.34 57.47 32.32
CA ASP G 81 61.31 58.48 32.54
C ASP G 81 60.35 58.07 33.65
N TRP G 82 60.01 56.78 33.70
CA TRP G 82 59.11 56.23 34.71
C TRP G 82 59.60 56.63 36.10
N ARG G 83 60.92 56.70 36.27
CA ARG G 83 61.50 57.05 37.55
C ARG G 83 61.71 58.56 37.72
N THR G 84 61.90 59.26 36.60
CA THR G 84 62.13 60.71 36.64
C THR G 84 60.82 61.49 36.57
N ASP G 85 59.91 61.07 35.70
CA ASP G 85 58.62 61.75 35.54
C ASP G 85 57.80 61.50 36.81
N ARG G 86 57.48 62.57 37.53
CA ARG G 86 56.72 62.48 38.78
C ARG G 86 55.35 61.81 38.63
N ALA G 87 54.76 61.92 37.46
CA ALA G 87 53.44 61.32 37.22
C ALA G 87 53.57 59.82 37.01
N LEU G 88 54.70 59.38 36.46
CA LEU G 88 54.94 57.96 36.20
C LEU G 88 55.29 57.15 37.44
N ARG G 89 55.98 57.76 38.40
CA ARG G 89 56.33 57.05 39.63
C ARG G 89 55.08 56.82 40.46
N LYS G 90 53.95 57.30 39.94
CA LYS G 90 52.66 57.14 40.59
C LYS G 90 52.16 55.75 40.24
N LEU G 91 52.42 55.35 39.00
CA LEU G 91 51.99 54.04 38.49
C LEU G 91 52.96 52.94 38.90
N GLU G 92 52.50 52.02 39.74
CA GLU G 92 53.34 50.91 40.17
C GLU G 92 52.91 49.68 39.38
N ALA G 93 53.90 48.99 38.80
CA ALA G 93 53.63 47.79 38.01
C ALA G 93 54.93 47.14 37.54
N MET G 94 54.80 45.99 36.91
CA MET G 94 55.93 45.26 36.35
C MET G 94 55.60 45.12 34.89
N LEU G 95 56.63 45.16 34.03
CA LEU G 95 56.42 45.02 32.60
C LEU G 95 57.36 44.01 31.94
N ILE G 96 56.80 43.24 31.01
CA ILE G 96 57.57 42.25 30.26
C ILE G 96 57.30 42.47 28.78
N VAL G 97 58.37 42.62 28.00
CA VAL G 97 58.25 42.83 26.57
C VAL G 97 59.12 41.89 25.75
N ALA G 98 58.57 41.45 24.62
CA ALA G 98 59.27 40.55 23.72
C ALA G 98 58.85 40.89 22.30
N ASP G 99 59.68 40.58 21.32
CA ASP G 99 59.33 40.86 19.93
C ASP G 99 59.86 39.84 18.93
N GLU G 100 61.16 39.82 18.72
CA GLU G 100 61.74 38.90 17.75
C GLU G 100 63.22 38.67 17.99
N LYS G 101 63.86 39.55 18.74
CA LYS G 101 65.28 39.41 18.99
C LYS G 101 65.63 39.35 20.48
N GLU G 102 64.76 39.85 21.34
CA GLU G 102 65.05 39.86 22.77
C GLU G 102 63.84 40.07 23.66
N SER G 103 63.98 39.72 24.93
CA SER G 103 62.93 39.88 25.93
C SER G 103 63.43 40.77 27.05
N LEU G 104 62.54 41.51 27.69
CA LEU G 104 62.92 42.41 28.78
C LEU G 104 61.87 42.60 29.85
N ILE G 105 62.29 43.21 30.96
CA ILE G 105 61.42 43.52 32.08
C ILE G 105 61.70 44.95 32.51
N ILE G 106 60.64 45.77 32.57
CA ILE G 106 60.76 47.18 32.95
C ILE G 106 60.17 47.45 34.32
N THR G 107 60.97 48.07 35.20
CA THR G 107 60.50 48.37 36.54
C THR G 107 60.42 49.87 36.83
N GLY G 108 59.44 50.26 37.64
CA GLY G 108 59.28 51.64 37.99
C GLY G 108 60.33 52.07 38.98
N ILE G 109 61.24 51.16 39.26
CA ILE G 109 62.32 51.40 40.20
C ILE G 109 63.69 51.20 39.52
N GLY G 110 64.33 50.08 39.80
CA GLY G 110 65.62 49.79 39.20
C GLY G 110 65.70 50.16 37.74
N ASP G 111 65.44 49.18 36.86
CA ASP G 111 65.47 49.39 35.42
C ASP G 111 65.61 48.06 34.68
N VAL G 112 65.45 48.14 33.37
CA VAL G 112 65.53 46.99 32.46
C VAL G 112 66.38 45.82 32.95
N VAL G 113 65.94 44.61 32.61
CA VAL G 113 66.64 43.38 32.97
C VAL G 113 66.51 42.43 31.78
N GLN G 114 67.64 41.89 31.32
CA GLN G 114 67.63 40.96 30.19
C GLN G 114 67.76 39.52 30.67
N PRO G 115 67.21 38.57 29.91
CA PRO G 115 67.29 37.16 30.30
C PRO G 115 68.73 36.64 30.28
N GLU G 116 68.92 35.45 30.83
CA GLU G 116 70.23 34.81 30.83
C GLU G 116 70.27 34.00 29.55
N GLU G 117 71.24 33.12 29.42
CA GLU G 117 71.35 32.30 28.21
C GLU G 117 70.18 31.31 28.11
N ASP G 118 69.18 31.48 28.96
CA ASP G 118 68.01 30.60 28.95
C ASP G 118 66.81 31.24 28.24
N GLN G 119 66.81 32.57 28.18
CA GLN G 119 65.73 33.31 27.54
C GLN G 119 64.38 33.08 28.23
N ILE G 120 64.33 33.41 29.52
CA ILE G 120 63.12 33.26 30.31
C ILE G 120 62.98 34.43 31.27
N LEU G 121 61.77 34.94 31.40
CA LEU G 121 61.51 36.04 32.32
C LEU G 121 60.15 35.84 32.99
N ALA G 122 60.03 36.31 34.23
CA ALA G 122 58.77 36.17 34.97
C ALA G 122 58.58 37.28 35.97
N ILE G 123 57.33 37.74 36.11
CA ILE G 123 57.01 38.79 37.06
C ILE G 123 55.71 38.48 37.80
N GLY G 124 55.40 39.24 38.83
CA GLY G 124 54.19 38.99 39.59
C GLY G 124 54.46 38.14 40.81
N SER G 125 53.60 38.24 41.81
CA SER G 125 53.76 37.49 43.05
C SER G 125 54.14 36.03 42.81
N GLY G 126 53.60 35.43 41.75
CA GLY G 126 53.90 34.03 41.49
C GLY G 126 55.02 33.84 40.50
N GLY G 127 55.58 34.96 40.02
CA GLY G 127 56.65 34.91 39.05
C GLY G 127 57.75 33.92 39.31
N ASN G 128 58.41 34.04 40.46
CA ASN G 128 59.51 33.15 40.80
C ASN G 128 59.12 31.67 40.82
N TYR G 129 57.84 31.37 40.99
CA TYR G 129 57.44 29.97 40.98
C TYR G 129 57.42 29.51 39.53
N ALA G 130 56.83 30.32 38.66
CA ALA G 130 56.76 30.00 37.23
C ALA G 130 58.17 29.94 36.66
N LEU G 131 59.01 30.86 37.10
CA LEU G 131 60.40 30.92 36.68
C LEU G 131 61.11 29.60 36.98
N SER G 132 60.94 29.12 38.20
CA SER G 132 61.55 27.87 38.65
C SER G 132 61.09 26.68 37.82
N ALA G 133 59.80 26.64 37.52
CA ALA G 133 59.25 25.54 36.70
C ALA G 133 59.88 25.59 35.31
N ALA G 134 59.80 26.76 34.67
CA ALA G 134 60.35 26.95 33.34
C ALA G 134 61.82 26.55 33.27
N ARG G 135 62.66 27.24 34.03
CA ARG G 135 64.09 26.95 34.03
C ARG G 135 64.39 25.47 34.11
N ALA G 136 63.53 24.70 34.76
CA ALA G 136 63.76 23.28 34.86
C ALA G 136 63.31 22.60 33.57
N LEU G 137 62.12 22.98 33.10
CA LEU G 137 61.54 22.42 31.87
C LEU G 137 62.38 22.67 30.62
N VAL G 138 62.96 23.86 30.51
CA VAL G 138 63.77 24.22 29.35
C VAL G 138 65.16 23.59 29.38
N GLU G 139 65.56 23.10 30.54
CA GLU G 139 66.88 22.50 30.70
C GLU G 139 66.88 20.99 30.77
N ASN G 140 65.70 20.39 30.75
CA ASN G 140 65.59 18.94 30.83
C ASN G 140 64.57 18.36 29.85
N THR G 141 63.85 19.23 29.14
CA THR G 141 62.83 18.75 28.20
C THR G 141 62.93 19.37 26.81
N GLU G 142 62.15 18.81 25.89
CA GLU G 142 62.11 19.27 24.50
C GLU G 142 60.77 19.94 24.23
N LEU G 143 59.96 20.11 25.28
CA LEU G 143 58.65 20.73 25.16
C LEU G 143 58.71 22.09 24.47
N SER G 144 57.67 22.42 23.73
CA SER G 144 57.60 23.69 23.00
C SER G 144 57.64 24.87 23.95
N ALA G 145 58.06 26.02 23.44
CA ALA G 145 58.12 27.22 24.26
C ALA G 145 56.72 27.55 24.73
N HIS G 146 55.74 27.01 24.02
CA HIS G 146 54.34 27.23 24.35
C HIS G 146 53.81 26.19 25.34
N GLU G 147 54.29 24.96 25.22
CA GLU G 147 53.85 23.91 26.13
C GLU G 147 54.51 24.10 27.50
N ILE G 148 55.62 24.84 27.52
CA ILE G 148 56.34 25.13 28.76
C ILE G 148 55.62 26.22 29.54
N VAL G 149 55.44 27.37 28.91
CA VAL G 149 54.73 28.48 29.55
C VAL G 149 53.41 27.92 30.09
N GLU G 150 52.74 27.13 29.27
CA GLU G 150 51.48 26.51 29.64
C GLU G 150 51.57 25.90 31.04
N LYS G 151 52.48 24.93 31.18
CA LYS G 151 52.68 24.23 32.44
C LYS G 151 53.13 25.13 33.59
N SER G 152 54.12 25.99 33.34
CA SER G 152 54.62 26.88 34.38
C SER G 152 53.52 27.71 35.04
N LEU G 153 52.53 28.15 34.27
CA LEU G 153 51.44 28.93 34.85
C LEU G 153 50.63 28.06 35.81
N ARG G 154 50.39 26.82 35.40
CA ARG G 154 49.63 25.87 36.22
C ARG G 154 50.34 25.67 37.57
N ILE G 155 51.64 25.40 37.50
CA ILE G 155 52.44 25.18 38.69
C ILE G 155 52.42 26.39 39.64
N ALA G 156 52.69 27.58 39.10
CA ALA G 156 52.68 28.80 39.90
C ALA G 156 51.31 29.04 40.50
N GLY G 157 50.29 29.04 39.63
CA GLY G 157 48.93 29.26 40.08
C GLY G 157 48.49 28.35 41.21
N ASP G 158 49.09 27.17 41.30
CA ASP G 158 48.75 26.23 42.35
C ASP G 158 49.43 26.54 43.69
N ILE G 159 50.50 27.35 43.66
CA ILE G 159 51.21 27.71 44.88
C ILE G 159 50.82 29.09 45.34
N CYS G 160 50.67 30.03 44.41
CA CYS G 160 50.28 31.39 44.75
C CYS G 160 48.77 31.53 44.88
N VAL G 161 48.32 32.13 45.99
CA VAL G 161 46.89 32.32 46.23
C VAL G 161 46.36 33.54 45.50
N PHE G 162 47.24 34.25 44.79
CA PHE G 162 46.84 35.45 44.06
C PHE G 162 46.86 35.23 42.55
N THR G 163 47.04 33.97 42.17
CA THR G 163 47.10 33.56 40.77
C THR G 163 46.13 32.41 40.51
N ASN G 164 45.47 32.44 39.35
CA ASN G 164 44.51 31.40 39.03
C ASN G 164 44.93 30.54 37.84
N THR G 165 43.92 30.00 37.14
CA THR G 165 44.13 29.12 35.99
C THR G 165 43.67 29.62 34.62
N ASN G 166 42.98 30.76 34.57
CA ASN G 166 42.56 31.31 33.28
C ASN G 166 43.77 32.00 32.65
N PHE G 167 44.39 31.32 31.70
CA PHE G 167 45.59 31.83 31.04
C PHE G 167 45.33 32.59 29.74
N THR G 168 46.17 33.58 29.50
CA THR G 168 46.10 34.40 28.30
C THR G 168 47.45 34.30 27.60
N ILE G 169 47.66 33.21 26.89
CA ILE G 169 48.94 32.98 26.20
C ILE G 169 49.00 33.68 24.84
N GLU G 170 50.02 34.51 24.66
CA GLU G 170 50.22 35.23 23.40
C GLU G 170 51.54 34.79 22.77
N GLU G 171 51.43 34.03 21.68
CA GLU G 171 52.60 33.52 20.98
C GLU G 171 53.10 34.54 19.96
N LEU G 172 54.10 34.16 19.17
CA LEU G 172 54.66 35.04 18.15
C LEU G 172 55.76 34.31 17.37
N PRO G 173 55.71 34.37 16.03
CA PRO G 173 54.69 35.05 15.22
C PRO G 173 53.32 34.39 15.27
N ASN G 174 53.24 33.17 15.06
N THR H 1 -18.11 -13.16 7.83
CA THR H 1 -18.30 -13.52 9.27
C THR H 1 -18.07 -12.34 10.19
N THR H 2 -19.05 -12.09 11.06
CA THR H 2 -18.96 -10.98 11.99
C THR H 2 -19.53 -11.33 13.36
N ILE H 3 -18.65 -11.29 14.37
CA ILE H 3 -19.05 -11.55 15.75
C ILE H 3 -18.71 -10.30 16.54
N VAL H 4 -19.70 -9.75 17.24
CA VAL H 4 -19.50 -8.54 18.03
C VAL H 4 -20.07 -8.68 19.45
N SER H 5 -19.37 -8.08 20.40
CA SER H 5 -19.77 -8.11 21.81
C SER H 5 -19.76 -6.69 22.40
N VAL H 6 -20.79 -6.37 23.19
CA VAL H 6 -20.92 -5.06 23.80
C VAL H 6 -21.51 -5.16 25.20
N ARG H 7 -20.77 -4.67 26.19
CA ARG H 7 -21.22 -4.70 27.58
C ARG H 7 -21.67 -3.31 28.00
N ARG H 8 -22.88 -3.20 28.54
CA ARG H 8 -23.38 -1.90 28.96
C ARG H 8 -24.59 -1.99 29.88
N ASN H 9 -24.48 -1.33 31.03
CA ASN H 9 -25.55 -1.33 32.03
C ASN H 9 -25.77 -2.73 32.61
N GLY H 10 -24.68 -3.36 33.05
CA GLY H 10 -24.77 -4.69 33.61
C GLY H 10 -24.79 -5.81 32.59
N GLN H 11 -25.83 -5.85 31.77
CA GLN H 11 -25.99 -6.88 30.75
C GLN H 11 -24.89 -6.90 29.68
N VAL H 12 -24.47 -8.11 29.31
CA VAL H 12 -23.45 -8.30 28.29
C VAL H 12 -24.10 -9.02 27.10
N VAL H 13 -23.78 -8.60 25.88
CA VAL H 13 -24.34 -9.20 24.67
C VAL H 13 -23.29 -9.63 23.66
N VAL H 14 -23.58 -10.72 22.95
CA VAL H 14 -22.69 -11.25 21.93
C VAL H 14 -23.53 -11.69 20.72
N GLY H 15 -23.34 -11.02 19.59
CA GLY H 15 -24.11 -11.34 18.40
C GLY H 15 -23.29 -11.65 17.16
N GLY H 16 -23.83 -12.51 16.30
CA GLY H 16 -23.12 -12.86 15.08
C GLY H 16 -24.07 -13.08 13.91
N ASP H 17 -23.49 -13.20 12.73
CA ASP H 17 -24.28 -13.43 11.51
C ASP H 17 -24.45 -14.94 11.34
N GLY H 18 -24.96 -15.35 10.18
CA GLY H 18 -25.15 -16.77 9.94
C GLY H 18 -24.68 -17.26 8.59
N GLN H 19 -23.86 -16.49 7.88
CA GLN H 19 -23.40 -16.93 6.57
C GLN H 19 -22.19 -17.85 6.61
N VAL H 20 -22.31 -18.97 5.90
CA VAL H 20 -21.20 -19.90 5.81
C VAL H 20 -20.79 -19.84 4.34
N SER H 21 -19.51 -19.56 4.08
CA SER H 21 -19.07 -19.46 2.71
C SER H 21 -18.06 -20.49 2.28
N LEU H 22 -18.14 -20.88 1.01
CA LEU H 22 -17.22 -21.83 0.41
C LEU H 22 -16.69 -21.10 -0.81
N GLY H 23 -15.58 -20.40 -0.63
CA GLY H 23 -15.02 -19.63 -1.73
C GLY H 23 -15.84 -18.36 -1.80
N ASN H 24 -16.52 -18.15 -2.92
CA ASN H 24 -17.34 -16.96 -3.07
C ASN H 24 -18.81 -17.30 -3.26
N THR H 25 -19.23 -18.41 -2.65
CA THR H 25 -20.62 -18.87 -2.73
C THR H 25 -21.12 -19.19 -1.33
N VAL H 26 -22.42 -19.07 -1.13
CA VAL H 26 -23.02 -19.33 0.18
C VAL H 26 -23.50 -20.78 0.29
N MET H 27 -23.21 -21.41 1.43
CA MET H 27 -23.64 -22.78 1.69
C MET H 27 -24.89 -22.73 2.56
N LYS H 28 -24.83 -21.89 3.59
CA LYS H 28 -25.93 -21.72 4.52
C LYS H 28 -25.97 -20.26 4.99
N GLY H 29 -27.07 -19.86 5.63
CA GLY H 29 -27.17 -18.50 6.10
C GLY H 29 -27.75 -18.35 7.50
N ASN H 30 -28.04 -19.46 8.17
CA ASN H 30 -28.63 -19.40 9.50
C ASN H 30 -27.82 -20.08 10.61
N ALA H 31 -26.53 -20.30 10.35
CA ALA H 31 -25.66 -20.94 11.33
C ALA H 31 -25.67 -20.23 12.69
N ARG H 32 -25.29 -20.96 13.73
CA ARG H 32 -25.25 -20.42 15.09
C ARG H 32 -23.78 -20.18 15.47
N LYS H 33 -23.35 -18.93 15.42
CA LYS H 33 -21.96 -18.63 15.74
C LYS H 33 -21.73 -18.23 17.19
N VAL H 34 -22.81 -18.17 17.97
CA VAL H 34 -22.68 -17.81 19.39
C VAL H 34 -23.38 -18.86 20.26
N ARG H 35 -22.61 -19.48 21.14
CA ARG H 35 -23.13 -20.51 22.05
C ARG H 35 -23.13 -20.06 23.51
N ARG H 36 -23.48 -21.00 24.39
CA ARG H 36 -23.50 -20.79 25.83
C ARG H 36 -22.61 -21.86 26.44
N LEU H 37 -21.83 -21.49 27.46
CA LEU H 37 -20.93 -22.45 28.09
C LEU H 37 -20.95 -22.37 29.61
N TYR H 38 -20.07 -23.15 30.22
CA TYR H 38 -19.95 -23.23 31.67
C TYR H 38 -21.32 -23.04 32.32
N ASN H 39 -22.17 -24.04 32.12
CA ASN H 39 -23.52 -24.05 32.67
C ASN H 39 -24.28 -22.76 32.34
N GLY H 40 -24.18 -22.34 31.08
CA GLY H 40 -24.87 -21.15 30.63
C GLY H 40 -24.55 -19.87 31.38
N LYS H 41 -23.32 -19.76 31.86
CA LYS H 41 -22.88 -18.57 32.59
C LYS H 41 -21.89 -17.78 31.75
N VAL H 42 -21.36 -18.44 30.73
CA VAL H 42 -20.38 -17.81 29.85
C VAL H 42 -20.68 -18.09 28.37
N LEU H 43 -21.24 -17.11 27.68
CA LEU H 43 -21.56 -17.26 26.26
C LEU H 43 -20.34 -16.92 25.40
N ALA H 44 -20.16 -17.65 24.31
CA ALA H 44 -19.01 -17.43 23.43
C ALA H 44 -19.31 -17.47 21.93
N GLY H 45 -18.51 -16.73 21.17
CA GLY H 45 -18.66 -16.68 19.72
C GLY H 45 -17.39 -17.11 19.01
N PHE H 46 -17.53 -17.54 17.76
CA PHE H 46 -16.37 -17.99 17.00
C PHE H 46 -16.41 -17.52 15.54
N ALA H 47 -15.25 -17.51 14.91
CA ALA H 47 -15.12 -17.13 13.52
C ALA H 47 -14.38 -18.27 12.83
N GLY H 48 -15.14 -19.30 12.47
CA GLY H 48 -14.57 -20.47 11.82
C GLY H 48 -15.54 -21.64 11.80
N GLY H 49 -15.06 -22.80 11.39
CA GLY H 49 -15.91 -23.98 11.35
C GLY H 49 -16.42 -24.29 12.75
N THR H 50 -17.60 -24.91 12.84
CA THR H 50 -18.14 -25.25 14.14
C THR H 50 -17.40 -26.42 14.76
N ALA H 51 -16.93 -27.35 13.91
CA ALA H 51 -16.20 -28.51 14.40
C ALA H 51 -14.98 -28.07 15.21
N ASP H 52 -14.58 -26.82 15.04
CA ASP H 52 -13.46 -26.25 15.78
C ASP H 52 -14.07 -25.52 16.96
N ALA H 53 -15.29 -25.03 16.75
CA ALA H 53 -16.02 -24.32 17.79
C ALA H 53 -16.37 -25.30 18.89
N PHE H 54 -16.25 -26.59 18.61
CA PHE H 54 -16.56 -27.62 19.59
C PHE H 54 -15.25 -27.90 20.33
N THR H 55 -14.27 -28.38 19.57
CA THR H 55 -12.95 -28.71 20.11
C THR H 55 -12.39 -27.62 21.03
N LEU H 56 -12.36 -26.37 20.55
CA LEU H 56 -11.84 -25.27 21.34
C LEU H 56 -12.72 -24.89 22.52
N PHE H 57 -14.03 -24.84 22.30
CA PHE H 57 -14.98 -24.49 23.36
C PHE H 57 -14.85 -25.50 24.49
N GLU H 58 -14.86 -26.77 24.13
CA GLU H 58 -14.74 -27.84 25.11
C GLU H 58 -13.49 -27.60 25.97
N LEU H 59 -12.32 -27.56 25.35
CA LEU H 59 -11.06 -27.36 26.06
C LEU H 59 -11.05 -26.11 26.96
N PHE H 60 -11.80 -25.08 26.59
CA PHE H 60 -11.86 -23.87 27.40
C PHE H 60 -12.62 -24.18 28.70
N GLU H 61 -13.45 -25.22 28.64
CA GLU H 61 -14.23 -25.66 29.79
C GLU H 61 -13.29 -26.22 30.85
N ARG H 62 -12.57 -27.27 30.49
CA ARG H 62 -11.61 -27.91 31.38
C ARG H 62 -10.81 -26.83 32.07
N LYS H 63 -10.50 -25.76 31.34
CA LYS H 63 -9.73 -24.64 31.89
C LYS H 63 -10.48 -23.98 33.04
N LEU H 64 -11.69 -23.49 32.75
CA LEU H 64 -12.49 -22.85 33.78
C LEU H 64 -12.72 -23.80 34.96
N GLU H 65 -12.69 -25.10 34.67
CA GLU H 65 -12.88 -26.12 35.69
C GLU H 65 -11.81 -25.93 36.77
N MET H 66 -10.56 -26.11 36.35
CA MET H 66 -9.39 -25.98 37.21
C MET H 66 -8.89 -24.56 37.42
N HIS H 67 -9.81 -23.60 37.46
CA HIS H 67 -9.43 -22.20 37.67
C HIS H 67 -10.61 -21.41 38.25
N GLN H 68 -11.72 -22.11 38.47
CA GLN H 68 -12.93 -21.51 39.03
C GLN H 68 -13.43 -20.28 38.27
N GLY H 69 -14.22 -20.52 37.23
CA GLY H 69 -14.80 -19.45 36.44
C GLY H 69 -13.98 -18.19 36.15
N HIS H 70 -12.66 -18.27 36.22
CA HIS H 70 -11.84 -17.09 35.94
C HIS H 70 -11.42 -17.07 34.46
N LEU H 71 -12.30 -16.51 33.62
CA LEU H 71 -12.05 -16.41 32.19
C LEU H 71 -10.65 -15.89 31.91
N LEU H 72 -10.40 -14.65 32.30
CA LEU H 72 -9.10 -14.00 32.07
C LEU H 72 -7.90 -14.94 32.25
N LYS H 73 -7.86 -15.65 33.38
CA LYS H 73 -6.77 -16.57 33.67
C LYS H 73 -6.94 -17.84 32.83
N SER H 74 -8.19 -18.31 32.75
CA SER H 74 -8.51 -19.50 31.98
C SER H 74 -8.12 -19.30 30.52
N ALA H 75 -8.60 -18.20 29.96
CA ALA H 75 -8.32 -17.84 28.57
C ALA H 75 -6.84 -17.90 28.25
N VAL H 76 -6.05 -17.15 29.00
CA VAL H 76 -4.60 -17.12 28.77
C VAL H 76 -4.06 -18.53 28.67
N GLU H 77 -4.56 -19.40 29.56
CA GLU H 77 -4.13 -20.79 29.56
C GLU H 77 -4.53 -21.47 28.27
N LEU H 78 -5.76 -21.22 27.83
CA LEU H 78 -6.22 -21.81 26.58
C LEU H 78 -5.36 -21.30 25.44
N ALA H 79 -5.09 -19.99 25.45
CA ALA H 79 -4.25 -19.38 24.42
C ALA H 79 -2.93 -20.12 24.33
N LYS H 80 -2.35 -20.41 25.50
CA LYS H 80 -1.07 -21.11 25.57
C LYS H 80 -1.20 -22.49 24.92
N ASP H 81 -2.32 -23.15 25.15
CA ASP H 81 -2.57 -24.47 24.56
C ASP H 81 -2.67 -24.36 23.05
N TRP H 82 -3.61 -23.54 22.58
CA TRP H 82 -3.83 -23.33 21.16
C TRP H 82 -2.49 -23.14 20.47
N ARG H 83 -1.58 -22.49 21.17
CA ARG H 83 -0.25 -22.22 20.65
C ARG H 83 0.66 -23.43 20.67
N THR H 84 1.18 -23.77 21.85
CA THR H 84 2.09 -24.88 22.00
C THR H 84 1.53 -26.28 21.71
N ASP H 85 0.23 -26.47 21.85
CA ASP H 85 -0.37 -27.78 21.59
C ASP H 85 -0.36 -28.10 20.10
N ARG H 86 0.18 -29.25 19.74
CA ARG H 86 0.27 -29.69 18.34
C ARG H 86 -1.07 -29.84 17.64
N ALA H 87 -2.04 -30.45 18.33
CA ALA H 87 -3.37 -30.66 17.76
C ALA H 87 -4.06 -29.36 17.39
N LEU H 88 -4.20 -28.49 18.40
CA LEU H 88 -4.86 -27.20 18.22
C LEU H 88 -4.22 -26.28 17.18
N ARG H 89 -2.91 -26.42 16.98
CA ARG H 89 -2.22 -25.58 16.01
C ARG H 89 -2.81 -25.66 14.60
N LYS H 90 -3.40 -26.81 14.27
CA LYS H 90 -3.99 -27.01 12.95
C LYS H 90 -5.33 -26.32 12.79
N LEU H 91 -5.96 -25.97 13.90
CA LEU H 91 -7.25 -25.30 13.89
C LEU H 91 -7.13 -23.83 13.51
N GLU H 92 -8.15 -23.32 12.82
CA GLU H 92 -8.18 -21.93 12.38
C GLU H 92 -9.42 -21.24 12.94
N ALA H 93 -9.21 -20.22 13.77
CA ALA H 93 -10.32 -19.48 14.37
C ALA H 93 -9.87 -18.38 15.34
N MET H 94 -10.86 -17.64 15.83
CA MET H 94 -10.67 -16.59 16.81
C MET H 94 -11.92 -16.64 17.68
N LEU H 95 -11.74 -16.50 18.99
CA LEU H 95 -12.87 -16.60 19.90
C LEU H 95 -13.14 -15.39 20.77
N ILE H 96 -14.42 -15.18 21.05
CA ILE H 96 -14.84 -14.09 21.91
C ILE H 96 -15.64 -14.74 23.04
N VAL H 97 -15.17 -14.52 24.27
CA VAL H 97 -15.83 -15.08 25.45
C VAL H 97 -16.30 -13.94 26.36
N ALA H 98 -17.36 -14.19 27.12
CA ALA H 98 -17.87 -13.15 28.00
C ALA H 98 -18.72 -13.69 29.14
N ASP H 99 -18.38 -13.30 30.36
CA ASP H 99 -19.12 -13.72 31.54
C ASP H 99 -19.79 -12.48 32.14
N GLU H 100 -20.20 -12.58 33.39
CA GLU H 100 -20.87 -11.46 34.06
C GLU H 100 -19.85 -10.59 34.80
N LYS H 101 -18.73 -10.28 34.15
CA LYS H 101 -17.70 -9.47 34.77
C LYS H 101 -16.65 -8.94 33.77
N GLU H 102 -16.30 -9.78 32.79
CA GLU H 102 -15.30 -9.40 31.80
C GLU H 102 -15.41 -10.19 30.49
N SER H 103 -15.09 -9.55 29.38
CA SER H 103 -15.14 -10.19 28.06
C SER H 103 -13.74 -10.22 27.45
N LEU H 104 -13.42 -11.28 26.72
CA LEU H 104 -12.10 -11.39 26.09
C LEU H 104 -12.11 -11.95 24.67
N ILE H 105 -10.98 -11.82 23.98
CA ILE H 105 -10.81 -12.33 22.63
C ILE H 105 -9.59 -13.24 22.61
N ILE H 106 -9.80 -14.53 22.32
CA ILE H 106 -8.71 -15.48 22.26
C ILE H 106 -8.39 -15.82 20.82
N THR H 107 -7.13 -15.69 20.44
CA THR H 107 -6.74 -15.98 19.06
C THR H 107 -5.85 -17.22 19.04
N GLY H 108 -5.59 -17.72 17.84
CA GLY H 108 -4.75 -18.91 17.70
C GLY H 108 -3.29 -18.58 17.51
N ILE H 109 -2.97 -17.29 17.57
CA ILE H 109 -1.60 -16.84 17.40
C ILE H 109 -1.13 -16.04 18.61
N GLY H 110 -1.15 -14.72 18.49
CA GLY H 110 -0.73 -13.86 19.56
C GLY H 110 -1.11 -14.34 20.94
N ASP H 111 -2.35 -14.08 21.34
CA ASP H 111 -2.80 -14.47 22.66
C ASP H 111 -4.26 -14.08 22.95
N VAL H 112 -4.43 -13.39 24.07
CA VAL H 112 -5.74 -12.94 24.53
C VAL H 112 -5.77 -11.42 24.46
N VAL H 113 -6.98 -10.86 24.36
CA VAL H 113 -7.12 -9.41 24.28
C VAL H 113 -8.30 -8.89 25.10
N GLN H 114 -8.03 -7.92 25.95
CA GLN H 114 -9.05 -7.33 26.79
C GLN H 114 -9.57 -6.05 26.15
N PRO H 115 -10.87 -5.76 26.30
CA PRO H 115 -11.48 -4.56 25.74
C PRO H 115 -10.84 -3.31 26.35
N GLU H 116 -11.22 -2.14 25.86
CA GLU H 116 -10.68 -0.89 26.40
C GLU H 116 -11.80 -0.21 27.19
N GLU H 117 -11.51 0.93 27.81
CA GLU H 117 -12.49 1.67 28.61
C GLU H 117 -13.89 1.77 27.99
N ASP H 118 -14.02 1.34 26.74
CA ASP H 118 -15.29 1.40 26.03
C ASP H 118 -16.06 0.09 26.20
N GLN H 119 -15.33 -1.00 26.34
CA GLN H 119 -15.92 -2.32 26.53
C GLN H 119 -16.68 -2.85 25.32
N ILE H 120 -15.95 -3.22 24.27
CA ILE H 120 -16.54 -3.77 23.05
C ILE H 120 -15.50 -4.66 22.36
N LEU H 121 -15.97 -5.77 21.79
CA LEU H 121 -15.07 -6.69 21.09
C LEU H 121 -15.72 -7.22 19.82
N ALA H 122 -14.91 -7.38 18.78
CA ALA H 122 -15.41 -7.88 17.51
C ALA H 122 -14.37 -8.72 16.79
N ILE H 123 -14.83 -9.68 16.00
CA ILE H 123 -13.96 -10.56 15.24
C ILE H 123 -14.62 -10.92 13.91
N GLY H 124 -13.86 -11.51 13.00
CA GLY H 124 -14.40 -11.88 11.70
C GLY H 124 -14.10 -10.83 10.64
N SER H 125 -14.15 -11.23 9.38
CA SER H 125 -13.88 -10.34 8.25
C SER H 125 -14.62 -9.01 8.37
N GLY H 126 -15.81 -9.05 8.96
CA GLY H 126 -16.59 -7.83 9.12
C GLY H 126 -16.44 -7.22 10.49
N GLY H 127 -15.61 -7.83 11.31
CA GLY H 127 -15.39 -7.35 12.67
C GLY H 127 -15.17 -5.84 12.80
N ASN H 128 -14.12 -5.33 12.17
CA ASN H 128 -13.80 -3.91 12.24
C ASN H 128 -14.97 -2.98 11.89
N TYR H 129 -15.89 -3.45 11.04
CA TYR H 129 -17.01 -2.60 10.66
C TYR H 129 -18.02 -2.58 11.79
N ALA H 130 -18.21 -3.73 12.43
CA ALA H 130 -19.15 -3.82 13.53
C ALA H 130 -18.60 -2.99 14.69
N LEU H 131 -17.29 -3.05 14.87
CA LEU H 131 -16.63 -2.32 15.93
C LEU H 131 -16.79 -0.81 15.76
N SER H 132 -16.63 -0.34 14.53
CA SER H 132 -16.75 1.08 14.25
C SER H 132 -18.16 1.59 14.53
N ALA H 133 -19.15 0.81 14.16
CA ALA H 133 -20.53 1.20 14.41
C ALA H 133 -20.83 1.24 15.92
N ALA H 134 -20.40 0.21 16.63
CA ALA H 134 -20.62 0.11 18.07
C ALA H 134 -19.99 1.27 18.84
N ARG H 135 -18.70 1.52 18.59
CA ARG H 135 -18.00 2.60 19.27
C ARG H 135 -18.69 3.94 19.04
N ALA H 136 -19.37 4.07 17.91
CA ALA H 136 -20.07 5.31 17.63
C ALA H 136 -21.35 5.38 18.46
N LEU H 137 -22.08 4.27 18.50
CA LEU H 137 -23.34 4.21 19.24
C LEU H 137 -23.15 4.30 20.74
N VAL H 138 -22.20 3.55 21.29
CA VAL H 138 -21.95 3.59 22.71
C VAL H 138 -21.51 4.98 23.17
N GLU H 139 -20.52 5.55 22.49
CA GLU H 139 -19.99 6.86 22.85
C GLU H 139 -20.92 8.02 22.52
N ASN H 140 -22.04 7.74 21.85
CA ASN H 140 -22.96 8.81 21.49
C ASN H 140 -24.46 8.52 21.63
N THR H 141 -24.84 7.50 22.38
CA THR H 141 -26.26 7.20 22.53
C THR H 141 -26.58 6.39 23.77
N GLU H 142 -27.81 6.53 24.26
CA GLU H 142 -28.26 5.80 25.43
C GLU H 142 -28.78 4.42 25.05
N LEU H 143 -28.42 3.97 23.85
CA LEU H 143 -28.85 2.66 23.36
C LEU H 143 -28.37 1.56 24.30
N SER H 144 -29.11 0.45 24.31
CA SER H 144 -28.78 -0.69 25.16
C SER H 144 -27.75 -1.61 24.50
N ALA H 145 -27.03 -2.36 25.31
CA ALA H 145 -26.02 -3.27 24.80
C ALA H 145 -26.60 -4.18 23.72
N HIS H 146 -27.87 -4.54 23.88
CA HIS H 146 -28.51 -5.40 22.90
C HIS H 146 -28.73 -4.68 21.57
N GLU H 147 -29.45 -3.56 21.62
CA GLU H 147 -29.73 -2.75 20.42
C GLU H 147 -28.48 -2.45 19.60
N ILE H 148 -27.45 -1.97 20.29
CA ILE H 148 -26.17 -1.64 19.67
C ILE H 148 -25.60 -2.83 18.90
N VAL H 149 -25.61 -4.00 19.53
CA VAL H 149 -25.09 -5.21 18.90
C VAL H 149 -25.90 -5.58 17.66
N GLU H 150 -27.22 -5.43 17.75
CA GLU H 150 -28.08 -5.76 16.62
C GLU H 150 -27.88 -4.76 15.49
N LYS H 151 -27.63 -3.51 15.86
CA LYS H 151 -27.44 -2.46 14.87
C LYS H 151 -26.09 -2.57 14.15
N SER H 152 -25.04 -2.84 14.90
CA SER H 152 -23.72 -2.98 14.30
C SER H 152 -23.75 -4.10 13.27
N LEU H 153 -24.07 -5.31 13.70
CA LEU H 153 -24.14 -6.48 12.83
C LEU H 153 -24.82 -6.14 11.51
N ARG H 154 -25.85 -5.29 11.57
CA ARG H 154 -26.58 -4.90 10.37
C ARG H 154 -25.66 -4.11 9.44
N ILE H 155 -24.98 -3.13 10.01
CA ILE H 155 -24.07 -2.28 9.27
C ILE H 155 -22.89 -3.06 8.70
N ALA H 156 -22.41 -4.03 9.45
CA ALA H 156 -21.29 -4.86 9.02
C ALA H 156 -21.69 -5.87 7.95
N GLY H 157 -22.93 -6.34 8.00
CA GLY H 157 -23.40 -7.31 7.02
C GLY H 157 -23.61 -6.68 5.65
N ASP H 158 -23.86 -5.37 5.66
CA ASP H 158 -24.09 -4.63 4.43
C ASP H 158 -22.80 -4.14 3.79
N ILE H 159 -21.66 -4.42 4.40
CA ILE H 159 -20.40 -4.00 3.82
C ILE H 159 -19.56 -5.23 3.50
N CYS H 160 -19.69 -6.25 4.34
CA CYS H 160 -18.94 -7.48 4.14
C CYS H 160 -19.74 -8.41 3.26
N VAL H 161 -19.11 -8.93 2.21
CA VAL H 161 -19.78 -9.83 1.30
C VAL H 161 -19.91 -11.21 1.92
N PHE H 162 -19.24 -11.41 3.06
CA PHE H 162 -19.28 -12.71 3.73
C PHE H 162 -20.13 -12.70 5.00
N THR H 163 -20.81 -11.58 5.25
CA THR H 163 -21.65 -11.45 6.43
C THR H 163 -23.07 -11.12 5.99
N ASN H 164 -24.05 -11.87 6.49
CA ASN H 164 -25.44 -11.61 6.11
C ASN H 164 -26.28 -10.96 7.22
N THR H 165 -27.59 -11.00 7.07
CA THR H 165 -28.51 -10.37 8.03
C THR H 165 -29.16 -11.29 9.07
N ASN H 166 -29.00 -12.60 8.91
CA ASN H 166 -29.59 -13.54 9.85
C ASN H 166 -28.74 -13.58 11.12
N PHE H 167 -29.16 -12.78 12.10
CA PHE H 167 -28.45 -12.66 13.37
C PHE H 167 -28.89 -13.65 14.46
N THR H 168 -27.97 -13.85 15.41
CA THR H 168 -28.19 -14.71 16.57
C THR H 168 -27.55 -13.93 17.71
N ILE H 169 -28.39 -13.37 18.58
CA ILE H 169 -27.90 -12.58 19.70
C ILE H 169 -28.23 -13.14 21.08
N GLU H 170 -27.21 -13.22 21.94
CA GLU H 170 -27.35 -13.73 23.30
C GLU H 170 -26.97 -12.71 24.36
N GLU H 171 -27.70 -12.73 25.47
CA GLU H 171 -27.45 -11.84 26.61
C GLU H 171 -27.11 -12.73 27.80
N LEU H 172 -26.91 -12.14 28.97
CA LEU H 172 -26.61 -12.94 30.15
C LEU H 172 -27.67 -12.84 31.24
N PRO H 173 -27.86 -11.65 31.83
CA PRO H 173 -28.90 -11.57 32.86
C PRO H 173 -30.26 -12.00 32.33
N ASN H 174 -30.70 -11.42 31.31
N THR I 1 -17.92 -33.30 -11.28
CA THR I 1 -18.58 -34.11 -10.22
C THR I 1 -19.67 -33.33 -9.52
N THR I 2 -20.88 -33.88 -9.50
CA THR I 2 -22.00 -33.22 -8.84
C THR I 2 -22.90 -34.20 -8.09
N ILE I 3 -23.07 -33.95 -6.80
CA ILE I 3 -23.93 -34.75 -5.94
C ILE I 3 -25.04 -33.86 -5.40
N VAL I 4 -26.30 -34.19 -5.70
CA VAL I 4 -27.42 -33.40 -5.21
C VAL I 4 -28.47 -34.22 -4.45
N SER I 5 -29.03 -33.64 -3.40
CA SER I 5 -30.04 -34.30 -2.59
C SER I 5 -31.31 -33.47 -2.42
N VAL I 6 -32.46 -34.12 -2.55
CA VAL I 6 -33.75 -33.44 -2.40
C VAL I 6 -34.78 -34.28 -1.65
N ARG I 7 -35.33 -33.71 -0.60
CA ARG I 7 -36.34 -34.36 0.22
C ARG I 7 -37.71 -33.75 -0.07
N ARG I 8 -38.64 -34.55 -0.57
CA ARG I 8 -39.97 -34.03 -0.88
C ARG I 8 -41.07 -35.09 -0.92
N ASN I 9 -42.16 -34.82 -0.20
CA ASN I 9 -43.31 -35.71 -0.11
C ASN I 9 -42.97 -37.01 0.62
N GLY I 10 -42.31 -36.87 1.77
CA GLY I 10 -41.95 -38.03 2.56
C GLY I 10 -40.79 -38.84 2.01
N GLN I 11 -40.26 -38.42 0.87
CA GLN I 11 -39.14 -39.14 0.27
C GLN I 11 -37.84 -38.38 0.45
N VAL I 12 -36.73 -39.07 0.17
CA VAL I 12 -35.39 -38.49 0.28
C VAL I 12 -34.53 -39.12 -0.80
N VAL I 13 -34.23 -38.34 -1.83
CA VAL I 13 -33.44 -38.82 -2.96
C VAL I 13 -32.04 -38.22 -3.01
N VAL I 14 -31.07 -39.04 -3.38
CA VAL I 14 -29.70 -38.57 -3.50
C VAL I 14 -29.07 -39.20 -4.75
N GLY I 15 -28.51 -38.36 -5.61
CA GLY I 15 -27.89 -38.85 -6.82
C GLY I 15 -26.68 -38.06 -7.27
N GLY I 16 -25.85 -38.69 -8.11
CA GLY I 16 -24.66 -38.04 -8.62
C GLY I 16 -24.35 -38.48 -10.03
N ASP I 17 -23.33 -37.89 -10.65
CA ASP I 17 -22.93 -38.23 -12.00
C ASP I 17 -21.87 -39.34 -11.93
N GLY I 18 -21.33 -39.74 -13.06
CA GLY I 18 -20.34 -40.79 -13.04
C GLY I 18 -18.98 -40.46 -13.63
N GLN I 19 -18.64 -39.19 -13.81
CA GLN I 19 -17.36 -38.88 -14.41
C GLN I 19 -16.21 -38.81 -13.42
N VAL I 20 -15.15 -39.55 -13.72
CA VAL I 20 -13.95 -39.56 -12.90
C VAL I 20 -12.87 -38.89 -13.74
N SER I 21 -12.41 -37.73 -13.30
CA SER I 21 -11.40 -36.99 -14.05
C SER I 21 -9.98 -37.05 -13.50
N LEU I 22 -9.05 -36.58 -14.31
CA LEU I 22 -7.63 -36.53 -13.96
C LEU I 22 -7.04 -35.41 -14.83
N GLY I 23 -6.90 -34.24 -14.23
CA GLY I 23 -6.41 -33.11 -15.00
C GLY I 23 -7.58 -32.67 -15.85
N ASN I 24 -7.46 -32.82 -17.16
CA ASN I 24 -8.54 -32.43 -18.06
C ASN I 24 -8.94 -33.57 -19.00
N THR I 25 -8.76 -34.80 -18.52
CA THR I 25 -9.12 -36.00 -19.29
C THR I 25 -10.00 -36.91 -18.44
N VAL I 26 -10.78 -37.77 -19.09
CA VAL I 26 -11.65 -38.70 -18.39
C VAL I 26 -11.07 -40.11 -18.28
N MET I 27 -11.22 -40.72 -17.11
CA MET I 27 -10.72 -42.08 -16.86
C MET I 27 -11.88 -43.07 -16.89
N LYS I 28 -13.04 -42.61 -16.41
CA LYS I 28 -14.23 -43.43 -16.36
C LYS I 28 -15.47 -42.53 -16.38
N GLY I 29 -16.60 -43.07 -16.82
CA GLY I 29 -17.81 -42.28 -16.87
C GLY I 29 -19.00 -42.86 -16.11
N ASN I 30 -18.90 -44.10 -15.66
CA ASN I 30 -20.00 -44.75 -14.95
C ASN I 30 -19.78 -45.06 -13.47
N ALA I 31 -19.08 -44.18 -12.76
CA ALA I 31 -18.82 -44.40 -11.34
C ALA I 31 -20.08 -44.26 -10.48
N ARG I 32 -20.03 -44.79 -9.28
CA ARG I 32 -21.14 -44.73 -8.33
C ARG I 32 -20.70 -43.84 -7.16
N LYS I 33 -21.23 -42.63 -7.12
CA LYS I 33 -20.84 -41.68 -6.08
C LYS I 33 -21.84 -41.67 -4.92
N VAL I 34 -22.87 -42.50 -5.03
CA VAL I 34 -23.89 -42.60 -4.00
C VAL I 34 -24.07 -44.09 -3.63
N ARG I 35 -23.98 -44.39 -2.33
CA ARG I 35 -24.12 -45.76 -1.86
C ARG I 35 -25.28 -45.88 -0.88
N ARG I 36 -25.13 -46.81 0.07
CA ARG I 36 -26.12 -47.07 1.11
C ARG I 36 -25.38 -47.47 2.38
N LEU I 37 -25.83 -46.96 3.52
CA LEU I 37 -25.18 -47.27 4.78
C LEU I 37 -26.16 -47.71 5.87
N TYR I 38 -25.61 -47.91 7.07
CA TYR I 38 -26.37 -48.34 8.24
C TYR I 38 -27.46 -49.33 7.84
N ASN I 39 -27.08 -50.29 7.01
CA ASN I 39 -27.99 -51.32 6.53
C ASN I 39 -29.18 -50.68 5.82
N GLY I 40 -28.99 -50.28 4.57
CA GLY I 40 -30.05 -49.67 3.79
C GLY I 40 -30.93 -48.68 4.55
N LYS I 41 -30.35 -48.02 5.55
CA LYS I 41 -31.09 -47.06 6.36
C LYS I 41 -30.65 -45.63 6.04
N VAL I 42 -29.39 -45.47 5.62
CA VAL I 42 -28.85 -44.15 5.30
C VAL I 42 -28.14 -44.10 3.95
N LEU I 43 -28.47 -43.08 3.17
CA LEU I 43 -27.86 -42.89 1.85
C LEU I 43 -26.66 -41.97 1.98
N ALA I 44 -25.67 -42.17 1.11
CA ALA I 44 -24.49 -41.32 1.16
C ALA I 44 -23.82 -41.08 -0.19
N GLY I 45 -23.58 -39.80 -0.46
CA GLY I 45 -22.92 -39.40 -1.70
C GLY I 45 -21.58 -38.79 -1.35
N PHE I 46 -20.58 -38.99 -2.20
CA PHE I 46 -19.26 -38.43 -1.95
C PHE I 46 -18.69 -37.73 -3.16
N ALA I 47 -17.73 -36.84 -2.90
CA ALA I 47 -17.05 -36.09 -3.96
C ALA I 47 -15.56 -36.24 -3.69
N GLY I 48 -14.95 -37.24 -4.31
CA GLY I 48 -13.53 -37.48 -4.12
C GLY I 48 -13.15 -38.92 -4.42
N GLY I 49 -12.01 -39.36 -3.91
CA GLY I 49 -11.58 -40.72 -4.14
C GLY I 49 -12.46 -41.69 -3.36
N THR I 50 -13.03 -42.67 -4.05
CA THR I 50 -13.90 -43.65 -3.39
C THR I 50 -13.19 -44.29 -2.20
N ALA I 51 -11.86 -44.28 -2.23
CA ALA I 51 -11.07 -44.86 -1.15
C ALA I 51 -11.25 -43.98 0.08
N ASP I 52 -11.21 -42.67 -0.11
CA ASP I 52 -11.40 -41.74 0.99
C ASP I 52 -12.84 -41.90 1.46
N ALA I 53 -13.71 -42.26 0.52
CA ALA I 53 -15.12 -42.49 0.81
C ALA I 53 -15.20 -43.72 1.72
N PHE I 54 -14.46 -44.75 1.35
CA PHE I 54 -14.42 -45.98 2.14
C PHE I 54 -14.13 -45.56 3.58
N THR I 55 -12.90 -45.09 3.82
CA THR I 55 -12.48 -44.65 5.13
C THR I 55 -13.57 -43.85 5.84
N LEU I 56 -13.99 -42.74 5.23
CA LEU I 56 -15.02 -41.88 5.79
C LEU I 56 -16.35 -42.59 6.09
N PHE I 57 -16.85 -43.39 5.16
CA PHE I 57 -18.11 -44.10 5.39
C PHE I 57 -18.03 -44.98 6.61
N GLU I 58 -17.09 -45.92 6.59
CA GLU I 58 -16.89 -46.84 7.69
C GLU I 58 -16.88 -46.07 9.03
N LEU I 59 -15.92 -45.17 9.18
CA LEU I 59 -15.81 -44.37 10.41
C LEU I 59 -17.12 -43.68 10.78
N PHE I 60 -17.98 -43.43 9.79
CA PHE I 60 -19.25 -42.79 10.07
C PHE I 60 -20.20 -43.81 10.66
N GLU I 61 -19.99 -45.08 10.29
CA GLU I 61 -20.80 -46.18 10.81
C GLU I 61 -20.55 -46.28 12.31
N ARG I 62 -19.28 -46.44 12.68
CA ARG I 62 -18.88 -46.55 14.08
C ARG I 62 -19.57 -45.47 14.92
N LYS I 63 -19.68 -44.26 14.37
CA LYS I 63 -20.32 -43.18 15.08
C LYS I 63 -21.81 -43.43 15.30
N LEU I 64 -22.53 -43.75 14.24
CA LEU I 64 -23.97 -44.02 14.34
C LEU I 64 -24.26 -45.10 15.37
N GLU I 65 -23.33 -46.03 15.55
CA GLU I 65 -23.49 -47.11 16.51
C GLU I 65 -23.65 -46.53 17.91
N MET I 66 -22.67 -45.74 18.33
CA MET I 66 -22.68 -45.13 19.64
C MET I 66 -23.61 -43.93 19.77
N HIS I 67 -24.59 -43.84 18.88
CA HIS I 67 -25.56 -42.73 18.91
C HIS I 67 -26.92 -43.15 18.36
N GLN I 68 -26.99 -44.39 17.88
CA GLN I 68 -28.21 -44.96 17.33
C GLN I 68 -28.95 -44.09 16.31
N GLY I 69 -28.67 -44.35 15.03
CA GLY I 69 -29.33 -43.62 13.95
C GLY I 69 -29.33 -42.09 13.97
N HIS I 70 -29.04 -41.48 15.12
CA HIS I 70 -29.03 -40.03 15.20
C HIS I 70 -27.98 -39.39 14.31
N LEU I 71 -28.36 -39.20 13.04
CA LEU I 71 -27.49 -38.63 12.01
C LEU I 71 -26.79 -37.35 12.46
N LEU I 72 -27.55 -36.29 12.65
CA LEU I 72 -27.00 -34.99 13.06
C LEU I 72 -25.90 -35.07 14.13
N LYS I 73 -26.10 -35.90 15.15
CA LYS I 73 -25.13 -36.03 16.23
C LYS I 73 -23.91 -36.77 15.70
N SER I 74 -24.15 -37.91 15.06
CA SER I 74 -23.06 -38.70 14.51
C SER I 74 -22.23 -37.82 13.59
N ALA I 75 -22.92 -37.13 12.68
CA ALA I 75 -22.29 -36.26 11.71
C ALA I 75 -21.29 -35.27 12.32
N VAL I 76 -21.72 -34.58 13.37
CA VAL I 76 -20.87 -33.59 14.02
C VAL I 76 -19.59 -34.21 14.58
N GLU I 77 -19.71 -35.40 15.15
CA GLU I 77 -18.56 -36.10 15.72
C GLU I 77 -17.59 -36.52 14.62
N LEU I 78 -18.13 -37.12 13.57
CA LEU I 78 -17.31 -37.57 12.45
C LEU I 78 -16.47 -36.41 11.94
N ALA I 79 -17.08 -35.23 11.86
CA ALA I 79 -16.40 -34.03 11.40
C ALA I 79 -15.32 -33.59 12.38
N LYS I 80 -15.54 -33.86 13.66
CA LYS I 80 -14.56 -33.49 14.66
C LYS I 80 -13.30 -34.33 14.43
N ASP I 81 -13.50 -35.59 14.03
CA ASP I 81 -12.39 -36.50 13.78
C ASP I 81 -11.68 -36.20 12.46
N TRP I 82 -12.48 -36.01 11.40
CA TRP I 82 -11.94 -35.70 10.08
C TRP I 82 -10.95 -34.57 10.26
N ARG I 83 -11.22 -33.72 11.25
CA ARG I 83 -10.37 -32.58 11.55
C ARG I 83 -9.41 -32.86 12.70
N THR I 84 -9.81 -33.74 13.62
CA THR I 84 -8.99 -34.10 14.77
C THR I 84 -7.85 -35.02 14.36
N ASP I 85 -8.20 -36.26 14.02
CA ASP I 85 -7.21 -37.26 13.62
C ASP I 85 -6.37 -36.78 12.44
N ARG I 86 -5.08 -37.09 12.47
CA ARG I 86 -4.17 -36.69 11.39
C ARG I 86 -4.39 -37.54 10.15
N ALA I 87 -4.47 -38.85 10.35
CA ALA I 87 -4.67 -39.78 9.23
C ALA I 87 -5.87 -39.34 8.41
N LEU I 88 -6.96 -38.99 9.10
CA LEU I 88 -8.18 -38.53 8.45
C LEU I 88 -8.01 -37.20 7.73
N ARG I 89 -7.21 -36.30 8.30
CA ARG I 89 -6.99 -34.99 7.70
C ARG I 89 -6.30 -35.03 6.33
N LYS I 90 -5.57 -36.11 6.06
CA LYS I 90 -4.87 -36.24 4.78
C LYS I 90 -5.84 -36.49 3.63
N LEU I 91 -7.10 -36.79 3.97
CA LEU I 91 -8.12 -37.04 2.96
C LEU I 91 -8.91 -35.78 2.66
N GLU I 92 -9.17 -35.53 1.38
CA GLU I 92 -9.93 -34.37 0.96
C GLU I 92 -11.22 -34.81 0.29
N ALA I 93 -12.33 -34.19 0.70
CA ALA I 93 -13.63 -34.51 0.14
C ALA I 93 -14.75 -33.78 0.87
N MET I 94 -15.98 -34.14 0.51
CA MET I 94 -17.20 -33.61 1.10
C MET I 94 -18.20 -34.74 0.98
N LEU I 95 -19.11 -34.83 1.96
CA LEU I 95 -20.09 -35.90 1.97
C LEU I 95 -21.52 -35.43 2.20
N ILE I 96 -22.46 -36.19 1.64
CA ILE I 96 -23.87 -35.93 1.84
C ILE I 96 -24.45 -37.24 2.39
N VAL I 97 -25.04 -37.15 3.58
CA VAL I 97 -25.64 -38.30 4.23
C VAL I 97 -27.13 -38.01 4.37
N ALA I 98 -27.97 -39.04 4.28
CA ALA I 98 -29.40 -38.79 4.40
C ALA I 98 -30.24 -39.98 4.82
N ASP I 99 -30.83 -39.89 6.01
CA ASP I 99 -31.68 -40.95 6.53
C ASP I 99 -33.14 -40.54 6.34
N GLU I 100 -34.05 -41.38 6.83
CA GLU I 100 -35.49 -41.14 6.69
C GLU I 100 -36.04 -39.88 7.37
N LYS I 101 -35.20 -39.10 8.03
CA LYS I 101 -35.71 -37.90 8.69
C LYS I 101 -34.95 -36.60 8.45
N GLU I 102 -33.65 -36.69 8.15
CA GLU I 102 -32.84 -35.50 7.91
C GLU I 102 -31.63 -35.74 7.02
N SER I 103 -31.25 -34.72 6.25
CA SER I 103 -30.11 -34.80 5.34
C SER I 103 -29.03 -33.78 5.70
N LEU I 104 -27.78 -34.21 5.75
CA LEU I 104 -26.69 -33.30 6.08
C LEU I 104 -25.50 -33.37 5.14
N ILE I 105 -24.66 -32.35 5.21
CA ILE I 105 -23.45 -32.29 4.42
C ILE I 105 -22.29 -32.19 5.40
N ILE I 106 -21.41 -33.18 5.39
CA ILE I 106 -20.26 -33.22 6.28
C ILE I 106 -18.99 -32.88 5.52
N THR I 107 -18.08 -32.14 6.13
CA THR I 107 -16.83 -31.79 5.44
C THR I 107 -15.64 -31.79 6.38
N GLY I 108 -14.49 -32.18 5.86
CA GLY I 108 -13.29 -32.19 6.69
C GLY I 108 -12.66 -30.83 6.63
N ILE I 109 -13.35 -29.92 5.96
CA ILE I 109 -12.87 -28.56 5.76
C ILE I 109 -13.30 -27.62 6.89
N GLY I 110 -14.27 -28.05 7.71
CA GLY I 110 -14.71 -27.18 8.78
C GLY I 110 -15.81 -27.68 9.68
N ASP I 111 -16.89 -28.24 9.10
CA ASP I 111 -17.99 -28.75 9.91
C ASP I 111 -19.11 -29.45 9.13
N VAL I 112 -20.35 -29.22 9.56
CA VAL I 112 -21.51 -29.84 8.93
C VAL I 112 -22.57 -28.79 8.57
N VAL I 113 -23.36 -29.08 7.55
CA VAL I 113 -24.37 -28.14 7.09
C VAL I 113 -25.79 -28.70 7.03
N GLN I 114 -26.71 -28.03 7.70
CA GLN I 114 -28.11 -28.44 7.70
C GLN I 114 -28.84 -27.63 6.65
N PRO I 115 -29.66 -28.30 5.83
CA PRO I 115 -30.45 -27.68 4.75
C PRO I 115 -31.28 -26.49 5.21
N GLU I 116 -32.16 -26.03 4.31
CA GLU I 116 -33.04 -24.90 4.57
C GLU I 116 -34.47 -25.41 4.40
N GLU I 117 -35.45 -24.52 4.48
CA GLU I 117 -36.84 -24.90 4.32
C GLU I 117 -37.10 -25.70 3.04
N ASP I 118 -36.20 -25.58 2.07
CA ASP I 118 -36.33 -26.28 0.80
C ASP I 118 -35.98 -27.75 0.90
N GLN I 119 -35.07 -28.09 1.81
CA GLN I 119 -34.62 -29.47 2.00
C GLN I 119 -33.86 -29.93 0.77
N ILE I 120 -32.81 -29.19 0.41
CA ILE I 120 -31.99 -29.54 -0.75
C ILE I 120 -30.52 -29.37 -0.43
N LEU I 121 -29.70 -30.31 -0.89
CA LEU I 121 -28.25 -30.26 -0.64
C LEU I 121 -27.43 -30.72 -1.83
N ALA I 122 -26.30 -30.07 -2.06
CA ALA I 122 -25.45 -30.44 -3.17
C ALA I 122 -23.97 -30.14 -2.94
N ILE I 123 -23.11 -30.96 -3.54
CA ILE I 123 -21.67 -30.77 -3.44
C ILE I 123 -21.00 -31.15 -4.76
N GLY I 124 -19.70 -30.92 -4.88
CA GLY I 124 -19.01 -31.22 -6.12
C GLY I 124 -18.76 -29.98 -6.98
N SER I 125 -17.86 -30.07 -7.95
CA SER I 125 -17.56 -28.92 -8.81
C SER I 125 -18.82 -28.32 -9.41
N GLY I 126 -19.79 -29.16 -9.75
CA GLY I 126 -21.04 -28.66 -10.33
C GLY I 126 -22.14 -28.53 -9.30
N GLY I 127 -21.82 -28.75 -8.04
CA GLY I 127 -22.81 -28.67 -7.00
C GLY I 127 -23.81 -27.53 -7.11
N ASN I 128 -23.29 -26.31 -7.19
CA ASN I 128 -24.15 -25.13 -7.28
C ASN I 128 -25.10 -25.07 -8.47
N TYR I 129 -24.72 -25.66 -9.60
CA TYR I 129 -25.61 -25.62 -10.75
C TYR I 129 -26.79 -26.54 -10.51
N ALA I 130 -26.57 -27.64 -9.79
CA ALA I 130 -27.67 -28.56 -9.49
C ALA I 130 -28.58 -27.90 -8.45
N LEU I 131 -27.97 -27.27 -7.46
CA LEU I 131 -28.71 -26.61 -6.40
C LEU I 131 -29.67 -25.54 -6.94
N SER I 132 -29.21 -24.75 -7.91
CA SER I 132 -30.03 -23.69 -8.50
C SER I 132 -31.20 -24.26 -9.26
N ALA I 133 -30.98 -25.38 -9.95
CA ALA I 133 -32.04 -26.03 -10.69
C ALA I 133 -33.09 -26.58 -9.73
N ALA I 134 -32.63 -27.32 -8.73
CA ALA I 134 -33.52 -27.91 -7.74
C ALA I 134 -34.41 -26.85 -7.09
N ARG I 135 -33.79 -25.82 -6.51
CA ARG I 135 -34.55 -24.75 -5.86
C ARG I 135 -35.60 -24.14 -6.78
N ALA I 136 -35.34 -24.21 -8.09
CA ALA I 136 -36.27 -23.66 -9.05
C ALA I 136 -37.42 -24.64 -9.26
N LEU I 137 -37.12 -25.93 -9.31
CA LEU I 137 -38.18 -26.91 -9.50
C LEU I 137 -39.08 -27.00 -8.25
N VAL I 138 -38.47 -27.20 -7.09
CA VAL I 138 -39.25 -27.30 -5.86
C VAL I 138 -40.19 -26.11 -5.67
N GLU I 139 -39.61 -24.92 -5.56
CA GLU I 139 -40.36 -23.70 -5.35
C GLU I 139 -41.36 -23.35 -6.44
N ASN I 140 -41.35 -24.08 -7.54
CA ASN I 140 -42.26 -23.75 -8.64
C ASN I 140 -43.00 -24.90 -9.31
N THR I 141 -42.66 -26.14 -8.99
CA THR I 141 -43.34 -27.28 -9.62
C THR I 141 -43.89 -28.27 -8.61
N GLU I 142 -44.46 -29.35 -9.12
CA GLU I 142 -45.01 -30.41 -8.28
C GLU I 142 -44.28 -31.71 -8.59
N LEU I 143 -43.15 -31.58 -9.26
CA LEU I 143 -42.33 -32.73 -9.61
C LEU I 143 -41.94 -33.50 -8.34
N SER I 144 -41.61 -34.77 -8.51
CA SER I 144 -41.23 -35.62 -7.40
C SER I 144 -39.78 -35.35 -7.01
N ALA I 145 -39.41 -35.71 -5.79
CA ALA I 145 -38.05 -35.51 -5.31
C ALA I 145 -37.09 -36.20 -6.26
N HIS I 146 -37.53 -37.33 -6.80
CA HIS I 146 -36.70 -38.10 -7.73
C HIS I 146 -36.55 -37.42 -9.07
N GLU I 147 -37.67 -37.01 -9.67
CA GLU I 147 -37.62 -36.34 -10.97
C GLU I 147 -36.73 -35.10 -10.91
N ILE I 148 -36.91 -34.29 -9.87
CA ILE I 148 -36.12 -33.07 -9.69
C ILE I 148 -34.63 -33.35 -9.75
N VAL I 149 -34.17 -34.30 -8.94
CA VAL I 149 -32.75 -34.65 -8.91
C VAL I 149 -32.29 -35.12 -10.29
N GLU I 150 -33.18 -35.80 -11.01
CA GLU I 150 -32.86 -36.30 -12.34
C GLU I 150 -32.59 -35.15 -13.29
N LYS I 151 -33.35 -34.07 -13.14
CA LYS I 151 -33.20 -32.91 -14.01
C LYS I 151 -32.05 -31.99 -13.58
N SER I 152 -31.86 -31.84 -12.27
CA SER I 152 -30.79 -30.99 -11.76
C SER I 152 -29.44 -31.52 -12.22
N LEU I 153 -29.18 -32.80 -11.95
CA LEU I 153 -27.93 -33.43 -12.35
C LEU I 153 -27.70 -33.26 -13.85
N ARG I 154 -28.78 -33.28 -14.62
CA ARG I 154 -28.67 -33.12 -16.07
C ARG I 154 -28.24 -31.70 -16.44
N ILE I 155 -28.88 -30.72 -15.80
CA ILE I 155 -28.58 -29.33 -16.05
C ILE I 155 -27.14 -28.98 -15.67
N ALA I 156 -26.69 -29.53 -14.55
CA ALA I 156 -25.33 -29.28 -14.08
C ALA I 156 -24.28 -30.03 -14.92
N GLY I 157 -24.67 -31.15 -15.49
CA GLY I 157 -23.73 -31.91 -16.29
C GLY I 157 -23.48 -31.23 -17.62
N ASP I 158 -24.35 -30.29 -17.96
CA ASP I 158 -24.21 -29.57 -19.20
C ASP I 158 -23.56 -28.20 -19.02
N ILE I 159 -23.06 -27.94 -17.82
CA ILE I 159 -22.37 -26.68 -17.57
C ILE I 159 -20.98 -26.99 -17.03
N CYS I 160 -20.87 -28.01 -16.20
CA CYS I 160 -19.59 -28.39 -15.63
C CYS I 160 -18.88 -29.34 -16.60
N VAL I 161 -17.60 -29.11 -16.83
CA VAL I 161 -16.86 -29.99 -17.73
C VAL I 161 -16.38 -31.24 -17.03
N PHE I 162 -16.71 -31.37 -15.75
CA PHE I 162 -16.30 -32.54 -14.97
C PHE I 162 -17.46 -33.43 -14.57
N THR I 163 -18.68 -32.99 -14.91
CA THR I 163 -19.90 -33.72 -14.61
C THR I 163 -20.53 -34.17 -15.93
N ASN I 164 -20.94 -35.42 -16.01
CA ASN I 164 -21.56 -35.94 -17.24
C ASN I 164 -23.04 -36.23 -17.03
N THR I 165 -23.59 -37.12 -17.85
CA THR I 165 -25.00 -37.48 -17.73
C THR I 165 -25.28 -38.88 -17.19
N ASN I 166 -24.23 -39.66 -16.99
CA ASN I 166 -24.39 -41.01 -16.45
C ASN I 166 -24.75 -40.90 -14.98
N PHE I 167 -26.04 -41.07 -14.67
CA PHE I 167 -26.52 -40.93 -13.29
C PHE I 167 -26.76 -42.20 -12.47
N THR I 168 -26.69 -42.02 -11.15
CA THR I 168 -26.91 -43.09 -10.17
C THR I 168 -27.77 -42.48 -9.08
N ILE I 169 -29.03 -42.91 -9.00
CA ILE I 169 -29.93 -42.34 -8.00
C ILE I 169 -30.52 -43.32 -6.99
N GLU I 170 -30.48 -42.93 -5.72
CA GLU I 170 -30.99 -43.74 -4.62
C GLU I 170 -32.07 -42.99 -3.84
N GLU I 171 -33.10 -43.73 -3.43
CA GLU I 171 -34.20 -43.15 -2.65
C GLU I 171 -34.29 -43.98 -1.37
N LEU I 172 -35.20 -43.62 -0.45
CA LEU I 172 -35.31 -44.38 0.79
C LEU I 172 -36.54 -45.27 0.96
N PRO I 173 -37.72 -44.67 1.15
CA PRO I 173 -38.93 -45.49 1.31
C PRO I 173 -39.16 -46.54 0.22
N ASN I 174 -40.16 -47.27 0.31
#